data_6XWX
#
_entry.id   6XWX
#
_cell.length_a   264.472
_cell.length_b   82.034
_cell.length_c   161.165
_cell.angle_alpha   90
_cell.angle_beta   124.85
_cell.angle_gamma   90
#
_symmetry.space_group_name_H-M   'C 1 2 1'
#
loop_
_entity.id
_entity.type
_entity.pdbx_description
1 polymer 'Uncharacterized protein,Uncharacterized protein'
2 polymer 'Chromosome segregation in meiosis protein'
#
loop_
_entity_poly.entity_id
_entity_poly.type
_entity_poly.pdbx_seq_one_letter_code
_entity_poly.pdbx_strand_id
1 'polypeptide(L)'
;MKHHHHHHSAGLEVLFQGPMEDGEVNDVVHPQVRAHINSLVSALGGISIDDDGGYKLGDDALEVLRDLKKWIRFYDEKTN
RMDVARCLAEANIVSTDLLHILALWTPNENSNKYKARIALACFELMVPLTWPIEKDRETMTINHHRHIPVLQLAQLGYKR
AIINYDAAPILSTAVRVALPAMAMPIGERTARDQGIIKLILYFLRNIAMITPPPGVKYEGDESQISRSALIDAFSYQDIF
LTLLTIASNMGEDFRTEDVIVMEIIFHLVKRVDPKGQQLGSFVSDFLDSGFNPLFSHIRKSLEREAPHVLHYHQSQFFYL
VAWFLEAERARRSSFNLIASVLTQEMFIALNRALDRAYGDKDWRLLTSAMRCFTQILLTVQEMFDSGNDEDQEIADNILS
RLFYEESTHDAVANIVRTYKDQGFEYLDACTELAHTFLRILEAYSKQNVDLQVRSGSADDEKMAEKTSQERKFDFKRFAA
RFTPQGVVDTFVTFTKYYRDLDDSQLKRAHRYFYRVAFKQEMSVMLFRLDIIHLFYNMIKGPEPLDKNSPMYKEWEELVR
QILKRCIRKLEERPALFTEILFSKINSTAYYLEYGFEKQ
;
A,C,E
2 'polypeptide(L)'
;MTDALGIDKELNLKKKQRAPKVKLDDQRLLSEKGIPKLRKMAPRLKFKGKGHEFSDTARLLSFYQEWLDDLFPKATFLDA
LAMVEKAGHKTTVRNARLKWIDELRPKASFE
;
B,D,F
#
# COMPACT_ATOMS: atom_id res chain seq x y z
N HIS A 6 35.29 -35.41 6.46
CA HIS A 6 35.13 -33.96 6.44
C HIS A 6 36.05 -33.28 7.45
N HIS A 7 36.79 -32.24 7.00
CA HIS A 7 37.72 -31.47 7.84
C HIS A 7 37.21 -30.05 8.09
N HIS A 8 36.73 -29.37 7.04
CA HIS A 8 36.20 -28.01 7.08
C HIS A 8 34.68 -27.98 7.26
N SER A 9 34.13 -26.81 7.63
CA SER A 9 32.69 -26.59 7.85
C SER A 9 31.90 -26.54 6.55
N ALA A 10 30.62 -26.95 6.61
CA ALA A 10 29.69 -26.93 5.47
C ALA A 10 28.97 -25.57 5.45
N GLY A 11 29.04 -24.89 4.31
CA GLY A 11 28.45 -23.57 4.08
C GLY A 11 26.94 -23.48 4.20
N LEU A 12 26.24 -24.62 4.01
CA LEU A 12 24.79 -24.74 4.08
C LEU A 12 24.24 -24.75 5.53
N GLU A 13 25.13 -24.74 6.55
CA GLU A 13 24.77 -24.75 7.99
C GLU A 13 23.96 -23.52 8.41
N VAL A 14 24.15 -22.38 7.72
CA VAL A 14 23.45 -21.12 7.96
C VAL A 14 21.97 -21.23 7.57
N LEU A 15 21.07 -20.68 8.41
CA LEU A 15 19.62 -20.71 8.21
C LEU A 15 19.05 -19.46 7.53
N PHE A 16 17.71 -19.42 7.33
CA PHE A 16 16.97 -18.30 6.70
C PHE A 16 16.52 -17.27 7.75
N GLN A 17 16.50 -15.97 7.35
CA GLN A 17 16.10 -14.85 8.20
C GLN A 17 14.58 -14.74 8.37
N ASP A 22 11.02 -8.66 10.63
CA ASP A 22 11.72 -8.35 9.38
C ASP A 22 10.74 -7.92 8.29
N GLY A 23 10.94 -6.72 7.77
CA GLY A 23 10.10 -6.12 6.74
C GLY A 23 10.28 -6.68 5.34
N GLU A 24 11.53 -7.00 4.95
CA GLU A 24 11.90 -7.51 3.62
C GLU A 24 11.23 -8.85 3.23
N VAL A 25 10.88 -9.69 4.21
CA VAL A 25 10.21 -10.98 3.97
C VAL A 25 8.72 -10.88 4.29
N ASN A 26 7.87 -11.35 3.36
CA ASN A 26 6.41 -11.33 3.49
C ASN A 26 5.88 -12.31 4.53
N ASP A 27 4.67 -12.04 5.04
CA ASP A 27 3.98 -12.89 6.00
C ASP A 27 2.66 -13.43 5.44
N VAL A 28 2.04 -14.39 6.13
CA VAL A 28 0.78 -15.02 5.72
C VAL A 28 -0.43 -14.08 5.88
N VAL A 29 -0.34 -13.12 6.82
CA VAL A 29 -1.38 -12.11 7.06
C VAL A 29 -1.23 -10.97 6.05
N HIS A 30 -2.22 -10.06 5.96
CA HIS A 30 -2.14 -8.90 5.06
C HIS A 30 -1.03 -7.97 5.59
N PRO A 31 0.02 -7.67 4.77
CA PRO A 31 1.12 -6.83 5.28
C PRO A 31 0.72 -5.50 5.93
N GLN A 32 -0.37 -4.89 5.43
CA GLN A 32 -0.86 -3.63 5.99
C GLN A 32 -1.61 -3.85 7.32
N VAL A 33 -2.27 -5.03 7.51
CA VAL A 33 -2.95 -5.41 8.76
C VAL A 33 -1.92 -5.50 9.89
N ARG A 34 -0.81 -6.23 9.66
CA ARG A 34 0.29 -6.40 10.61
C ARG A 34 0.85 -5.06 11.07
N ALA A 35 0.99 -4.08 10.14
CA ALA A 35 1.47 -2.73 10.46
C ALA A 35 0.45 -1.96 11.31
N HIS A 36 -0.84 -2.01 10.92
CA HIS A 36 -1.97 -1.35 11.60
C HIS A 36 -2.17 -1.87 13.01
N ILE A 37 -2.20 -3.21 13.18
CA ILE A 37 -2.36 -3.88 14.48
C ILE A 37 -1.16 -3.55 15.38
N ASN A 38 0.06 -3.53 14.82
CA ASN A 38 1.26 -3.20 15.59
C ASN A 38 1.32 -1.73 15.99
N SER A 39 0.64 -0.84 15.22
CA SER A 39 0.54 0.59 15.55
C SER A 39 -0.34 0.77 16.79
N LEU A 40 -1.35 -0.09 16.94
CA LEU A 40 -2.30 -0.09 18.04
C LEU A 40 -1.74 -0.74 19.32
N VAL A 41 -1.04 -1.89 19.19
CA VAL A 41 -0.47 -2.64 20.33
C VAL A 41 0.65 -1.85 21.06
N SER A 42 1.33 -0.93 20.34
CA SER A 42 2.39 -0.08 20.88
C SER A 42 1.79 1.15 21.56
N ALA A 43 0.74 1.75 20.94
CA ALA A 43 0.05 2.94 21.43
C ALA A 43 -0.78 2.72 22.70
N LEU A 44 -1.19 1.47 23.00
CA LEU A 44 -1.99 1.19 24.20
C LEU A 44 -1.17 1.28 25.50
N GLY A 45 0.16 1.16 25.42
CA GLY A 45 1.03 1.31 26.58
C GLY A 45 2.37 0.60 26.50
N GLY A 46 3.03 0.50 27.65
CA GLY A 46 4.33 -0.14 27.78
C GLY A 46 4.90 -0.08 29.17
N ILE A 47 5.85 -0.98 29.49
CA ILE A 47 6.52 -1.05 30.79
C ILE A 47 7.48 0.13 30.97
N SER A 48 7.42 0.78 32.15
CA SER A 48 8.25 1.93 32.53
C SER A 48 9.74 1.58 32.55
N ILE A 49 10.57 2.40 31.87
CA ILE A 49 12.03 2.26 31.78
C ILE A 49 12.71 2.42 33.15
N ASP A 50 12.09 3.23 34.04
CA ASP A 50 12.52 3.50 35.40
C ASP A 50 12.31 2.26 36.28
N ASP A 51 13.26 1.96 37.19
CA ASP A 51 13.21 0.82 38.10
C ASP A 51 12.04 0.98 39.07
N ASP A 52 11.19 -0.07 39.19
CA ASP A 52 9.96 -0.14 40.00
C ASP A 52 8.90 0.90 39.55
N GLY A 53 9.00 1.33 38.28
CA GLY A 53 8.09 2.28 37.65
C GLY A 53 6.73 1.68 37.35
N GLY A 54 6.72 0.43 36.91
CA GLY A 54 5.52 -0.33 36.59
C GLY A 54 5.12 -0.28 35.14
N TYR A 55 3.81 -0.15 34.87
CA TYR A 55 3.25 -0.09 33.52
C TYR A 55 2.65 1.27 33.19
N LYS A 56 3.24 1.94 32.18
CA LYS A 56 2.78 3.25 31.70
C LYS A 56 1.62 3.00 30.73
N LEU A 57 0.40 3.40 31.12
CA LEU A 57 -0.78 3.26 30.26
C LEU A 57 -0.71 4.31 29.15
N GLY A 58 -1.11 3.92 27.92
CA GLY A 58 -1.12 4.79 26.76
C GLY A 58 -2.09 5.95 26.92
N ASP A 59 -1.83 7.07 26.22
CA ASP A 59 -2.67 8.26 26.30
C ASP A 59 -4.08 8.02 25.73
N ASP A 60 -4.17 7.49 24.49
CA ASP A 60 -5.45 7.18 23.86
C ASP A 60 -5.73 5.67 23.92
N ALA A 61 -5.32 5.02 25.03
CA ALA A 61 -5.47 3.58 25.30
C ALA A 61 -6.91 3.07 25.18
N LEU A 62 -7.89 3.87 25.64
CA LEU A 62 -9.31 3.52 25.58
C LEU A 62 -9.80 3.43 24.14
N GLU A 63 -9.42 4.41 23.30
CA GLU A 63 -9.85 4.45 21.90
C GLU A 63 -9.15 3.44 21.03
N VAL A 64 -7.84 3.16 21.29
CA VAL A 64 -7.10 2.16 20.51
C VAL A 64 -7.66 0.75 20.79
N LEU A 65 -8.09 0.49 22.05
CA LEU A 65 -8.70 -0.77 22.48
C LEU A 65 -10.03 -0.95 21.75
N ARG A 66 -10.80 0.15 21.60
CA ARG A 66 -12.08 0.17 20.89
C ARG A 66 -11.83 -0.04 19.39
N ASP A 67 -10.70 0.49 18.87
CA ASP A 67 -10.31 0.32 17.47
C ASP A 67 -9.90 -1.12 17.18
N LEU A 68 -9.26 -1.80 18.15
CA LEU A 68 -8.86 -3.20 18.03
C LEU A 68 -10.08 -4.11 18.00
N LYS A 69 -11.14 -3.74 18.73
CA LYS A 69 -12.43 -4.45 18.78
C LYS A 69 -13.14 -4.30 17.43
N LYS A 70 -13.00 -3.12 16.79
CA LYS A 70 -13.58 -2.82 15.47
C LYS A 70 -12.90 -3.67 14.39
N TRP A 71 -11.56 -3.84 14.49
CA TRP A 71 -10.74 -4.63 13.57
C TRP A 71 -11.16 -6.12 13.57
N ILE A 72 -11.63 -6.61 14.73
CA ILE A 72 -12.08 -7.98 14.90
C ILE A 72 -13.48 -8.18 14.28
N ARG A 73 -14.45 -7.31 14.63
CA ARG A 73 -15.84 -7.38 14.16
C ARG A 73 -16.05 -7.03 12.68
N PHE A 74 -15.36 -6.00 12.18
CA PHE A 74 -15.56 -5.50 10.82
C PHE A 74 -14.55 -5.96 9.78
N TYR A 75 -13.37 -6.44 10.20
CA TYR A 75 -12.41 -6.95 9.23
C TYR A 75 -12.33 -8.46 9.26
N ASP A 76 -12.14 -9.06 10.44
CA ASP A 76 -12.03 -10.50 10.56
C ASP A 76 -13.36 -11.23 10.39
N GLU A 77 -14.39 -10.83 11.15
CA GLU A 77 -15.70 -11.47 11.14
C GLU A 77 -16.49 -11.23 9.85
N LYS A 78 -16.68 -9.94 9.47
CA LYS A 78 -17.44 -9.53 8.29
C LYS A 78 -16.91 -10.06 6.97
N THR A 79 -15.56 -10.10 6.81
CA THR A 79 -14.93 -10.54 5.57
C THR A 79 -14.48 -12.02 5.59
N ASN A 80 -14.75 -12.74 6.71
CA ASN A 80 -14.38 -14.16 6.93
C ASN A 80 -12.86 -14.37 6.83
N ARG A 81 -12.10 -13.57 7.59
CA ARG A 81 -10.63 -13.61 7.65
C ARG A 81 -10.16 -13.83 9.10
N MET A 82 -8.86 -14.15 9.27
CA MET A 82 -8.27 -14.40 10.59
C MET A 82 -6.89 -13.73 10.73
N ASP A 83 -6.68 -12.64 9.98
CA ASP A 83 -5.44 -11.89 9.97
C ASP A 83 -5.19 -11.09 11.26
N VAL A 84 -6.18 -10.28 11.72
CA VAL A 84 -6.01 -9.49 12.96
C VAL A 84 -5.86 -10.41 14.20
N ALA A 85 -6.49 -11.60 14.18
CA ALA A 85 -6.43 -12.61 15.23
C ALA A 85 -5.00 -13.14 15.39
N ARG A 86 -4.36 -13.47 14.26
CA ARG A 86 -2.99 -13.97 14.14
C ARG A 86 -1.97 -12.88 14.53
N CYS A 87 -2.28 -11.61 14.18
CA CYS A 87 -1.45 -10.43 14.46
C CYS A 87 -1.34 -10.19 15.96
N LEU A 88 -2.46 -10.32 16.69
CA LEU A 88 -2.54 -10.14 18.14
C LEU A 88 -1.95 -11.34 18.87
N ALA A 89 -1.93 -12.51 18.22
CA ALA A 89 -1.34 -13.74 18.76
C ALA A 89 0.19 -13.60 18.77
N GLU A 90 0.75 -13.05 17.69
CA GLU A 90 2.18 -12.80 17.54
C GLU A 90 2.63 -11.64 18.43
N ALA A 91 1.72 -10.68 18.68
CA ALA A 91 1.96 -9.54 19.57
C ALA A 91 1.84 -9.98 21.04
N ASN A 92 1.02 -11.04 21.28
CA ASN A 92 0.76 -11.67 22.57
C ASN A 92 0.27 -10.68 23.66
N ILE A 93 -0.58 -9.72 23.27
CA ILE A 93 -1.12 -8.67 24.14
C ILE A 93 -1.94 -9.25 25.30
N VAL A 94 -2.73 -10.31 25.05
CA VAL A 94 -3.57 -11.01 26.04
C VAL A 94 -2.69 -11.62 27.17
N SER A 95 -1.35 -11.62 26.97
CA SER A 95 -0.37 -12.13 27.93
C SER A 95 0.68 -11.09 28.37
N THR A 96 0.99 -10.08 27.51
CA THR A 96 2.02 -9.08 27.81
C THR A 96 1.49 -7.65 28.05
N ASP A 97 0.36 -7.27 27.43
CA ASP A 97 -0.16 -5.91 27.57
C ASP A 97 -1.46 -5.81 28.38
N LEU A 98 -2.51 -6.54 27.96
CA LEU A 98 -3.84 -6.54 28.60
C LEU A 98 -3.84 -6.96 30.06
N LEU A 99 -2.90 -7.84 30.47
CA LEU A 99 -2.80 -8.28 31.87
C LEU A 99 -2.28 -7.17 32.78
N HIS A 100 -1.35 -6.34 32.26
CA HIS A 100 -0.75 -5.21 32.98
C HIS A 100 -1.73 -4.04 33.13
N ILE A 101 -2.65 -3.88 32.17
CA ILE A 101 -3.69 -2.84 32.16
C ILE A 101 -4.75 -3.17 33.22
N LEU A 102 -5.14 -4.45 33.31
CA LEU A 102 -6.12 -4.95 34.29
C LEU A 102 -5.56 -4.91 35.72
N ALA A 103 -4.22 -4.94 35.84
CA ALA A 103 -3.50 -4.88 37.13
C ALA A 103 -3.60 -3.49 37.77
N LEU A 104 -3.73 -2.44 36.94
CA LEU A 104 -3.85 -1.03 37.37
C LEU A 104 -5.16 -0.76 38.10
N TRP A 105 -6.25 -1.44 37.68
CA TRP A 105 -7.59 -1.32 38.27
C TRP A 105 -7.68 -2.17 39.54
N THR A 106 -7.05 -1.68 40.64
CA THR A 106 -6.99 -2.32 41.95
C THR A 106 -8.37 -2.37 42.65
N PRO A 107 -8.61 -3.25 43.68
CA PRO A 107 -9.94 -3.29 44.33
C PRO A 107 -10.42 -1.96 44.93
N ASN A 108 -9.48 -1.13 45.43
CA ASN A 108 -9.78 0.19 45.98
C ASN A 108 -10.05 1.22 44.87
N GLU A 109 -9.54 0.97 43.66
CA GLU A 109 -9.70 1.83 42.49
C GLU A 109 -10.88 1.41 41.58
N ASN A 110 -11.86 0.66 42.11
CA ASN A 110 -13.04 0.24 41.35
C ASN A 110 -13.99 1.43 41.09
N SER A 111 -13.83 2.52 41.86
CA SER A 111 -14.61 3.76 41.73
C SER A 111 -14.21 4.57 40.48
N ASN A 112 -12.97 4.36 39.98
CA ASN A 112 -12.44 5.02 38.77
C ASN A 112 -13.26 4.61 37.55
N LYS A 113 -14.01 5.55 36.95
CA LYS A 113 -14.83 5.31 35.77
C LYS A 113 -13.97 4.98 34.54
N TYR A 114 -12.88 5.74 34.35
CA TYR A 114 -11.95 5.56 33.21
C TYR A 114 -11.24 4.21 33.32
N LYS A 115 -10.76 3.85 34.53
CA LYS A 115 -10.07 2.58 34.77
C LYS A 115 -11.00 1.37 34.69
N ALA A 116 -12.31 1.56 34.97
CA ALA A 116 -13.30 0.49 34.87
C ALA A 116 -13.71 0.27 33.41
N ARG A 117 -13.74 1.35 32.61
CA ARG A 117 -14.09 1.27 31.19
C ARG A 117 -12.97 0.63 30.35
N ILE A 118 -11.69 0.92 30.69
CA ILE A 118 -10.53 0.32 30.01
C ILE A 118 -10.44 -1.17 30.38
N ALA A 119 -10.89 -1.53 31.60
CA ALA A 119 -10.92 -2.90 32.10
C ALA A 119 -11.95 -3.72 31.34
N LEU A 120 -13.12 -3.13 31.03
CA LEU A 120 -14.20 -3.76 30.25
C LEU A 120 -13.73 -3.97 28.82
N ALA A 121 -13.08 -2.94 28.23
CA ALA A 121 -12.53 -2.96 26.87
C ALA A 121 -11.49 -4.07 26.68
N CYS A 122 -10.79 -4.45 27.78
CA CYS A 122 -9.81 -5.54 27.81
C CYS A 122 -10.52 -6.88 27.66
N PHE A 123 -11.65 -7.05 28.37
CA PHE A 123 -12.45 -8.27 28.30
C PHE A 123 -13.28 -8.34 27.01
N GLU A 124 -13.63 -7.17 26.44
CA GLU A 124 -14.34 -7.05 25.16
C GLU A 124 -13.42 -7.49 24.02
N LEU A 125 -12.11 -7.58 24.31
CA LEU A 125 -11.05 -8.00 23.41
C LEU A 125 -10.58 -9.42 23.72
N MET A 126 -10.49 -9.77 25.04
CA MET A 126 -10.05 -11.09 25.52
C MET A 126 -11.02 -12.22 25.22
N VAL A 127 -12.35 -11.95 25.31
CA VAL A 127 -13.40 -12.94 25.05
C VAL A 127 -13.34 -13.44 23.58
N PRO A 128 -13.35 -12.59 22.51
CA PRO A 128 -13.25 -13.15 21.14
C PRO A 128 -11.93 -13.85 20.84
N LEU A 129 -10.83 -13.42 21.50
CA LEU A 129 -9.49 -13.98 21.32
C LEU A 129 -9.30 -15.33 22.00
N THR A 130 -9.96 -15.57 23.14
CA THR A 130 -9.88 -16.83 23.88
C THR A 130 -11.08 -17.75 23.57
N TRP A 131 -11.94 -17.31 22.63
CA TRP A 131 -13.15 -18.03 22.20
C TRP A 131 -12.77 -19.36 21.52
N PRO A 132 -13.45 -20.49 21.85
CA PRO A 132 -13.12 -21.78 21.22
C PRO A 132 -13.39 -21.82 19.71
N ILE A 133 -12.51 -22.47 18.93
CA ILE A 133 -12.68 -22.54 17.47
C ILE A 133 -13.09 -23.96 17.02
N GLU A 134 -14.06 -24.03 16.09
CA GLU A 134 -14.56 -25.27 15.50
C GLU A 134 -14.19 -25.35 14.02
N LYS A 135 -13.25 -26.27 13.70
CA LYS A 135 -12.69 -26.51 12.37
C LYS A 135 -13.75 -26.80 11.30
N ASP A 136 -14.72 -27.68 11.62
CA ASP A 136 -15.77 -28.09 10.70
C ASP A 136 -16.94 -27.09 10.68
N ARG A 137 -16.84 -26.09 9.77
CA ARG A 137 -17.83 -25.04 9.52
C ARG A 137 -17.81 -24.68 8.03
N GLU A 138 -18.97 -24.30 7.48
CA GLU A 138 -19.13 -23.89 6.08
C GLU A 138 -18.45 -22.53 5.82
N THR A 139 -18.52 -21.62 6.81
CA THR A 139 -17.94 -20.27 6.78
C THR A 139 -16.41 -20.26 6.67
N MET A 140 -15.75 -21.34 7.15
CA MET A 140 -14.30 -21.51 7.15
C MET A 140 -13.73 -21.59 5.73
N THR A 141 -12.64 -20.82 5.47
CA THR A 141 -11.96 -20.76 4.17
C THR A 141 -10.53 -21.32 4.28
N ILE A 142 -9.70 -21.11 3.23
CA ILE A 142 -8.29 -21.53 3.17
C ILE A 142 -7.48 -20.66 4.17
N ASN A 143 -7.96 -19.41 4.39
CA ASN A 143 -7.39 -18.42 5.30
C ASN A 143 -7.52 -18.86 6.77
N HIS A 144 -8.73 -19.30 7.19
CA HIS A 144 -9.00 -19.76 8.55
C HIS A 144 -8.16 -20.98 8.92
N HIS A 145 -8.19 -22.03 8.07
CA HIS A 145 -7.46 -23.29 8.26
C HIS A 145 -5.95 -23.15 8.40
N ARG A 146 -5.37 -22.08 7.84
CA ARG A 146 -3.94 -21.80 7.92
C ARG A 146 -3.54 -21.28 9.33
N HIS A 147 -4.31 -20.33 9.86
CA HIS A 147 -4.10 -19.61 11.13
C HIS A 147 -4.55 -20.37 12.39
N ILE A 148 -5.63 -21.20 12.31
CA ILE A 148 -6.20 -21.99 13.42
C ILE A 148 -5.11 -22.77 14.21
N PRO A 149 -4.15 -23.53 13.60
CA PRO A 149 -3.15 -24.25 14.41
C PRO A 149 -2.30 -23.33 15.32
N VAL A 150 -1.99 -22.11 14.82
CA VAL A 150 -1.21 -21.11 15.55
C VAL A 150 -2.07 -20.50 16.67
N LEU A 151 -3.32 -20.12 16.35
CA LEU A 151 -4.27 -19.52 17.28
C LEU A 151 -4.64 -20.45 18.44
N GLN A 152 -4.80 -21.76 18.16
CA GLN A 152 -5.13 -22.77 19.16
C GLN A 152 -4.01 -22.87 20.20
N LEU A 153 -2.75 -22.79 19.74
CA LEU A 153 -1.56 -22.83 20.59
C LEU A 153 -1.42 -21.50 21.34
N ALA A 154 -1.82 -20.39 20.69
CA ALA A 154 -1.79 -19.04 21.26
C ALA A 154 -2.81 -18.91 22.38
N GLN A 155 -3.96 -19.61 22.26
CA GLN A 155 -5.03 -19.64 23.26
C GLN A 155 -4.58 -20.36 24.54
N LEU A 156 -3.70 -21.38 24.39
CA LEU A 156 -3.11 -22.13 25.50
C LEU A 156 -2.14 -21.22 26.25
N GLY A 157 -1.42 -20.39 25.50
CA GLY A 157 -0.47 -19.41 26.03
C GLY A 157 -1.17 -18.29 26.78
N TYR A 158 -2.42 -17.96 26.37
CA TYR A 158 -3.26 -16.94 26.99
C TYR A 158 -3.74 -17.46 28.34
N LYS A 159 -4.33 -18.68 28.36
CA LYS A 159 -4.84 -19.35 29.56
C LYS A 159 -3.76 -19.46 30.64
N ARG A 160 -2.54 -19.89 30.25
CA ARG A 160 -1.36 -20.07 31.11
C ARG A 160 -0.97 -18.75 31.80
N ALA A 161 -1.02 -17.64 31.07
CA ALA A 161 -0.67 -16.31 31.57
C ALA A 161 -1.75 -15.74 32.51
N ILE A 162 -3.04 -15.99 32.19
CA ILE A 162 -4.18 -15.52 32.98
C ILE A 162 -4.25 -16.25 34.33
N ILE A 163 -4.09 -17.59 34.32
CA ILE A 163 -4.12 -18.43 35.52
C ILE A 163 -2.92 -18.13 36.45
N ASN A 164 -1.71 -18.03 35.88
CA ASN A 164 -0.47 -17.82 36.65
C ASN A 164 0.05 -16.37 36.61
N TYR A 165 -0.84 -15.38 36.85
CA TYR A 165 -0.42 -13.98 36.86
C TYR A 165 -0.15 -13.51 38.29
N ASP A 166 1.14 -13.35 38.61
CA ASP A 166 1.72 -12.97 39.90
C ASP A 166 1.27 -11.61 40.46
N ALA A 167 1.22 -10.57 39.60
CA ALA A 167 0.88 -9.20 40.00
C ALA A 167 -0.57 -8.99 40.45
N ALA A 168 -1.58 -9.44 39.67
CA ALA A 168 -2.99 -9.21 39.99
C ALA A 168 -3.92 -10.39 39.66
N PRO A 169 -5.05 -10.56 40.40
CA PRO A 169 -5.98 -11.65 40.09
C PRO A 169 -6.97 -11.26 38.99
N ILE A 170 -6.67 -11.66 37.73
CA ILE A 170 -7.44 -11.35 36.51
C ILE A 170 -8.87 -11.90 36.57
N LEU A 171 -9.04 -13.15 37.02
CA LEU A 171 -10.36 -13.79 37.13
C LEU A 171 -11.24 -13.11 38.17
N SER A 172 -10.63 -12.61 39.27
CA SER A 172 -11.31 -11.87 40.33
C SER A 172 -11.68 -10.49 39.80
N THR A 173 -10.80 -9.91 38.95
CA THR A 173 -10.98 -8.61 38.29
C THR A 173 -12.13 -8.68 37.29
N ALA A 174 -12.30 -9.84 36.62
CA ALA A 174 -13.38 -10.10 35.66
C ALA A 174 -14.74 -10.04 36.35
N VAL A 175 -14.86 -10.69 37.53
CA VAL A 175 -16.06 -10.74 38.37
C VAL A 175 -16.50 -9.31 38.77
N ARG A 176 -15.53 -8.45 39.13
CA ARG A 176 -15.72 -7.05 39.54
C ARG A 176 -16.31 -6.17 38.44
N VAL A 177 -16.05 -6.50 37.15
CA VAL A 177 -16.57 -5.76 35.99
C VAL A 177 -18.10 -5.97 35.90
N ALA A 178 -18.55 -7.23 36.04
CA ALA A 178 -19.97 -7.60 35.99
C ALA A 178 -20.71 -7.32 37.30
N LEU A 179 -20.00 -7.40 38.45
CA LEU A 179 -20.52 -7.20 39.82
C LEU A 179 -21.52 -6.03 39.99
N PRO A 180 -21.29 -4.75 39.53
CA PRO A 180 -22.30 -3.70 39.74
C PRO A 180 -23.61 -3.92 38.96
N ALA A 181 -23.50 -4.49 37.74
CA ALA A 181 -24.65 -4.79 36.88
C ALA A 181 -25.33 -6.10 37.34
N MET A 182 -24.63 -6.87 38.19
CA MET A 182 -25.07 -8.14 38.76
C MET A 182 -25.89 -7.89 40.03
N ALA A 183 -25.65 -6.75 40.70
CA ALA A 183 -26.33 -6.34 41.94
C ALA A 183 -27.76 -5.86 41.68
N MET A 184 -27.96 -5.05 40.61
CA MET A 184 -29.26 -4.49 40.22
C MET A 184 -30.29 -5.57 39.80
N PRO A 185 -31.61 -5.37 40.04
CA PRO A 185 -32.60 -6.40 39.66
C PRO A 185 -32.69 -6.65 38.16
N ILE A 186 -33.11 -7.88 37.79
CA ILE A 186 -33.25 -8.36 36.41
C ILE A 186 -34.15 -7.43 35.55
N GLY A 187 -35.19 -6.87 36.16
CA GLY A 187 -36.10 -5.94 35.49
C GLY A 187 -35.45 -4.61 35.19
N GLU A 188 -34.63 -4.12 36.15
CA GLU A 188 -33.88 -2.85 36.06
C GLU A 188 -32.68 -2.92 35.11
N ARG A 189 -32.17 -4.13 34.82
CA ARG A 189 -31.03 -4.37 33.93
C ARG A 189 -31.36 -4.02 32.48
N THR A 190 -30.47 -3.23 31.83
CA THR A 190 -30.62 -2.84 30.42
C THR A 190 -29.97 -3.91 29.53
N ALA A 191 -30.05 -3.75 28.19
CA ALA A 191 -29.45 -4.66 27.22
C ALA A 191 -27.92 -4.64 27.30
N ARG A 192 -27.34 -3.46 27.64
CA ARG A 192 -25.91 -3.25 27.82
C ARG A 192 -25.45 -3.95 29.11
N ASP A 193 -26.17 -3.72 30.24
CA ASP A 193 -25.90 -4.30 31.56
C ASP A 193 -25.99 -5.83 31.60
N GLN A 194 -26.90 -6.41 30.80
CA GLN A 194 -27.08 -7.87 30.67
C GLN A 194 -25.98 -8.46 29.79
N GLY A 195 -25.43 -7.63 28.90
CA GLY A 195 -24.33 -7.99 28.00
C GLY A 195 -23.01 -8.14 28.73
N ILE A 196 -22.79 -7.31 29.79
CA ILE A 196 -21.57 -7.34 30.61
C ILE A 196 -21.53 -8.64 31.43
N ILE A 197 -22.70 -9.10 31.93
CA ILE A 197 -22.82 -10.34 32.69
C ILE A 197 -22.48 -11.50 31.76
N LYS A 198 -23.05 -11.49 30.54
CA LYS A 198 -22.82 -12.50 29.50
C LYS A 198 -21.34 -12.57 29.12
N LEU A 199 -20.72 -11.41 28.82
CA LEU A 199 -19.30 -11.28 28.44
C LEU A 199 -18.37 -11.87 29.50
N ILE A 200 -18.57 -11.50 30.78
CA ILE A 200 -17.76 -11.97 31.91
C ILE A 200 -17.97 -13.48 32.15
N LEU A 201 -19.23 -13.97 32.06
CA LEU A 201 -19.55 -15.40 32.21
C LEU A 201 -18.94 -16.23 31.08
N TYR A 202 -18.92 -15.66 29.85
CA TYR A 202 -18.32 -16.32 28.68
C TYR A 202 -16.81 -16.36 28.77
N PHE A 203 -16.19 -15.36 29.44
CA PHE A 203 -14.74 -15.28 29.64
C PHE A 203 -14.29 -16.43 30.55
N LEU A 204 -15.03 -16.71 31.62
CA LEU A 204 -14.73 -17.78 32.57
C LEU A 204 -14.89 -19.17 31.93
N ARG A 205 -15.86 -19.30 31.01
CA ARG A 205 -16.11 -20.53 30.26
C ARG A 205 -14.98 -20.75 29.26
N ASN A 206 -14.57 -19.67 28.53
CA ASN A 206 -13.50 -19.71 27.55
C ASN A 206 -12.19 -20.24 28.11
N ILE A 207 -11.73 -19.73 29.28
CA ILE A 207 -10.47 -20.18 29.89
C ILE A 207 -10.59 -21.61 30.43
N ALA A 208 -11.78 -22.01 30.90
CA ALA A 208 -12.04 -23.37 31.41
C ALA A 208 -12.12 -24.37 30.25
N MET A 209 -12.52 -23.90 29.06
CA MET A 209 -12.65 -24.68 27.83
C MET A 209 -11.29 -25.06 27.25
N ILE A 210 -10.32 -24.11 27.25
CA ILE A 210 -8.97 -24.26 26.70
C ILE A 210 -8.21 -25.45 27.32
N THR A 211 -7.89 -26.43 26.45
CA THR A 211 -7.16 -27.67 26.72
C THR A 211 -6.35 -28.00 25.43
N PRO A 212 -5.17 -28.68 25.50
CA PRO A 212 -4.43 -28.98 24.25
C PRO A 212 -5.15 -29.94 23.30
N PRO A 213 -5.20 -29.66 21.97
CA PRO A 213 -5.90 -30.57 21.04
C PRO A 213 -5.31 -32.00 20.94
N PRO A 214 -6.15 -33.05 20.94
CA PRO A 214 -5.61 -34.43 20.90
C PRO A 214 -5.04 -34.80 19.54
N SER A 223 -1.59 -32.08 29.43
CA SER A 223 -1.06 -32.06 30.80
C SER A 223 -2.17 -31.94 31.86
N GLN A 224 -1.96 -32.59 33.03
CA GLN A 224 -2.89 -32.59 34.16
C GLN A 224 -2.68 -31.40 35.13
N ILE A 225 -1.49 -30.76 35.07
CA ILE A 225 -1.15 -29.60 35.90
C ILE A 225 -2.05 -28.38 35.56
N SER A 226 -2.39 -28.20 34.27
CA SER A 226 -3.27 -27.11 33.78
C SER A 226 -4.70 -27.28 34.31
N ARG A 227 -5.12 -28.54 34.55
CA ARG A 227 -6.44 -28.90 35.11
C ARG A 227 -6.48 -28.58 36.61
N SER A 228 -5.35 -28.85 37.32
CA SER A 228 -5.21 -28.61 38.76
C SER A 228 -5.14 -27.12 39.08
N ALA A 229 -4.30 -26.37 38.34
CA ALA A 229 -4.09 -24.93 38.51
C ALA A 229 -5.36 -24.11 38.27
N LEU A 230 -6.26 -24.61 37.39
CA LEU A 230 -7.54 -23.99 37.06
C LEU A 230 -8.47 -23.99 38.28
N ILE A 231 -8.58 -25.15 38.97
CA ILE A 231 -9.40 -25.33 40.17
C ILE A 231 -8.84 -24.47 41.32
N ASP A 232 -7.50 -24.48 41.49
CA ASP A 232 -6.80 -23.72 42.52
C ASP A 232 -6.98 -22.21 42.38
N ALA A 233 -6.96 -21.71 41.13
CA ALA A 233 -7.15 -20.28 40.83
C ALA A 233 -8.61 -19.86 41.01
N PHE A 234 -9.55 -20.76 40.66
CA PHE A 234 -10.99 -20.54 40.76
C PHE A 234 -11.48 -20.36 42.19
N SER A 235 -11.00 -21.19 43.13
CA SER A 235 -11.38 -21.13 44.55
C SER A 235 -10.74 -19.94 45.26
N TYR A 236 -9.44 -19.68 45.00
CA TYR A 236 -8.68 -18.58 45.60
C TYR A 236 -9.22 -17.19 45.21
N GLN A 237 -9.57 -17.01 43.93
CA GLN A 237 -10.08 -15.73 43.41
C GLN A 237 -11.63 -15.61 43.53
N ASP A 238 -12.24 -16.50 44.33
CA ASP A 238 -13.67 -16.57 44.66
C ASP A 238 -14.62 -16.64 43.44
N ILE A 239 -14.26 -17.45 42.43
CA ILE A 239 -15.09 -17.63 41.23
C ILE A 239 -16.14 -18.71 41.53
N PHE A 240 -15.78 -19.75 42.31
CA PHE A 240 -16.70 -20.81 42.72
C PHE A 240 -17.82 -20.24 43.59
N LEU A 241 -17.50 -19.19 44.38
CA LEU A 241 -18.42 -18.46 45.23
C LEU A 241 -19.39 -17.65 44.36
N THR A 242 -18.86 -17.04 43.27
CA THR A 242 -19.62 -16.24 42.30
C THR A 242 -20.57 -17.15 41.51
N LEU A 243 -20.08 -18.32 41.07
CA LEU A 243 -20.84 -19.33 40.33
C LEU A 243 -22.00 -19.87 41.16
N LEU A 244 -21.77 -20.06 42.48
CA LEU A 244 -22.77 -20.54 43.42
C LEU A 244 -23.89 -19.53 43.63
N THR A 245 -23.53 -18.23 43.75
CA THR A 245 -24.49 -17.14 43.95
C THR A 245 -25.41 -16.92 42.73
N ILE A 246 -24.89 -17.15 41.51
CA ILE A 246 -25.69 -17.02 40.28
C ILE A 246 -26.63 -18.23 40.15
N ALA A 247 -26.12 -19.44 40.43
CA ALA A 247 -26.86 -20.71 40.37
C ALA A 247 -27.95 -20.82 41.42
N SER A 248 -27.68 -20.38 42.68
CA SER A 248 -28.65 -20.43 43.79
C SER A 248 -29.83 -19.46 43.63
N ASN A 249 -29.63 -18.38 42.86
CA ASN A 249 -30.66 -17.38 42.59
C ASN A 249 -31.01 -17.42 41.08
N MET A 250 -31.21 -18.64 40.54
CA MET A 250 -31.53 -18.84 39.12
C MET A 250 -32.98 -18.48 38.76
N GLY A 251 -33.85 -18.41 39.77
CA GLY A 251 -35.24 -18.02 39.59
C GLY A 251 -35.35 -16.51 39.46
N GLU A 252 -35.16 -15.81 40.60
CA GLU A 252 -35.20 -14.34 40.69
C GLU A 252 -33.79 -13.74 40.55
N ASP A 253 -33.70 -12.61 39.79
CA ASP A 253 -32.48 -11.85 39.46
C ASP A 253 -31.70 -12.46 38.27
N PHE A 254 -31.92 -13.76 37.94
CA PHE A 254 -31.25 -14.45 36.83
C PHE A 254 -32.21 -15.25 35.93
N ARG A 255 -31.81 -15.40 34.64
CA ARG A 255 -32.50 -16.11 33.54
C ARG A 255 -31.57 -16.01 32.31
N THR A 256 -31.66 -16.97 31.35
CA THR A 256 -30.86 -17.04 30.11
C THR A 256 -29.39 -17.47 30.41
N GLU A 257 -28.80 -16.90 31.49
CA GLU A 257 -27.44 -17.20 31.95
C GLU A 257 -27.28 -18.63 32.47
N ASP A 258 -28.41 -19.35 32.70
CA ASP A 258 -28.51 -20.73 33.20
C ASP A 258 -27.64 -21.75 32.44
N VAL A 259 -27.56 -21.61 31.11
CA VAL A 259 -26.78 -22.50 30.24
C VAL A 259 -25.31 -22.10 30.22
N ILE A 260 -25.02 -20.79 30.32
CA ILE A 260 -23.67 -20.23 30.32
C ILE A 260 -22.92 -20.64 31.60
N VAL A 261 -23.61 -20.58 32.76
CA VAL A 261 -23.07 -20.98 34.07
C VAL A 261 -22.83 -22.50 34.07
N MET A 262 -23.79 -23.26 33.51
CA MET A 262 -23.76 -24.71 33.37
C MET A 262 -22.51 -25.13 32.59
N GLU A 263 -22.20 -24.39 31.51
CA GLU A 263 -21.02 -24.65 30.66
C GLU A 263 -19.73 -24.44 31.41
N ILE A 264 -19.66 -23.42 32.29
CA ILE A 264 -18.46 -23.14 33.10
C ILE A 264 -18.17 -24.35 33.99
N ILE A 265 -19.18 -24.82 34.75
CA ILE A 265 -19.09 -25.97 35.66
C ILE A 265 -18.80 -27.26 34.87
N PHE A 266 -19.35 -27.41 33.65
CA PHE A 266 -19.13 -28.58 32.79
C PHE A 266 -17.66 -28.72 32.40
N HIS A 267 -17.00 -27.59 32.04
CA HIS A 267 -15.59 -27.56 31.66
C HIS A 267 -14.65 -27.64 32.86
N LEU A 268 -15.24 -27.53 34.07
CA LEU A 268 -14.53 -27.65 35.36
C LEU A 268 -14.52 -29.11 35.82
N VAL A 269 -15.67 -29.81 35.66
CA VAL A 269 -15.84 -31.21 36.06
C VAL A 269 -15.29 -32.19 34.99
N LYS A 270 -14.76 -31.63 33.88
CA LYS A 270 -14.15 -32.35 32.76
C LYS A 270 -13.01 -33.25 33.25
N ARG A 271 -13.21 -34.59 33.14
CA ARG A 271 -12.28 -35.65 33.56
C ARG A 271 -11.92 -35.59 35.06
N VAL A 272 -12.87 -35.13 35.90
CA VAL A 272 -12.72 -34.99 37.35
C VAL A 272 -13.56 -36.05 38.06
N ASP A 273 -13.01 -36.70 39.11
CA ASP A 273 -13.72 -37.71 39.88
C ASP A 273 -14.75 -37.07 40.84
N PRO A 274 -16.01 -37.56 40.87
CA PRO A 274 -17.02 -36.95 41.74
C PRO A 274 -16.83 -37.24 43.24
N LYS A 275 -15.95 -38.21 43.57
CA LYS A 275 -15.65 -38.58 44.96
C LYS A 275 -14.20 -38.21 45.31
N GLY A 276 -14.02 -37.57 46.47
CA GLY A 276 -12.73 -37.15 47.00
C GLY A 276 -11.92 -36.29 46.06
N GLN A 277 -12.45 -35.12 45.71
CA GLN A 277 -11.84 -34.19 44.76
C GLN A 277 -11.25 -32.93 45.42
N GLN A 278 -10.43 -32.20 44.63
CA GLN A 278 -9.78 -30.93 44.98
C GLN A 278 -10.86 -29.87 45.25
N LEU A 279 -11.94 -29.88 44.44
CA LEU A 279 -13.09 -28.98 44.54
C LEU A 279 -14.18 -29.51 45.50
N GLY A 280 -13.73 -30.23 46.54
CA GLY A 280 -14.57 -30.81 47.58
C GLY A 280 -15.35 -29.77 48.37
N SER A 281 -14.78 -28.56 48.48
CA SER A 281 -15.36 -27.41 49.17
C SER A 281 -16.56 -26.86 48.40
N PHE A 282 -16.50 -26.91 47.05
CA PHE A 282 -17.55 -26.40 46.17
C PHE A 282 -18.72 -27.36 45.98
N VAL A 283 -18.44 -28.66 45.72
CA VAL A 283 -19.44 -29.70 45.43
C VAL A 283 -20.52 -29.79 46.51
N SER A 284 -20.14 -29.74 47.80
CA SER A 284 -21.07 -29.79 48.93
C SER A 284 -21.94 -28.54 48.99
N ASP A 285 -21.33 -27.35 48.78
CA ASP A 285 -22.01 -26.05 48.79
C ASP A 285 -22.97 -25.88 47.60
N PHE A 286 -22.63 -26.49 46.43
CA PHE A 286 -23.44 -26.41 45.22
C PHE A 286 -24.74 -27.20 45.36
N LEU A 287 -24.65 -28.44 45.87
CA LEU A 287 -25.80 -29.33 46.06
C LEU A 287 -26.75 -28.80 47.12
N ASP A 288 -26.21 -28.10 48.13
CA ASP A 288 -26.96 -27.48 49.22
C ASP A 288 -27.70 -26.21 48.82
N SER A 289 -27.19 -25.47 47.81
CA SER A 289 -27.78 -24.20 47.39
C SER A 289 -28.21 -24.10 45.92
N GLY A 290 -27.28 -24.32 44.99
CA GLY A 290 -27.55 -24.15 43.56
C GLY A 290 -27.77 -25.36 42.68
N PHE A 291 -28.20 -26.52 43.24
CA PHE A 291 -28.45 -27.68 42.38
C PHE A 291 -29.84 -27.61 41.76
N ASN A 292 -30.89 -27.78 42.58
CA ASN A 292 -32.30 -27.77 42.16
C ASN A 292 -32.72 -26.48 41.43
N PRO A 293 -32.42 -25.23 41.91
CA PRO A 293 -32.87 -24.04 41.16
C PRO A 293 -32.25 -23.88 39.78
N LEU A 294 -30.99 -24.34 39.60
CA LEU A 294 -30.26 -24.26 38.33
C LEU A 294 -30.70 -25.35 37.34
N PHE A 295 -30.67 -26.63 37.77
CA PHE A 295 -31.01 -27.76 36.91
C PHE A 295 -32.51 -27.86 36.57
N SER A 296 -33.38 -27.26 37.40
CA SER A 296 -34.82 -27.23 37.13
C SER A 296 -35.09 -26.19 36.04
N HIS A 297 -34.34 -25.07 36.05
CA HIS A 297 -34.42 -23.98 35.08
C HIS A 297 -33.94 -24.42 33.69
N ILE A 298 -32.82 -25.18 33.63
CA ILE A 298 -32.25 -25.69 32.37
C ILE A 298 -33.22 -26.71 31.75
N ARG A 299 -33.84 -27.57 32.60
CA ARG A 299 -34.82 -28.57 32.19
C ARG A 299 -36.00 -27.88 31.52
N LYS A 300 -36.52 -26.80 32.16
CA LYS A 300 -37.64 -26.00 31.67
C LYS A 300 -37.27 -25.22 30.39
N SER A 301 -35.98 -24.81 30.27
CA SER A 301 -35.45 -24.08 29.12
C SER A 301 -35.41 -24.98 27.87
N LEU A 302 -35.06 -26.27 28.05
CA LEU A 302 -34.97 -27.26 26.97
C LEU A 302 -36.36 -27.72 26.52
N GLU A 303 -37.30 -27.84 27.47
CA GLU A 303 -38.69 -28.26 27.21
C GLU A 303 -39.47 -27.20 26.41
N ARG A 304 -39.32 -25.90 26.78
CA ARG A 304 -39.99 -24.80 26.08
C ARG A 304 -39.30 -24.41 24.75
N GLU A 305 -38.13 -25.05 24.44
CA GLU A 305 -37.30 -24.85 23.24
C GLU A 305 -36.83 -23.39 23.10
N ALA A 306 -36.24 -22.87 24.20
CA ALA A 306 -35.73 -21.50 24.37
C ALA A 306 -34.78 -21.03 23.26
N PRO A 307 -34.72 -19.71 22.96
CA PRO A 307 -33.80 -19.25 21.90
C PRO A 307 -32.32 -19.28 22.30
N HIS A 308 -32.03 -19.05 23.59
CA HIS A 308 -30.66 -19.03 24.13
C HIS A 308 -30.01 -20.41 24.21
N VAL A 309 -30.81 -21.49 24.34
CA VAL A 309 -30.30 -22.86 24.43
C VAL A 309 -29.84 -23.36 23.07
N LEU A 310 -28.74 -24.14 23.07
CA LEU A 310 -28.16 -24.76 21.88
C LEU A 310 -28.23 -26.29 21.99
N HIS A 311 -28.06 -26.99 20.85
CA HIS A 311 -28.14 -28.46 20.79
C HIS A 311 -27.12 -29.18 21.69
N TYR A 312 -25.89 -28.65 21.78
CA TYR A 312 -24.82 -29.23 22.59
C TYR A 312 -25.06 -29.05 24.10
N HIS A 313 -25.89 -28.05 24.49
CA HIS A 313 -26.24 -27.77 25.90
C HIS A 313 -27.06 -28.89 26.53
N GLN A 314 -27.81 -29.64 25.70
CA GLN A 314 -28.65 -30.77 26.10
C GLN A 314 -27.80 -31.93 26.65
N SER A 315 -26.75 -32.36 25.91
CA SER A 315 -25.85 -33.45 26.34
C SER A 315 -24.99 -33.05 27.53
N GLN A 316 -24.62 -31.76 27.63
CA GLN A 316 -23.82 -31.22 28.74
C GLN A 316 -24.63 -31.24 30.03
N PHE A 317 -25.94 -30.98 29.93
CA PHE A 317 -26.89 -30.99 31.04
C PHE A 317 -26.96 -32.40 31.64
N PHE A 318 -27.13 -33.43 30.79
CA PHE A 318 -27.20 -34.83 31.22
C PHE A 318 -25.89 -35.30 31.86
N TYR A 319 -24.73 -34.80 31.39
CA TYR A 319 -23.42 -35.14 31.95
C TYR A 319 -23.30 -34.62 33.38
N LEU A 320 -23.63 -33.33 33.61
CA LEU A 320 -23.57 -32.67 34.91
C LEU A 320 -24.51 -33.26 35.95
N VAL A 321 -25.74 -33.67 35.54
CA VAL A 321 -26.73 -34.31 36.41
C VAL A 321 -26.11 -35.62 36.90
N ALA A 322 -25.57 -36.44 35.96
CA ALA A 322 -24.91 -37.72 36.20
C ALA A 322 -23.67 -37.56 37.09
N TRP A 323 -22.90 -36.48 36.87
CA TRP A 323 -21.68 -36.17 37.63
C TRP A 323 -22.01 -35.77 39.08
N PHE A 324 -23.01 -34.89 39.26
CA PHE A 324 -23.40 -34.43 40.59
C PHE A 324 -24.17 -35.47 41.40
N LEU A 325 -24.85 -36.43 40.73
CA LEU A 325 -25.56 -37.51 41.40
C LEU A 325 -24.56 -38.47 42.06
N GLU A 326 -23.42 -38.73 41.38
CA GLU A 326 -22.32 -39.56 41.89
C GLU A 326 -21.60 -38.83 43.02
N ALA A 327 -21.47 -37.49 42.88
CA ALA A 327 -20.85 -36.62 43.88
C ALA A 327 -21.69 -36.54 45.14
N GLU A 328 -23.04 -36.64 45.00
CA GLU A 328 -24.00 -36.61 46.10
C GLU A 328 -23.86 -37.87 46.96
N ARG A 329 -23.76 -39.07 46.32
CA ARG A 329 -23.63 -40.36 47.01
C ARG A 329 -22.30 -40.51 47.77
N ALA A 330 -21.31 -39.63 47.50
CA ALA A 330 -20.02 -39.60 48.16
C ALA A 330 -20.14 -38.89 49.53
N ARG A 331 -21.21 -38.10 49.72
CA ARG A 331 -21.50 -37.33 50.92
C ARG A 331 -22.78 -37.85 51.61
N ARG A 332 -23.87 -38.00 50.81
CA ARG A 332 -25.24 -38.42 51.09
C ARG A 332 -25.78 -37.85 52.43
N SER A 333 -25.58 -36.53 52.62
CA SER A 333 -26.07 -35.75 53.76
C SER A 333 -27.60 -35.71 53.73
N SER A 334 -28.19 -35.47 52.55
CA SER A 334 -29.63 -35.43 52.29
C SER A 334 -29.93 -35.75 50.84
N PHE A 335 -30.80 -36.75 50.62
CA PHE A 335 -31.22 -37.18 49.28
C PHE A 335 -32.36 -36.29 48.73
N ASN A 336 -32.71 -35.21 49.46
CA ASN A 336 -33.74 -34.24 49.11
C ASN A 336 -33.14 -33.04 48.36
N LEU A 337 -31.80 -32.88 48.41
CA LEU A 337 -31.03 -31.80 47.76
C LEU A 337 -30.95 -31.99 46.25
N ILE A 338 -31.30 -33.18 45.76
CA ILE A 338 -31.28 -33.60 44.35
C ILE A 338 -32.69 -34.04 43.88
N ALA A 339 -33.74 -33.52 44.55
CA ALA A 339 -35.14 -33.86 44.26
C ALA A 339 -35.64 -33.47 42.87
N SER A 340 -35.13 -32.35 42.31
CA SER A 340 -35.53 -31.82 41.00
C SER A 340 -35.24 -32.75 39.82
N VAL A 341 -34.13 -33.53 39.89
CA VAL A 341 -33.73 -34.44 38.82
C VAL A 341 -34.37 -35.84 38.94
N LEU A 342 -35.09 -36.10 40.04
CA LEU A 342 -35.79 -37.38 40.27
C LEU A 342 -37.31 -37.27 40.05
N THR A 343 -37.77 -36.06 39.63
CA THR A 343 -39.17 -35.76 39.33
C THR A 343 -39.60 -36.48 38.05
N GLN A 344 -40.91 -36.79 37.91
CA GLN A 344 -41.45 -37.47 36.72
C GLN A 344 -41.30 -36.66 35.43
N GLU A 345 -41.20 -35.32 35.54
CA GLU A 345 -41.01 -34.40 34.43
C GLU A 345 -39.66 -34.64 33.73
N MET A 346 -38.63 -35.02 34.51
CA MET A 346 -37.28 -35.34 34.04
C MET A 346 -37.33 -36.67 33.25
N PHE A 347 -38.07 -37.67 33.78
CA PHE A 347 -38.26 -39.00 33.20
C PHE A 347 -38.88 -38.97 31.80
N ILE A 348 -39.94 -38.15 31.62
CA ILE A 348 -40.63 -37.98 30.33
C ILE A 348 -39.67 -37.31 29.33
N ALA A 349 -38.91 -36.29 29.81
CA ALA A 349 -37.94 -35.52 29.03
C ALA A 349 -36.77 -36.35 28.49
N LEU A 350 -36.13 -37.19 29.34
CA LEU A 350 -35.00 -38.01 28.91
C LEU A 350 -35.46 -39.20 28.03
N ASN A 351 -36.69 -39.73 28.26
CA ASN A 351 -37.25 -40.82 27.45
C ASN A 351 -37.53 -40.33 26.02
N ARG A 352 -37.98 -39.06 25.88
CA ARG A 352 -38.22 -38.44 24.58
C ARG A 352 -36.86 -38.12 23.93
N ALA A 353 -35.86 -37.76 24.76
CA ALA A 353 -34.50 -37.48 24.31
C ALA A 353 -33.81 -38.75 23.79
N LEU A 354 -34.09 -39.92 24.42
CA LEU A 354 -33.52 -41.22 24.02
C LEU A 354 -34.02 -41.65 22.64
N ASP A 355 -35.32 -41.44 22.37
CA ASP A 355 -35.96 -41.78 21.08
C ASP A 355 -35.51 -40.83 19.97
N ARG A 356 -35.39 -39.52 20.28
CA ARG A 356 -34.97 -38.49 19.34
C ARG A 356 -33.50 -38.61 18.94
N ALA A 357 -32.60 -38.91 19.91
CA ALA A 357 -31.17 -39.05 19.65
C ALA A 357 -30.83 -40.27 18.80
N TYR A 358 -31.59 -41.37 18.94
CA TYR A 358 -31.37 -42.58 18.15
C TYR A 358 -31.83 -42.40 16.70
N GLY A 359 -32.97 -41.75 16.52
CA GLY A 359 -33.56 -41.46 15.20
C GLY A 359 -32.71 -40.52 14.36
N ASP A 360 -32.19 -39.45 15.00
CA ASP A 360 -31.31 -38.46 14.38
C ASP A 360 -29.86 -38.96 14.25
N LYS A 361 -29.58 -40.19 14.78
CA LYS A 361 -28.29 -40.90 14.78
C LYS A 361 -27.21 -40.13 15.58
N ASP A 362 -27.65 -39.33 16.57
CA ASP A 362 -26.81 -38.55 17.48
C ASP A 362 -26.43 -39.46 18.64
N TRP A 363 -25.16 -39.89 18.67
CA TRP A 363 -24.65 -40.81 19.69
C TRP A 363 -24.08 -40.12 20.92
N ARG A 364 -23.48 -38.93 20.75
CA ARG A 364 -22.89 -38.15 21.85
C ARG A 364 -23.97 -37.71 22.86
N LEU A 365 -25.15 -37.32 22.35
CA LEU A 365 -26.29 -36.92 23.18
C LEU A 365 -26.88 -38.14 23.91
N LEU A 366 -26.93 -39.29 23.20
CA LEU A 366 -27.44 -40.55 23.75
C LEU A 366 -26.54 -41.09 24.86
N THR A 367 -25.20 -40.99 24.67
CA THR A 367 -24.18 -41.41 25.64
C THR A 367 -24.37 -40.69 26.98
N SER A 368 -24.55 -39.35 26.93
CA SER A 368 -24.77 -38.53 28.12
C SER A 368 -26.13 -38.82 28.76
N ALA A 369 -27.16 -39.11 27.94
CA ALA A 369 -28.51 -39.44 28.41
C ALA A 369 -28.55 -40.79 29.12
N MET A 370 -27.86 -41.80 28.55
CA MET A 370 -27.77 -43.16 29.11
C MET A 370 -27.00 -43.16 30.43
N ARG A 371 -25.89 -42.40 30.50
CA ARG A 371 -25.06 -42.27 31.70
C ARG A 371 -25.83 -41.53 32.82
N CYS A 372 -26.68 -40.56 32.44
CA CYS A 372 -27.51 -39.78 33.35
C CYS A 372 -28.57 -40.67 33.97
N PHE A 373 -29.26 -41.47 33.12
CA PHE A 373 -30.29 -42.42 33.50
C PHE A 373 -29.77 -43.51 34.44
N THR A 374 -28.52 -43.96 34.22
CA THR A 374 -27.84 -44.96 35.06
C THR A 374 -27.67 -44.42 36.48
N GLN A 375 -27.24 -43.14 36.60
CA GLN A 375 -27.01 -42.47 37.89
C GLN A 375 -28.32 -42.21 38.65
N ILE A 376 -29.44 -42.02 37.93
CA ILE A 376 -30.77 -41.82 38.50
C ILE A 376 -31.25 -43.14 39.14
N LEU A 377 -31.05 -44.27 38.43
CA LEU A 377 -31.42 -45.62 38.89
C LEU A 377 -30.57 -46.06 40.09
N LEU A 378 -29.30 -45.62 40.14
CA LEU A 378 -28.38 -45.91 41.25
C LEU A 378 -28.78 -45.12 42.49
N THR A 379 -29.38 -43.92 42.28
CA THR A 379 -29.85 -43.02 43.33
C THR A 379 -31.11 -43.57 44.01
N VAL A 380 -32.11 -44.04 43.23
CA VAL A 380 -33.36 -44.60 43.77
C VAL A 380 -33.10 -45.90 44.55
N GLN A 381 -32.02 -46.64 44.22
CA GLN A 381 -31.62 -47.87 44.90
C GLN A 381 -31.05 -47.53 46.28
N GLU A 382 -30.25 -46.45 46.37
CA GLU A 382 -29.67 -45.97 47.64
C GLU A 382 -30.72 -45.26 48.49
N MET A 383 -31.82 -44.80 47.87
CA MET A 383 -32.94 -44.17 48.55
C MET A 383 -33.90 -45.23 49.11
N PHE A 384 -33.83 -46.46 48.58
CA PHE A 384 -34.63 -47.60 49.02
C PHE A 384 -34.08 -48.16 50.35
N ASP A 385 -32.76 -48.00 50.58
CA ASP A 385 -32.08 -48.43 51.81
C ASP A 385 -31.77 -47.24 52.75
N SER A 386 -32.20 -46.02 52.36
CA SER A 386 -32.00 -44.78 53.11
C SER A 386 -32.80 -44.74 54.42
N GLY A 387 -32.22 -44.11 55.43
CA GLY A 387 -32.80 -43.95 56.76
C GLY A 387 -34.02 -43.06 56.82
N ASN A 388 -34.18 -42.13 55.83
CA ASN A 388 -35.31 -41.22 55.78
C ASN A 388 -36.57 -41.97 55.31
N ASP A 389 -37.65 -41.87 56.10
CA ASP A 389 -38.95 -42.49 55.87
C ASP A 389 -39.58 -42.03 54.56
N GLU A 390 -39.47 -40.72 54.25
CA GLU A 390 -40.00 -40.10 53.03
C GLU A 390 -39.20 -40.52 51.79
N ASP A 391 -37.88 -40.78 51.96
CA ASP A 391 -36.98 -41.21 50.88
C ASP A 391 -37.36 -42.58 50.32
N GLN A 392 -37.66 -43.55 51.22
CA GLN A 392 -38.06 -44.92 50.85
C GLN A 392 -39.45 -44.93 50.19
N GLU A 393 -40.31 -43.98 50.58
CA GLU A 393 -41.67 -43.80 50.06
C GLU A 393 -41.61 -43.35 48.60
N ILE A 394 -40.74 -42.36 48.28
CA ILE A 394 -40.54 -41.79 46.95
C ILE A 394 -39.77 -42.77 46.05
N ALA A 395 -38.74 -43.47 46.61
CA ALA A 395 -37.94 -44.45 45.87
C ALA A 395 -38.80 -45.59 45.35
N ASP A 396 -39.74 -46.08 46.18
CA ASP A 396 -40.65 -47.17 45.84
C ASP A 396 -41.70 -46.75 44.81
N ASN A 397 -42.23 -45.50 44.89
CA ASN A 397 -43.23 -45.07 43.90
C ASN A 397 -42.62 -44.82 42.52
N ILE A 398 -41.31 -44.47 42.45
CA ILE A 398 -40.60 -44.29 41.18
C ILE A 398 -40.34 -45.68 40.57
N LEU A 399 -39.85 -46.62 41.41
CA LEU A 399 -39.56 -48.00 41.03
C LEU A 399 -40.80 -48.80 40.62
N SER A 400 -41.98 -48.44 41.17
CA SER A 400 -43.27 -49.07 40.87
C SER A 400 -43.63 -48.84 39.40
N ARG A 401 -43.46 -47.59 38.92
CA ARG A 401 -43.73 -47.18 37.55
C ARG A 401 -42.70 -47.79 36.59
N LEU A 402 -41.40 -47.74 36.97
CA LEU A 402 -40.28 -48.25 36.16
C LEU A 402 -40.35 -49.76 35.89
N PHE A 403 -40.89 -50.53 36.86
CA PHE A 403 -41.03 -51.98 36.75
C PHE A 403 -42.10 -52.41 35.74
N TYR A 404 -43.08 -51.55 35.45
CA TYR A 404 -44.18 -51.87 34.53
C TYR A 404 -44.22 -51.03 33.24
N GLU A 405 -43.42 -49.94 33.16
CA GLU A 405 -43.37 -49.08 31.97
C GLU A 405 -42.58 -49.75 30.84
N GLU A 406 -43.30 -50.48 29.95
CA GLU A 406 -42.73 -51.21 28.82
C GLU A 406 -42.17 -50.30 27.72
N SER A 407 -42.62 -49.03 27.66
CA SER A 407 -42.15 -48.03 26.70
C SER A 407 -40.65 -47.75 26.90
N THR A 408 -40.21 -47.70 28.18
CA THR A 408 -38.82 -47.50 28.57
C THR A 408 -38.04 -48.81 28.37
N HIS A 409 -38.67 -49.97 28.70
CA HIS A 409 -38.09 -51.32 28.58
C HIS A 409 -37.67 -51.69 27.17
N ASP A 410 -38.59 -51.58 26.20
CA ASP A 410 -38.32 -51.93 24.80
C ASP A 410 -37.33 -50.97 24.13
N ALA A 411 -37.22 -49.72 24.63
CA ALA A 411 -36.30 -48.71 24.11
C ALA A 411 -34.87 -49.01 24.55
N VAL A 412 -34.63 -49.25 25.86
CA VAL A 412 -33.30 -49.54 26.42
C VAL A 412 -32.72 -50.84 25.85
N ALA A 413 -33.58 -51.87 25.68
CA ALA A 413 -33.20 -53.19 25.17
C ALA A 413 -32.75 -53.14 23.71
N ASN A 414 -33.37 -52.26 22.90
CA ASN A 414 -33.04 -52.09 21.48
C ASN A 414 -31.68 -51.42 21.25
N ILE A 415 -31.27 -50.52 22.17
CA ILE A 415 -29.98 -49.79 22.10
C ILE A 415 -28.80 -50.76 22.21
N VAL A 416 -28.80 -51.63 23.23
CA VAL A 416 -27.74 -52.63 23.46
C VAL A 416 -27.75 -53.71 22.38
N ARG A 417 -28.93 -54.01 21.81
CA ARG A 417 -29.10 -55.00 20.74
C ARG A 417 -28.47 -54.51 19.42
N THR A 418 -28.63 -53.20 19.12
CA THR A 418 -28.10 -52.59 17.90
C THR A 418 -26.86 -51.73 18.17
N TYR A 419 -25.68 -52.32 17.97
CA TYR A 419 -24.38 -51.64 18.14
C TYR A 419 -23.48 -51.92 16.95
N LYS A 420 -23.03 -50.86 16.26
CA LYS A 420 -22.12 -50.92 15.11
C LYS A 420 -21.36 -49.59 14.96
N ASP A 421 -20.03 -49.62 15.17
CA ASP A 421 -19.07 -48.50 15.07
C ASP A 421 -19.60 -47.21 15.76
N GLN A 422 -20.00 -47.33 17.04
CA GLN A 422 -20.54 -46.22 17.81
C GLN A 422 -19.57 -45.64 18.86
N GLY A 423 -18.42 -46.31 19.05
CA GLY A 423 -17.36 -45.88 19.96
C GLY A 423 -17.41 -46.52 21.33
N PHE A 424 -16.24 -46.54 22.01
CA PHE A 424 -16.09 -47.12 23.34
C PHE A 424 -16.85 -46.36 24.42
N GLU A 425 -16.93 -45.02 24.31
CA GLU A 425 -17.64 -44.16 25.28
C GLU A 425 -19.14 -44.49 25.30
N TYR A 426 -19.70 -44.80 24.11
CA TYR A 426 -21.10 -45.18 23.91
C TYR A 426 -21.31 -46.61 24.40
N LEU A 427 -20.32 -47.50 24.15
CA LEU A 427 -20.33 -48.91 24.56
C LEU A 427 -20.29 -49.03 26.09
N ASP A 428 -19.47 -48.20 26.75
CA ASP A 428 -19.34 -48.17 28.22
C ASP A 428 -20.60 -47.59 28.88
N ALA A 429 -21.34 -46.73 28.16
CA ALA A 429 -22.56 -46.09 28.64
C ALA A 429 -23.80 -46.99 28.57
N CYS A 430 -23.95 -47.74 27.45
CA CYS A 430 -25.10 -48.64 27.24
C CYS A 430 -25.02 -49.90 28.10
N THR A 431 -23.81 -50.48 28.26
CA THR A 431 -23.57 -51.67 29.09
C THR A 431 -23.72 -51.34 30.57
N GLU A 432 -23.47 -50.07 30.94
CA GLU A 432 -23.64 -49.53 32.29
C GLU A 432 -25.13 -49.48 32.62
N LEU A 433 -25.95 -48.99 31.66
CA LEU A 433 -27.40 -48.88 31.81
C LEU A 433 -28.09 -50.25 31.81
N ALA A 434 -27.68 -51.16 30.89
CA ALA A 434 -28.24 -52.51 30.78
C ALA A 434 -28.01 -53.34 32.05
N HIS A 435 -26.79 -53.28 32.62
CA HIS A 435 -26.43 -54.00 33.85
C HIS A 435 -27.17 -53.47 35.07
N THR A 436 -27.24 -52.14 35.23
CA THR A 436 -27.93 -51.50 36.36
C THR A 436 -29.45 -51.71 36.30
N PHE A 437 -30.08 -51.54 35.11
CA PHE A 437 -31.52 -51.73 34.94
C PHE A 437 -31.98 -53.13 35.36
N LEU A 438 -31.17 -54.16 35.07
CA LEU A 438 -31.46 -55.54 35.46
C LEU A 438 -31.28 -55.72 36.97
N ARG A 439 -30.16 -55.21 37.52
CA ARG A 439 -29.80 -55.28 38.94
C ARG A 439 -30.80 -54.57 39.87
N ILE A 440 -31.21 -53.32 39.54
CA ILE A 440 -32.16 -52.54 40.35
C ILE A 440 -33.57 -53.18 40.34
N LEU A 441 -34.03 -53.67 39.17
CA LEU A 441 -35.34 -54.31 39.07
C LEU A 441 -35.39 -55.68 39.74
N GLU A 442 -34.22 -56.36 39.86
CA GLU A 442 -34.05 -57.66 40.53
C GLU A 442 -34.35 -57.52 42.03
N ALA A 443 -33.96 -56.38 42.62
CA ALA A 443 -34.18 -56.03 44.02
C ALA A 443 -35.67 -55.76 44.28
N TYR A 444 -36.36 -55.19 43.27
CA TYR A 444 -37.80 -54.91 43.33
C TYR A 444 -38.61 -56.20 43.12
N SER A 445 -38.02 -57.17 42.38
CA SER A 445 -38.61 -58.47 42.06
C SER A 445 -38.85 -59.36 43.28
N LYS A 446 -38.20 -59.08 44.43
CA LYS A 446 -38.40 -59.84 45.65
C LYS A 446 -39.26 -59.09 46.69
N GLN A 447 -38.86 -57.85 47.07
CA GLN A 447 -39.59 -57.02 48.03
C GLN A 447 -39.57 -55.55 47.61
N ASP A 460 -54.95 -63.62 54.83
CA ASP A 460 -54.00 -62.52 54.70
C ASP A 460 -52.72 -62.91 53.95
N GLU A 461 -52.23 -64.15 54.19
CA GLU A 461 -51.02 -64.71 53.56
C GLU A 461 -51.20 -64.93 52.06
N LYS A 462 -52.39 -65.42 51.64
CA LYS A 462 -52.75 -65.69 50.25
C LYS A 462 -52.89 -64.40 49.43
N MET A 463 -53.48 -63.35 50.05
CA MET A 463 -53.71 -62.04 49.43
C MET A 463 -52.40 -61.25 49.22
N ALA A 464 -51.46 -61.36 50.18
CA ALA A 464 -50.16 -60.69 50.14
C ALA A 464 -49.18 -61.33 49.14
N GLU A 465 -49.25 -62.67 48.98
CA GLU A 465 -48.38 -63.45 48.10
C GLU A 465 -48.72 -63.24 46.62
N LYS A 466 -50.03 -63.06 46.29
CA LYS A 466 -50.55 -62.84 44.93
C LYS A 466 -49.90 -61.63 44.25
N THR A 467 -49.72 -60.52 45.00
CA THR A 467 -49.12 -59.28 44.50
C THR A 467 -47.58 -59.26 44.63
N SER A 468 -47.01 -60.07 45.54
CA SER A 468 -45.55 -60.15 45.76
C SER A 468 -44.83 -61.11 44.82
N GLN A 469 -45.44 -62.28 44.53
CA GLN A 469 -44.86 -63.31 43.65
C GLN A 469 -45.10 -63.06 42.15
N GLU A 470 -46.08 -62.17 41.81
CA GLU A 470 -46.39 -61.84 40.41
C GLU A 470 -45.27 -61.06 39.71
N ARG A 471 -44.43 -60.34 40.49
CA ARG A 471 -43.29 -59.54 40.01
C ARG A 471 -42.16 -60.42 39.46
N LYS A 472 -42.05 -61.68 39.95
CA LYS A 472 -41.05 -62.67 39.52
C LYS A 472 -41.29 -63.13 38.08
N PHE A 473 -42.57 -63.16 37.64
CA PHE A 473 -42.99 -63.53 36.29
C PHE A 473 -42.59 -62.40 35.33
N ASP A 474 -42.88 -61.14 35.72
CA ASP A 474 -42.61 -59.91 34.95
C ASP A 474 -41.13 -59.65 34.73
N PHE A 475 -40.28 -60.02 35.71
CA PHE A 475 -38.83 -59.85 35.62
C PHE A 475 -38.18 -60.80 34.63
N LYS A 476 -38.65 -62.07 34.57
CA LYS A 476 -38.13 -63.08 33.65
C LYS A 476 -38.49 -62.76 32.19
N ARG A 477 -39.60 -62.01 32.01
CA ARG A 477 -40.09 -61.51 30.73
C ARG A 477 -39.17 -60.35 30.27
N PHE A 478 -38.77 -59.49 31.23
CA PHE A 478 -37.91 -58.32 31.05
C PHE A 478 -36.47 -58.73 30.76
N ALA A 479 -35.95 -59.73 31.49
CA ALA A 479 -34.59 -60.25 31.34
C ALA A 479 -34.41 -61.00 30.01
N ALA A 480 -35.52 -61.48 29.42
CA ALA A 480 -35.55 -62.19 28.14
C ALA A 480 -35.23 -61.24 26.96
N ARG A 481 -35.28 -59.91 27.19
CA ARG A 481 -34.97 -58.89 26.20
C ARG A 481 -33.45 -58.76 26.01
N PHE A 482 -32.66 -59.20 27.00
CA PHE A 482 -31.19 -59.14 27.01
C PHE A 482 -30.53 -60.45 26.56
N THR A 483 -31.36 -61.49 26.32
CA THR A 483 -30.90 -62.82 25.88
C THR A 483 -30.55 -62.90 24.37
N PRO A 484 -31.21 -62.15 23.42
CA PRO A 484 -30.85 -62.30 21.99
C PRO A 484 -29.40 -61.97 21.65
N GLN A 485 -28.95 -62.52 20.51
CA GLN A 485 -27.62 -62.43 19.91
C GLN A 485 -27.01 -61.02 19.87
N GLY A 486 -27.83 -60.02 19.58
CA GLY A 486 -27.44 -58.61 19.50
C GLY A 486 -26.89 -58.05 20.80
N VAL A 487 -27.58 -58.35 21.92
CA VAL A 487 -27.22 -57.92 23.28
C VAL A 487 -25.95 -58.68 23.73
N VAL A 488 -25.87 -59.97 23.38
CA VAL A 488 -24.75 -60.86 23.70
C VAL A 488 -23.45 -60.36 23.03
N ASP A 489 -23.49 -60.13 21.70
CA ASP A 489 -22.36 -59.64 20.90
C ASP A 489 -21.79 -58.30 21.37
N THR A 490 -22.68 -57.37 21.80
CA THR A 490 -22.33 -56.04 22.31
C THR A 490 -21.53 -56.15 23.62
N PHE A 491 -21.90 -57.11 24.49
CA PHE A 491 -21.21 -57.36 25.75
C PHE A 491 -19.87 -58.07 25.51
N VAL A 492 -19.83 -58.94 24.47
CA VAL A 492 -18.65 -59.68 24.04
C VAL A 492 -17.58 -58.70 23.53
N THR A 493 -17.98 -57.74 22.66
CA THR A 493 -17.10 -56.71 22.11
C THR A 493 -16.58 -55.76 23.21
N PHE A 494 -17.35 -55.60 24.31
CA PHE A 494 -16.96 -54.79 25.47
C PHE A 494 -15.88 -55.52 26.27
N THR A 495 -16.03 -56.85 26.41
CA THR A 495 -15.10 -57.73 27.13
C THR A 495 -13.73 -57.77 26.43
N LYS A 496 -13.69 -57.54 25.10
CA LYS A 496 -12.46 -57.52 24.28
C LYS A 496 -11.42 -56.51 24.78
N TYR A 497 -11.87 -55.43 25.44
CA TYR A 497 -11.02 -54.37 25.99
C TYR A 497 -10.54 -54.66 27.43
N TYR A 498 -10.61 -55.93 27.88
CA TYR A 498 -10.22 -56.40 29.22
C TYR A 498 -8.86 -55.90 29.74
N ARG A 499 -7.91 -55.65 28.82
CA ARG A 499 -6.56 -55.16 29.13
C ARG A 499 -6.57 -53.70 29.64
N ASP A 500 -7.61 -52.93 29.25
CA ASP A 500 -7.77 -51.52 29.64
C ASP A 500 -8.89 -51.28 30.66
N LEU A 501 -9.87 -52.23 30.76
CA LEU A 501 -11.01 -52.14 31.68
C LEU A 501 -10.59 -52.19 33.15
N ASP A 502 -11.24 -51.35 33.99
CA ASP A 502 -10.99 -51.31 35.43
C ASP A 502 -11.83 -52.36 36.16
N ASP A 503 -11.64 -52.50 37.49
CA ASP A 503 -12.34 -53.46 38.34
C ASP A 503 -13.87 -53.41 38.22
N SER A 504 -14.46 -52.19 38.26
CA SER A 504 -15.91 -52.00 38.13
C SER A 504 -16.41 -52.29 36.72
N GLN A 505 -15.56 -52.00 35.70
CA GLN A 505 -15.86 -52.24 34.28
C GLN A 505 -15.89 -53.74 33.99
N LEU A 506 -15.02 -54.51 34.67
CA LEU A 506 -14.93 -55.97 34.54
C LEU A 506 -16.11 -56.65 35.23
N LYS A 507 -16.63 -56.05 36.33
CA LYS A 507 -17.78 -56.54 37.11
C LYS A 507 -19.04 -56.60 36.26
N ARG A 508 -19.26 -55.58 35.40
CA ARG A 508 -20.42 -55.48 34.51
C ARG A 508 -20.46 -56.67 33.53
N ALA A 509 -19.32 -56.94 32.86
CA ALA A 509 -19.16 -58.04 31.92
C ALA A 509 -19.26 -59.39 32.63
N HIS A 510 -18.66 -59.48 33.84
CA HIS A 510 -18.69 -60.69 34.66
C HIS A 510 -20.12 -61.03 35.07
N ARG A 511 -20.85 -60.05 35.66
CA ARG A 511 -22.21 -60.23 36.14
C ARG A 511 -23.24 -60.46 35.02
N TYR A 512 -22.93 -60.04 33.77
CA TYR A 512 -23.83 -60.27 32.64
C TYR A 512 -23.75 -61.72 32.18
N PHE A 513 -22.51 -62.23 31.99
CA PHE A 513 -22.26 -63.61 31.58
C PHE A 513 -22.65 -64.59 32.68
N TYR A 514 -22.47 -64.17 33.96
CA TYR A 514 -22.86 -64.95 35.15
C TYR A 514 -24.39 -65.02 35.18
N ARG A 515 -25.07 -63.97 34.67
CA ARG A 515 -26.54 -63.91 34.60
C ARG A 515 -27.07 -64.78 33.45
N VAL A 516 -26.24 -65.08 32.42
CA VAL A 516 -26.62 -65.92 31.27
C VAL A 516 -26.77 -67.39 31.72
N ALA A 517 -25.73 -67.94 32.42
CA ALA A 517 -25.73 -69.31 32.95
C ALA A 517 -26.77 -69.43 34.07
N PHE A 518 -26.91 -68.37 34.90
CA PHE A 518 -27.87 -68.29 36.00
C PHE A 518 -29.15 -67.53 35.58
N LYS A 519 -29.76 -68.05 34.50
CA LYS A 519 -31.00 -67.62 33.84
C LYS A 519 -31.71 -68.91 33.41
N GLN A 520 -30.98 -70.06 33.55
CA GLN A 520 -31.34 -71.43 33.15
C GLN A 520 -31.24 -71.57 31.62
N GLU A 521 -30.62 -70.56 30.98
CA GLU A 521 -30.40 -70.44 29.53
C GLU A 521 -29.31 -71.42 29.04
N MET A 522 -28.50 -71.98 29.98
CA MET A 522 -27.39 -72.93 29.73
C MET A 522 -26.26 -72.34 28.86
N SER A 523 -26.25 -71.00 28.69
CA SER A 523 -25.29 -70.20 27.92
C SER A 523 -25.09 -70.72 26.49
N VAL A 524 -26.20 -71.08 25.82
CA VAL A 524 -26.26 -71.57 24.43
C VAL A 524 -25.83 -70.44 23.50
N MET A 525 -26.20 -69.20 23.86
CA MET A 525 -25.88 -67.97 23.14
C MET A 525 -24.37 -67.71 23.19
N LEU A 526 -23.75 -67.98 24.36
CA LEU A 526 -22.31 -67.80 24.57
C LEU A 526 -21.43 -68.77 23.76
N PHE A 527 -21.99 -69.93 23.34
CA PHE A 527 -21.26 -70.91 22.55
C PHE A 527 -21.08 -70.48 21.09
N ARG A 528 -19.89 -69.92 20.82
CA ARG A 528 -19.42 -69.42 19.53
C ARG A 528 -17.90 -69.37 19.58
N LEU A 529 -17.24 -69.83 18.50
CA LEU A 529 -15.78 -69.88 18.37
C LEU A 529 -15.07 -68.59 18.77
N ASP A 530 -15.54 -67.43 18.26
CA ASP A 530 -14.97 -66.10 18.54
C ASP A 530 -15.12 -65.72 20.02
N ILE A 531 -16.26 -66.11 20.64
CA ILE A 531 -16.55 -65.84 22.06
C ILE A 531 -15.70 -66.74 22.96
N ILE A 532 -15.63 -68.05 22.64
CA ILE A 532 -14.84 -69.06 23.37
C ILE A 532 -13.33 -68.74 23.28
N HIS A 533 -12.87 -68.24 22.11
CA HIS A 533 -11.49 -67.83 21.85
C HIS A 533 -11.04 -66.78 22.87
N LEU A 534 -11.79 -65.66 22.97
CA LEU A 534 -11.56 -64.53 23.86
C LEU A 534 -11.43 -64.94 25.33
N PHE A 535 -12.40 -65.74 25.84
CA PHE A 535 -12.44 -66.21 27.23
C PHE A 535 -11.21 -67.00 27.63
N TYR A 536 -10.69 -67.85 26.72
CA TYR A 536 -9.51 -68.68 26.96
C TYR A 536 -8.23 -67.85 27.12
N ASN A 537 -7.81 -67.12 26.06
CA ASN A 537 -6.60 -66.30 26.06
C ASN A 537 -6.64 -65.13 27.07
N MET A 538 -7.83 -64.84 27.63
CA MET A 538 -8.04 -63.81 28.66
C MET A 538 -7.34 -64.23 29.95
N ILE A 539 -7.45 -65.53 30.32
CA ILE A 539 -6.84 -66.10 31.51
C ILE A 539 -5.49 -66.73 31.15
N LYS A 540 -5.48 -67.64 30.15
CA LYS A 540 -4.27 -68.33 29.72
C LYS A 540 -4.00 -68.15 28.23
N GLY A 541 -3.14 -67.19 27.90
CA GLY A 541 -2.75 -66.85 26.53
C GLY A 541 -1.74 -65.72 26.46
N PRO A 542 -1.84 -64.81 25.45
CA PRO A 542 -0.86 -63.72 25.36
C PRO A 542 -1.05 -62.64 26.42
N GLU A 543 -2.32 -62.27 26.72
CA GLU A 543 -2.67 -61.27 27.72
C GLU A 543 -3.27 -61.99 28.94
N PRO A 544 -2.46 -62.23 30.01
CA PRO A 544 -2.98 -63.00 31.16
C PRO A 544 -3.94 -62.29 32.11
N LEU A 545 -4.30 -60.99 31.85
CA LEU A 545 -5.23 -60.18 32.67
C LEU A 545 -4.70 -59.91 34.12
N ASP A 546 -3.44 -60.32 34.41
CA ASP A 546 -2.74 -60.19 35.70
C ASP A 546 -3.40 -61.05 36.78
N LYS A 547 -2.69 -62.09 37.25
CA LYS A 547 -3.15 -63.02 38.28
C LYS A 547 -3.39 -62.37 39.65
N ASN A 548 -2.69 -61.24 39.94
CA ASN A 548 -2.80 -60.49 41.20
C ASN A 548 -4.08 -59.64 41.31
N SER A 549 -4.78 -59.41 40.17
CA SER A 549 -6.03 -58.62 40.11
C SER A 549 -7.18 -59.31 40.88
N PRO A 550 -8.02 -58.57 41.64
CA PRO A 550 -9.12 -59.21 42.38
C PRO A 550 -10.21 -59.79 41.47
N MET A 551 -10.37 -59.21 40.27
CA MET A 551 -11.35 -59.65 39.27
C MET A 551 -10.92 -60.90 38.51
N TYR A 552 -9.59 -61.18 38.43
CA TYR A 552 -9.02 -62.34 37.74
C TYR A 552 -9.53 -63.66 38.31
N LYS A 553 -9.52 -63.80 39.65
CA LYS A 553 -9.95 -65.00 40.36
C LYS A 553 -11.43 -65.32 40.14
N GLU A 554 -12.27 -64.27 40.00
CA GLU A 554 -13.70 -64.40 39.73
C GLU A 554 -13.93 -64.81 38.28
N TRP A 555 -13.13 -64.24 37.36
CA TRP A 555 -13.18 -64.52 35.92
C TRP A 555 -12.67 -65.91 35.56
N GLU A 556 -11.61 -66.37 36.25
CA GLU A 556 -11.00 -67.70 36.08
C GLU A 556 -12.02 -68.78 36.45
N GLU A 557 -12.79 -68.55 37.54
CA GLU A 557 -13.85 -69.42 38.03
C GLU A 557 -15.03 -69.40 37.05
N LEU A 558 -15.32 -68.23 36.46
CA LEU A 558 -16.42 -68.01 35.52
C LEU A 558 -16.17 -68.73 34.18
N VAL A 559 -15.03 -68.44 33.51
CA VAL A 559 -14.63 -69.02 32.22
C VAL A 559 -14.62 -70.55 32.27
N ARG A 560 -14.08 -71.14 33.37
CA ARG A 560 -14.02 -72.57 33.60
C ARG A 560 -15.42 -73.20 33.67
N GLN A 561 -16.39 -72.52 34.31
CA GLN A 561 -17.78 -72.97 34.43
C GLN A 561 -18.50 -72.95 33.09
N ILE A 562 -18.22 -71.94 32.23
CA ILE A 562 -18.80 -71.79 30.89
C ILE A 562 -18.23 -72.88 29.96
N LEU A 563 -16.90 -73.11 30.03
CA LEU A 563 -16.21 -74.12 29.23
C LEU A 563 -16.58 -75.55 29.65
N LYS A 564 -16.98 -75.75 30.93
CA LYS A 564 -17.42 -77.04 31.45
C LYS A 564 -18.71 -77.48 30.76
N ARG A 565 -19.65 -76.52 30.59
CA ARG A 565 -20.93 -76.73 29.92
C ARG A 565 -20.75 -76.83 28.39
N CYS A 566 -19.67 -76.21 27.87
CA CYS A 566 -19.31 -76.22 26.46
C CYS A 566 -18.92 -77.61 25.98
N ILE A 567 -18.03 -78.30 26.73
CA ILE A 567 -17.55 -79.65 26.44
C ILE A 567 -18.73 -80.64 26.57
N ARG A 568 -19.55 -80.49 27.63
CA ARG A 568 -20.73 -81.32 27.93
C ARG A 568 -21.81 -81.22 26.86
N LYS A 569 -22.06 -80.01 26.31
CA LYS A 569 -23.09 -79.81 25.27
C LYS A 569 -22.67 -80.36 23.90
N LEU A 570 -21.34 -80.53 23.66
CA LEU A 570 -20.85 -81.11 22.41
C LEU A 570 -21.10 -82.63 22.40
N GLU A 571 -20.98 -83.26 23.58
CA GLU A 571 -21.22 -84.70 23.80
C GLU A 571 -22.72 -84.97 23.73
N GLU A 572 -23.53 -84.10 24.36
CA GLU A 572 -25.00 -84.17 24.42
C GLU A 572 -25.65 -84.03 23.05
N ARG A 573 -25.21 -83.03 22.26
CA ARG A 573 -25.73 -82.78 20.91
C ARG A 573 -24.60 -82.58 19.91
N PRO A 574 -24.45 -83.46 18.88
CA PRO A 574 -23.36 -83.28 17.90
C PRO A 574 -23.58 -82.16 16.90
N ALA A 575 -24.81 -81.59 16.86
CA ALA A 575 -25.19 -80.48 15.98
C ALA A 575 -24.49 -79.17 16.37
N LEU A 576 -24.03 -79.08 17.64
CA LEU A 576 -23.32 -77.92 18.21
C LEU A 576 -21.99 -77.61 17.51
N PHE A 577 -21.35 -78.65 16.91
CA PHE A 577 -20.09 -78.54 16.18
C PHE A 577 -20.28 -77.72 14.89
N THR A 578 -21.44 -77.88 14.24
CA THR A 578 -21.81 -77.19 13.00
C THR A 578 -22.58 -75.88 13.26
N GLU A 579 -23.34 -75.83 14.36
CA GLU A 579 -24.14 -74.65 14.74
C GLU A 579 -23.40 -73.70 15.71
N ILE A 580 -22.05 -73.73 15.67
CA ILE A 580 -21.17 -72.87 16.47
C ILE A 580 -21.06 -71.46 15.85
N LEU A 581 -21.76 -71.24 14.73
CA LEU A 581 -21.81 -69.99 13.96
C LEU A 581 -22.46 -68.81 14.68
N PHE A 582 -23.40 -69.06 15.64
CA PHE A 582 -24.11 -68.04 16.44
C PHE A 582 -25.15 -67.24 15.62
N SER A 583 -25.24 -67.51 14.30
CA SER A 583 -26.19 -66.87 13.37
C SER A 583 -27.65 -67.26 13.70
N LYS A 584 -27.83 -68.20 14.64
CA LYS A 584 -29.10 -68.74 15.17
C LYS A 584 -29.98 -67.67 15.86
N ILE A 585 -31.19 -68.06 16.29
CA ILE A 585 -32.14 -67.21 17.01
C ILE A 585 -32.56 -67.86 18.36
N ASN A 586 -33.48 -67.21 19.11
CA ASN A 586 -33.96 -67.70 20.41
C ASN A 586 -34.77 -69.01 20.36
N SER A 587 -35.37 -69.34 19.20
CA SER A 587 -36.17 -70.57 19.05
C SER A 587 -35.29 -71.81 18.83
N THR A 588 -34.20 -71.66 18.05
CA THR A 588 -33.24 -72.74 17.76
C THR A 588 -32.32 -73.02 18.95
N ALA A 589 -32.11 -72.00 19.81
CA ALA A 589 -31.28 -72.09 21.02
C ALA A 589 -31.97 -72.91 22.11
N TYR A 590 -33.32 -72.80 22.21
CA TYR A 590 -34.16 -73.53 23.16
C TYR A 590 -34.16 -75.04 22.84
N TYR A 591 -34.04 -75.37 21.54
CA TYR A 591 -33.97 -76.75 21.03
C TYR A 591 -32.69 -77.42 21.55
N LEU A 592 -31.57 -76.65 21.60
CA LEU A 592 -30.27 -77.11 22.06
C LEU A 592 -30.21 -77.31 23.58
N GLU A 593 -30.78 -76.38 24.37
CA GLU A 593 -30.76 -76.46 25.84
C GLU A 593 -31.62 -77.63 26.36
N LYS B 23 -21.77 -64.95 -2.81
CA LYS B 23 -20.42 -64.43 -2.99
C LYS B 23 -19.42 -65.52 -3.38
N LEU B 24 -18.39 -65.14 -4.16
CA LEU B 24 -17.31 -66.03 -4.61
C LEU B 24 -16.37 -66.41 -3.45
N ASP B 25 -16.17 -65.48 -2.51
CA ASP B 25 -15.33 -65.67 -1.32
C ASP B 25 -16.02 -66.56 -0.27
N ASP B 26 -17.36 -66.44 -0.16
CA ASP B 26 -18.20 -67.21 0.76
C ASP B 26 -18.66 -68.54 0.13
N GLN B 27 -18.32 -68.79 -1.15
CA GLN B 27 -18.66 -69.99 -1.90
C GLN B 27 -18.00 -71.26 -1.37
N ARG B 28 -16.93 -71.13 -0.54
CA ARG B 28 -16.21 -72.24 0.08
C ARG B 28 -17.12 -73.03 1.04
N LEU B 29 -18.11 -72.32 1.64
CA LEU B 29 -19.12 -72.89 2.54
C LEU B 29 -20.22 -73.54 1.69
N LEU B 30 -20.63 -72.85 0.59
CA LEU B 30 -21.66 -73.30 -0.36
C LEU B 30 -21.26 -74.58 -1.09
N SER B 31 -19.96 -74.73 -1.40
CA SER B 31 -19.35 -75.86 -2.12
C SER B 31 -19.51 -77.22 -1.43
N GLU B 32 -19.77 -77.21 -0.10
CA GLU B 32 -19.94 -78.40 0.76
C GLU B 32 -18.67 -79.27 0.76
N LYS B 33 -17.56 -78.68 1.22
CA LYS B 33 -16.24 -79.33 1.33
C LYS B 33 -15.77 -79.26 2.79
N GLY B 34 -16.06 -78.13 3.45
CA GLY B 34 -15.70 -77.86 4.84
C GLY B 34 -16.70 -78.39 5.85
N ILE B 35 -18.00 -78.17 5.59
CA ILE B 35 -19.10 -78.60 6.47
C ILE B 35 -19.23 -80.15 6.58
N PRO B 36 -19.10 -80.97 5.49
CA PRO B 36 -19.19 -82.43 5.68
C PRO B 36 -18.03 -83.02 6.48
N LYS B 37 -16.93 -82.25 6.62
CA LYS B 37 -15.76 -82.68 7.42
C LYS B 37 -15.97 -82.30 8.89
N LEU B 38 -16.90 -81.35 9.17
CA LEU B 38 -17.24 -80.94 10.54
C LEU B 38 -18.15 -81.96 11.24
N ARG B 39 -18.85 -82.80 10.46
CA ARG B 39 -19.72 -83.87 10.96
C ARG B 39 -18.98 -85.22 10.99
N LYS B 40 -17.89 -85.33 10.21
CA LYS B 40 -17.07 -86.55 10.09
C LYS B 40 -15.79 -86.53 10.92
N MET B 41 -15.09 -85.37 11.02
CA MET B 41 -13.82 -85.27 11.77
C MET B 41 -13.98 -84.93 13.25
N ALA B 42 -15.09 -84.28 13.65
CA ALA B 42 -15.34 -83.90 15.05
C ALA B 42 -15.45 -85.10 16.02
N PRO B 43 -16.33 -86.13 15.81
CA PRO B 43 -16.34 -87.27 16.76
C PRO B 43 -15.17 -88.24 16.56
N ARG B 44 -14.52 -88.18 15.37
CA ARG B 44 -13.38 -88.99 14.92
C ARG B 44 -12.16 -88.85 15.85
N LEU B 45 -11.87 -87.62 16.29
CA LEU B 45 -10.74 -87.31 17.18
C LEU B 45 -10.97 -87.74 18.63
N LYS B 46 -12.22 -87.59 19.15
CA LYS B 46 -12.66 -87.94 20.52
C LYS B 46 -11.77 -87.31 21.64
N PHE B 47 -11.09 -86.21 21.28
CA PHE B 47 -10.18 -85.43 22.11
C PHE B 47 -10.92 -84.63 23.22
N LYS B 48 -11.58 -85.34 24.14
CA LYS B 48 -12.35 -84.73 25.22
C LYS B 48 -11.96 -85.23 26.61
N GLY B 49 -11.77 -84.29 27.52
CA GLY B 49 -11.44 -84.52 28.92
C GLY B 49 -12.27 -83.61 29.80
N LYS B 50 -13.17 -84.19 30.61
CA LYS B 50 -14.09 -83.45 31.48
C LYS B 50 -13.40 -82.68 32.64
N GLY B 51 -12.23 -83.17 33.07
CA GLY B 51 -11.45 -82.57 34.14
C GLY B 51 -10.79 -81.25 33.77
N HIS B 52 -10.28 -81.16 32.53
CA HIS B 52 -9.63 -79.96 32.00
C HIS B 52 -10.56 -79.13 31.13
N GLU B 53 -10.49 -77.81 31.27
CA GLU B 53 -11.28 -76.86 30.50
C GLU B 53 -10.40 -76.20 29.45
N PHE B 54 -9.21 -75.71 29.87
CA PHE B 54 -8.23 -75.01 29.04
C PHE B 54 -7.58 -75.87 27.94
N SER B 55 -7.05 -77.06 28.29
CA SER B 55 -6.39 -77.96 27.34
C SER B 55 -7.36 -78.55 26.33
N ASP B 56 -8.62 -78.81 26.76
CA ASP B 56 -9.68 -79.35 25.91
C ASP B 56 -10.14 -78.30 24.89
N THR B 57 -10.27 -77.02 25.33
CA THR B 57 -10.68 -75.93 24.44
C THR B 57 -9.52 -75.52 23.53
N ALA B 58 -8.25 -75.74 23.96
CA ALA B 58 -7.04 -75.44 23.17
C ALA B 58 -6.91 -76.43 22.01
N ARG B 59 -7.31 -77.69 22.24
CA ARG B 59 -7.30 -78.76 21.23
C ARG B 59 -8.43 -78.48 20.22
N LEU B 60 -9.56 -77.92 20.72
CA LEU B 60 -10.73 -77.53 19.94
C LEU B 60 -10.37 -76.36 19.01
N LEU B 61 -9.66 -75.34 19.55
CA LEU B 61 -9.22 -74.16 18.80
C LEU B 61 -8.18 -74.51 17.75
N SER B 62 -7.29 -75.49 18.04
CA SER B 62 -6.26 -75.97 17.12
C SER B 62 -6.90 -76.78 15.97
N PHE B 63 -8.01 -77.47 16.26
CA PHE B 63 -8.78 -78.28 15.30
C PHE B 63 -9.48 -77.40 14.27
N TYR B 64 -10.07 -76.27 14.72
CA TYR B 64 -10.75 -75.31 13.85
C TYR B 64 -9.77 -74.44 13.07
N GLN B 65 -8.61 -74.11 13.68
CA GLN B 65 -7.53 -73.29 13.07
C GLN B 65 -6.93 -74.04 11.87
N GLU B 66 -6.83 -75.38 11.98
CA GLU B 66 -6.33 -76.29 10.95
C GLU B 66 -7.32 -76.30 9.77
N TRP B 67 -8.63 -76.43 10.07
CA TRP B 67 -9.73 -76.46 9.12
C TRP B 67 -9.86 -75.13 8.35
N LEU B 68 -9.66 -74.00 9.05
CA LEU B 68 -9.73 -72.66 8.45
C LEU B 68 -8.57 -72.40 7.50
N ASP B 69 -7.38 -72.94 7.82
CA ASP B 69 -6.17 -72.80 7.00
C ASP B 69 -6.31 -73.60 5.69
N ASP B 70 -6.98 -74.77 5.75
CA ASP B 70 -7.24 -75.63 4.59
C ASP B 70 -8.34 -75.05 3.69
N LEU B 71 -9.32 -74.34 4.29
CA LEU B 71 -10.41 -73.67 3.58
C LEU B 71 -9.84 -72.48 2.80
N PHE B 72 -9.17 -71.55 3.50
CA PHE B 72 -8.54 -70.38 2.90
C PHE B 72 -7.29 -69.97 3.69
N PRO B 73 -6.07 -70.17 3.13
CA PRO B 73 -4.86 -69.75 3.84
C PRO B 73 -4.59 -68.25 3.71
N LYS B 74 -3.55 -67.75 4.42
CA LYS B 74 -3.10 -66.35 4.47
C LYS B 74 -4.18 -65.39 5.02
N ALA B 75 -4.97 -65.86 6.01
CA ALA B 75 -6.04 -65.11 6.67
C ALA B 75 -5.93 -65.22 8.19
N THR B 76 -6.17 -64.08 8.90
CA THR B 76 -6.11 -63.99 10.36
C THR B 76 -7.22 -64.85 10.98
N PHE B 77 -6.91 -65.56 12.08
CA PHE B 77 -7.83 -66.45 12.80
C PHE B 77 -9.12 -65.75 13.24
N LEU B 78 -9.01 -64.59 13.91
CA LEU B 78 -10.14 -63.79 14.38
C LEU B 78 -10.97 -63.22 13.21
N ASP B 79 -10.28 -62.83 12.12
CA ASP B 79 -10.90 -62.28 10.90
C ASP B 79 -11.65 -63.37 10.12
N ALA B 80 -11.16 -64.63 10.20
CA ALA B 80 -11.76 -65.78 9.52
C ALA B 80 -13.09 -66.19 10.16
N LEU B 81 -13.15 -66.23 11.51
CA LEU B 81 -14.33 -66.61 12.30
C LEU B 81 -15.52 -65.69 12.06
N ALA B 82 -15.26 -64.37 11.95
CA ALA B 82 -16.28 -63.34 11.71
C ALA B 82 -16.89 -63.46 10.30
N MET B 83 -16.10 -63.96 9.33
CA MET B 83 -16.55 -64.15 7.95
C MET B 83 -17.48 -65.37 7.82
N VAL B 84 -17.34 -66.36 8.72
CA VAL B 84 -18.15 -67.58 8.76
C VAL B 84 -19.58 -67.26 9.27
N GLU B 85 -19.68 -66.50 10.38
CA GLU B 85 -20.98 -66.11 10.97
C GLU B 85 -21.80 -65.19 10.07
N LYS B 86 -21.14 -64.29 9.31
CA LYS B 86 -21.81 -63.38 8.38
C LYS B 86 -22.41 -64.18 7.20
N ALA B 87 -21.71 -65.25 6.77
CA ALA B 87 -22.14 -66.16 5.71
C ALA B 87 -23.32 -67.02 6.16
N GLY B 88 -23.38 -67.32 7.45
CA GLY B 88 -24.43 -68.12 8.07
C GLY B 88 -25.83 -67.51 8.04
N HIS B 89 -25.90 -66.16 8.04
CA HIS B 89 -27.15 -65.40 8.00
C HIS B 89 -27.88 -65.50 6.65
N LYS B 90 -27.16 -65.87 5.57
CA LYS B 90 -27.69 -66.02 4.21
C LYS B 90 -28.80 -67.07 4.13
N THR B 91 -29.83 -66.80 3.30
CA THR B 91 -30.99 -67.67 3.09
C THR B 91 -30.62 -69.06 2.55
N THR B 92 -29.64 -69.13 1.63
CA THR B 92 -29.16 -70.37 1.01
C THR B 92 -28.42 -71.25 2.03
N VAL B 93 -27.62 -70.61 2.90
CA VAL B 93 -26.82 -71.28 3.95
C VAL B 93 -27.75 -71.76 5.08
N ARG B 94 -28.77 -70.94 5.45
CA ARG B 94 -29.74 -71.24 6.50
C ARG B 94 -30.52 -72.55 6.21
N ASN B 95 -30.90 -72.78 4.94
CA ASN B 95 -31.61 -73.99 4.52
C ASN B 95 -30.72 -75.22 4.64
N ALA B 96 -29.40 -75.06 4.36
CA ALA B 96 -28.40 -76.12 4.45
C ALA B 96 -28.04 -76.46 5.89
N ARG B 97 -28.08 -75.46 6.80
CA ARG B 97 -27.79 -75.64 8.22
C ARG B 97 -28.89 -76.40 8.96
N LEU B 98 -30.16 -76.20 8.54
CA LEU B 98 -31.34 -76.86 9.09
C LEU B 98 -31.38 -78.38 8.82
N LYS B 99 -30.53 -78.84 7.88
CA LYS B 99 -30.39 -80.25 7.50
C LYS B 99 -29.61 -81.01 8.59
N TRP B 100 -28.56 -80.37 9.16
CA TRP B 100 -27.71 -80.94 10.22
C TRP B 100 -28.43 -81.17 11.55
N ILE B 101 -29.41 -80.30 11.90
CA ILE B 101 -30.15 -80.42 13.16
C ILE B 101 -31.21 -81.55 13.09
N ASP B 102 -31.69 -81.89 11.88
CA ASP B 102 -32.68 -82.94 11.64
C ASP B 102 -32.10 -84.36 11.88
N GLU B 103 -30.76 -84.52 11.75
CA GLU B 103 -30.05 -85.79 11.98
C GLU B 103 -30.12 -86.26 13.43
N LEU B 104 -30.35 -85.33 14.38
CA LEU B 104 -30.45 -85.58 15.81
C LEU B 104 -31.78 -86.22 16.21
N ARG B 105 -32.89 -85.76 15.58
CA ARG B 105 -34.26 -86.21 15.83
C ARG B 105 -34.51 -87.69 15.49
N PRO B 106 -35.23 -88.46 16.36
CA PRO B 106 -35.47 -89.89 16.04
C PRO B 106 -36.68 -90.11 15.13
N GLY C 11 27.14 7.65 -23.27
CA GLY C 11 28.51 7.52 -23.74
C GLY C 11 29.54 7.70 -22.63
N LEU C 12 29.55 8.90 -22.02
CA LEU C 12 30.45 9.25 -20.93
C LEU C 12 29.71 9.72 -19.68
N GLU C 13 28.62 10.51 -19.85
CA GLU C 13 27.79 11.04 -18.76
C GLU C 13 26.31 11.16 -19.17
N VAL C 14 25.42 10.48 -18.42
CA VAL C 14 23.97 10.45 -18.63
C VAL C 14 23.22 10.11 -17.34
N LEU C 15 21.98 10.62 -17.19
CA LEU C 15 21.12 10.40 -16.01
C LEU C 15 20.65 8.95 -15.88
N PHE C 16 20.66 8.43 -14.65
CA PHE C 16 20.25 7.05 -14.33
C PHE C 16 18.74 6.95 -14.08
N GLN C 17 18.03 6.25 -14.99
CA GLN C 17 16.59 6.04 -14.92
C GLN C 17 16.19 4.65 -15.43
N ASN C 26 4.72 2.38 -2.84
CA ASN C 26 3.41 2.54 -2.17
C ASN C 26 3.51 3.31 -0.85
N ASP C 27 2.50 4.14 -0.56
CA ASP C 27 2.46 4.94 0.67
C ASP C 27 2.14 4.10 1.91
N VAL C 28 2.93 4.29 2.97
CA VAL C 28 2.78 3.59 4.25
C VAL C 28 1.87 4.38 5.22
N VAL C 29 1.46 5.62 4.82
CA VAL C 29 0.58 6.50 5.61
C VAL C 29 -0.79 5.88 5.83
N HIS C 30 -1.39 6.10 7.00
CA HIS C 30 -2.71 5.55 7.33
C HIS C 30 -3.80 6.27 6.53
N PRO C 31 -4.73 5.54 5.86
CA PRO C 31 -5.82 6.20 5.10
C PRO C 31 -6.72 7.07 5.97
N GLN C 32 -6.74 6.78 7.29
CA GLN C 32 -7.49 7.50 8.32
C GLN C 32 -6.83 8.88 8.49
N VAL C 33 -5.48 8.92 8.49
CA VAL C 33 -4.68 10.15 8.63
C VAL C 33 -4.76 10.94 7.32
N ARG C 34 -4.52 10.27 6.17
CA ARG C 34 -4.56 10.86 4.83
C ARG C 34 -5.91 11.55 4.53
N ALA C 35 -7.03 10.93 4.95
CA ALA C 35 -8.37 11.49 4.76
C ALA C 35 -8.56 12.72 5.65
N HIS C 36 -8.12 12.66 6.92
CA HIS C 36 -8.26 13.77 7.87
C HIS C 36 -7.43 15.00 7.50
N ILE C 37 -6.17 14.79 7.06
CA ILE C 37 -5.28 15.87 6.64
C ILE C 37 -5.85 16.54 5.38
N ASN C 38 -6.41 15.72 4.45
CA ASN C 38 -7.04 16.22 3.23
C ASN C 38 -8.37 16.93 3.52
N SER C 39 -9.02 16.61 4.67
CA SER C 39 -10.25 17.29 5.11
C SER C 39 -9.91 18.72 5.52
N LEU C 40 -8.70 18.92 6.07
CA LEU C 40 -8.20 20.21 6.53
C LEU C 40 -7.69 21.09 5.39
N VAL C 41 -6.93 20.52 4.42
CA VAL C 41 -6.36 21.25 3.28
C VAL C 41 -7.44 21.81 2.33
N SER C 42 -8.61 21.17 2.28
CA SER C 42 -9.74 21.60 1.45
C SER C 42 -10.54 22.69 2.16
N ALA C 43 -10.76 22.53 3.49
CA ALA C 43 -11.52 23.45 4.35
C ALA C 43 -10.80 24.78 4.57
N LEU C 44 -9.47 24.80 4.32
CA LEU C 44 -8.57 25.93 4.44
C LEU C 44 -8.92 27.07 3.47
N GLY C 45 -9.44 26.73 2.30
CA GLY C 45 -9.83 27.66 1.25
C GLY C 45 -9.78 27.06 -0.14
N GLY C 46 -9.99 27.92 -1.15
CA GLY C 46 -10.00 27.46 -2.54
C GLY C 46 -9.89 28.54 -3.60
N ILE C 47 -9.30 28.15 -4.74
CA ILE C 47 -9.10 28.98 -5.93
C ILE C 47 -10.23 28.66 -6.95
N SER C 48 -10.14 29.19 -8.20
CA SER C 48 -11.12 29.03 -9.31
C SER C 48 -12.53 29.51 -8.91
N ILE C 49 -12.63 30.81 -8.59
CA ILE C 49 -13.86 31.46 -8.17
C ILE C 49 -14.47 32.25 -9.34
N ASP C 50 -15.82 32.20 -9.45
CA ASP C 50 -16.65 32.85 -10.46
C ASP C 50 -16.38 34.36 -10.56
N ASP C 51 -16.40 34.90 -11.81
CA ASP C 51 -16.13 36.29 -12.17
C ASP C 51 -14.75 36.76 -11.64
N ASP C 52 -13.72 35.89 -11.85
CA ASP C 52 -12.32 36.04 -11.42
C ASP C 52 -12.21 36.54 -9.97
N GLY C 53 -12.80 35.77 -9.05
CA GLY C 53 -12.84 36.05 -7.62
C GLY C 53 -11.50 35.97 -6.92
N GLY C 54 -10.60 35.15 -7.46
CA GLY C 54 -9.26 34.95 -6.92
C GLY C 54 -9.23 33.79 -5.94
N TYR C 55 -8.84 34.06 -4.69
CA TYR C 55 -8.76 33.06 -3.63
C TYR C 55 -9.69 33.38 -2.46
N LYS C 56 -10.76 32.59 -2.30
CA LYS C 56 -11.72 32.76 -1.22
C LYS C 56 -11.25 31.91 -0.03
N LEU C 57 -10.98 32.59 1.09
CA LEU C 57 -10.50 32.01 2.35
C LEU C 57 -11.60 31.17 3.00
N GLY C 58 -11.21 30.05 3.61
CA GLY C 58 -12.11 29.15 4.30
C GLY C 58 -12.79 29.80 5.49
N ASP C 59 -13.99 29.30 5.86
CA ASP C 59 -14.75 29.87 6.98
C ASP C 59 -14.06 29.64 8.32
N ASP C 60 -13.67 28.40 8.62
CA ASP C 60 -12.95 28.07 9.87
C ASP C 60 -11.45 27.89 9.60
N ALA C 61 -10.90 28.68 8.65
CA ALA C 61 -9.49 28.66 8.22
C ALA C 61 -8.49 28.82 9.36
N LEU C 62 -8.78 29.68 10.35
CA LEU C 62 -7.93 29.92 11.52
C LEU C 62 -7.81 28.66 12.40
N GLU C 63 -8.95 27.97 12.66
CA GLU C 63 -8.98 26.74 13.44
C GLU C 63 -8.30 25.60 12.68
N VAL C 64 -8.48 25.56 11.34
CA VAL C 64 -7.87 24.58 10.43
C VAL C 64 -6.34 24.70 10.50
N LEU C 65 -5.83 25.94 10.47
CA LEU C 65 -4.41 26.27 10.58
C LEU C 65 -3.82 25.93 11.95
N ARG C 66 -4.68 25.88 12.99
CA ARG C 66 -4.31 25.53 14.36
C ARG C 66 -4.29 24.00 14.50
N ASP C 67 -5.29 23.32 13.90
CA ASP C 67 -5.41 21.86 13.94
C ASP C 67 -4.30 21.18 13.16
N LEU C 68 -3.85 21.78 12.04
CA LEU C 68 -2.75 21.26 11.22
C LEU C 68 -1.43 21.37 11.98
N LYS C 69 -1.28 22.42 12.80
CA LYS C 69 -0.11 22.67 13.65
C LYS C 69 -0.06 21.61 14.77
N LYS C 70 -1.25 21.21 15.29
CA LYS C 70 -1.39 20.20 16.33
C LYS C 70 -0.97 18.83 15.79
N TRP C 71 -1.35 18.52 14.53
CA TRP C 71 -1.06 17.25 13.87
C TRP C 71 0.43 17.02 13.53
N ILE C 72 1.23 18.10 13.46
CA ILE C 72 2.66 17.99 13.18
C ILE C 72 3.43 17.77 14.49
N ARG C 73 3.11 18.59 15.52
CA ARG C 73 3.73 18.57 16.84
C ARG C 73 3.35 17.35 17.69
N PHE C 74 2.07 16.97 17.73
CA PHE C 74 1.61 15.89 18.60
C PHE C 74 1.44 14.51 17.95
N TYR C 75 1.36 14.42 16.61
CA TYR C 75 1.22 13.12 15.95
C TYR C 75 2.57 12.57 15.46
N ASP C 76 3.25 13.31 14.56
CA ASP C 76 4.54 12.93 13.97
C ASP C 76 5.64 12.62 15.00
N GLU C 77 5.71 13.41 16.09
CA GLU C 77 6.69 13.26 17.16
C GLU C 77 6.40 12.01 18.01
N LYS C 78 5.14 11.86 18.46
CA LYS C 78 4.70 10.76 19.32
C LYS C 78 4.70 9.39 18.61
N THR C 79 4.11 9.31 17.39
CA THR C 79 4.06 8.05 16.63
C THR C 79 5.40 7.70 15.95
N ASN C 80 6.30 8.70 15.81
CA ASN C 80 7.62 8.60 15.18
C ASN C 80 7.49 8.09 13.72
N ARG C 81 6.62 8.78 12.96
CA ARG C 81 6.28 8.53 11.56
C ARG C 81 6.10 9.90 10.89
N MET C 82 6.53 10.04 9.62
CA MET C 82 6.38 11.29 8.89
C MET C 82 5.08 11.31 8.05
N ASP C 83 3.98 10.79 8.64
CA ASP C 83 2.66 10.67 8.01
C ASP C 83 2.03 12.00 7.59
N VAL C 84 1.92 12.97 8.50
CA VAL C 84 1.27 14.25 8.20
C VAL C 84 2.17 15.16 7.34
N ALA C 85 3.52 15.06 7.50
CA ALA C 85 4.49 15.84 6.74
C ALA C 85 4.49 15.46 5.25
N ARG C 86 4.38 14.14 4.96
CA ARG C 86 4.31 13.57 3.62
C ARG C 86 2.96 13.92 2.98
N CYS C 87 1.88 13.93 3.78
CA CYS C 87 0.52 14.26 3.36
C CYS C 87 0.40 15.71 2.86
N LEU C 88 1.03 16.66 3.60
CA LEU C 88 1.06 18.08 3.26
C LEU C 88 2.00 18.35 2.09
N ALA C 89 2.99 17.47 1.88
CA ALA C 89 3.93 17.55 0.77
C ALA C 89 3.20 17.20 -0.53
N GLU C 90 2.35 16.16 -0.48
CA GLU C 90 1.54 15.70 -1.62
C GLU C 90 0.41 16.69 -1.91
N ALA C 91 -0.09 17.37 -0.85
CA ALA C 91 -1.12 18.40 -0.96
C ALA C 91 -0.51 19.69 -1.49
N ASN C 92 0.80 19.91 -1.18
CA ASN C 92 1.63 21.05 -1.60
C ASN C 92 1.03 22.41 -1.19
N ILE C 93 0.44 22.48 0.02
CA ILE C 93 -0.20 23.68 0.58
C ILE C 93 0.76 24.85 0.73
N VAL C 94 2.01 24.58 1.15
CA VAL C 94 3.10 25.56 1.32
C VAL C 94 3.38 26.30 -0.01
N SER C 95 2.90 25.72 -1.14
CA SER C 95 3.08 26.27 -2.48
C SER C 95 1.76 26.65 -3.19
N THR C 96 0.62 25.98 -2.86
CA THR C 96 -0.65 26.21 -3.53
C THR C 96 -1.73 26.89 -2.66
N ASP C 97 -1.71 26.70 -1.32
CA ASP C 97 -2.74 27.28 -0.47
C ASP C 97 -2.22 28.41 0.43
N LEU C 98 -1.21 28.14 1.29
CA LEU C 98 -0.64 29.08 2.26
C LEU C 98 -0.16 30.40 1.66
N LEU C 99 0.42 30.37 0.46
CA LEU C 99 0.93 31.58 -0.22
C LEU C 99 -0.21 32.50 -0.65
N HIS C 100 -1.35 31.90 -1.07
CA HIS C 100 -2.56 32.63 -1.48
C HIS C 100 -3.23 33.31 -0.29
N ILE C 101 -3.08 32.71 0.92
CA ILE C 101 -3.62 33.20 2.18
C ILE C 101 -2.79 34.40 2.66
N LEU C 102 -1.45 34.31 2.53
CA LEU C 102 -0.51 35.37 2.90
C LEU C 102 -0.61 36.57 1.95
N ALA C 103 -1.10 36.34 0.72
CA ALA C 103 -1.31 37.35 -0.32
C ALA C 103 -2.47 38.29 0.03
N LEU C 104 -3.47 37.78 0.78
CA LEU C 104 -4.66 38.52 1.22
C LEU C 104 -4.32 39.63 2.23
N TRP C 105 -3.32 39.37 3.10
CA TRP C 105 -2.84 40.30 4.11
C TRP C 105 -1.90 41.34 3.49
N THR C 106 -2.48 42.30 2.73
CA THR C 106 -1.77 43.38 2.04
C THR C 106 -1.12 44.39 3.01
N PRO C 107 -0.12 45.23 2.57
CA PRO C 107 0.51 46.18 3.51
C PRO C 107 -0.45 47.16 4.19
N ASN C 108 -1.53 47.56 3.50
CA ASN C 108 -2.57 48.45 4.03
C ASN C 108 -3.52 47.71 4.99
N GLU C 109 -3.62 46.37 4.84
CA GLU C 109 -4.46 45.51 5.67
C GLU C 109 -3.71 44.86 6.86
N ASN C 110 -2.58 45.47 7.28
CA ASN C 110 -1.80 44.98 8.43
C ASN C 110 -2.52 45.25 9.77
N SER C 111 -3.53 46.15 9.75
CA SER C 111 -4.35 46.51 10.90
C SER C 111 -5.35 45.41 11.25
N ASN C 112 -5.72 44.57 10.24
CA ASN C 112 -6.65 43.45 10.40
C ASN C 112 -6.08 42.43 11.37
N LYS C 113 -6.71 42.26 12.55
CA LYS C 113 -6.25 41.33 13.57
C LYS C 113 -6.49 39.87 13.19
N TYR C 114 -7.60 39.59 12.47
CA TYR C 114 -7.93 38.24 11.99
C TYR C 114 -6.96 37.84 10.87
N LYS C 115 -6.70 38.77 9.92
CA LYS C 115 -5.79 38.53 8.79
C LYS C 115 -4.32 38.43 9.22
N ALA C 116 -3.95 39.08 10.33
CA ALA C 116 -2.59 39.02 10.87
C ALA C 116 -2.38 37.71 11.63
N ARG C 117 -3.44 37.20 12.31
CA ARG C 117 -3.39 35.95 13.06
C ARG C 117 -3.33 34.73 12.14
N ILE C 118 -4.06 34.76 11.01
CA ILE C 118 -4.05 33.69 10.01
C ILE C 118 -2.69 33.68 9.28
N ALA C 119 -2.05 34.87 9.14
CA ALA C 119 -0.74 35.04 8.54
C ALA C 119 0.35 34.42 9.42
N LEU C 120 0.23 34.58 10.76
CA LEU C 120 1.15 34.01 11.73
C LEU C 120 1.00 32.49 11.74
N ALA C 121 -0.26 31.99 11.71
CA ALA C 121 -0.61 30.57 11.68
C ALA C 121 -0.02 29.87 10.45
N CYS C 122 0.17 30.62 9.34
CA CYS C 122 0.78 30.15 8.09
C CYS C 122 2.27 29.90 8.32
N PHE C 123 2.96 30.83 9.01
CA PHE C 123 4.37 30.69 9.34
C PHE C 123 4.61 29.70 10.47
N GLU C 124 3.62 29.51 11.35
CA GLU C 124 3.65 28.54 12.45
C GLU C 124 3.57 27.12 11.85
N LEU C 125 3.17 27.02 10.57
CA LEU C 125 3.03 25.81 9.79
C LEU C 125 4.18 25.65 8.81
N MET C 126 4.63 26.77 8.19
CA MET C 126 5.71 26.77 7.20
C MET C 126 7.09 26.52 7.79
N VAL C 127 7.36 27.03 9.00
CA VAL C 127 8.64 26.83 9.69
C VAL C 127 8.91 25.32 9.93
N PRO C 128 8.01 24.52 10.58
CA PRO C 128 8.32 23.08 10.74
C PRO C 128 8.38 22.29 9.43
N LEU C 129 7.63 22.73 8.40
CA LEU C 129 7.60 22.09 7.08
C LEU C 129 8.83 22.36 6.23
N THR C 130 9.43 23.56 6.36
CA THR C 130 10.65 23.94 5.62
C THR C 130 11.91 23.75 6.47
N TRP C 131 11.76 23.18 7.69
CA TRP C 131 12.83 22.91 8.63
C TRP C 131 13.81 21.88 8.07
N PRO C 132 15.16 22.11 8.17
CA PRO C 132 16.12 21.14 7.61
C PRO C 132 16.06 19.77 8.28
N ILE C 133 16.10 18.72 7.45
CA ILE C 133 16.06 17.32 7.86
C ILE C 133 17.43 16.70 7.59
N GLU C 134 18.00 16.06 8.63
CA GLU C 134 19.32 15.42 8.60
C GLU C 134 19.30 14.04 7.90
N LYS C 135 20.46 13.35 7.88
CA LYS C 135 20.60 12.01 7.31
C LYS C 135 20.70 10.94 8.40
N ASP C 136 20.64 11.37 9.68
CA ASP C 136 20.65 10.53 10.88
C ASP C 136 19.20 10.23 11.32
N ARG C 137 18.23 10.90 10.66
CA ARG C 137 16.80 10.79 10.92
C ARG C 137 16.15 9.70 10.07
N GLU C 138 16.61 9.51 8.80
CA GLU C 138 16.10 8.47 7.89
C GLU C 138 16.53 7.09 8.34
N THR C 139 17.63 7.06 9.10
CA THR C 139 18.24 5.86 9.65
C THR C 139 17.57 5.41 10.96
N MET C 140 16.46 6.08 11.37
CA MET C 140 15.71 5.73 12.59
C MET C 140 14.77 4.54 12.35
N THR C 141 13.92 4.62 11.30
CA THR C 141 12.96 3.58 10.92
C THR C 141 12.92 3.46 9.38
N ILE C 142 12.26 2.41 8.84
CA ILE C 142 12.11 2.18 7.40
C ILE C 142 11.19 3.22 6.74
N ASN C 143 10.14 3.68 7.48
CA ASN C 143 9.21 4.70 6.98
C ASN C 143 9.90 6.07 6.86
N HIS C 144 10.85 6.36 7.78
CA HIS C 144 11.67 7.56 7.79
C HIS C 144 12.52 7.60 6.51
N HIS C 145 13.07 6.43 6.12
CA HIS C 145 13.89 6.22 4.94
C HIS C 145 13.06 6.35 3.65
N ARG C 146 11.76 6.03 3.74
CA ARG C 146 10.79 6.10 2.65
C ARG C 146 10.26 7.54 2.44
N HIS C 147 10.05 8.31 3.53
CA HIS C 147 9.50 9.65 3.43
C HIS C 147 10.52 10.78 3.19
N ILE C 148 11.69 10.77 3.89
CA ILE C 148 12.74 11.80 3.78
C ILE C 148 13.13 12.15 2.31
N PRO C 149 13.38 11.18 1.37
CA PRO C 149 13.72 11.57 0.00
C PRO C 149 12.65 12.41 -0.71
N VAL C 150 11.36 12.14 -0.42
CA VAL C 150 10.21 12.85 -0.98
C VAL C 150 10.12 14.25 -0.34
N LEU C 151 10.24 14.30 1.02
CA LEU C 151 10.17 15.51 1.84
C LEU C 151 11.28 16.52 1.51
N GLN C 152 12.50 16.03 1.22
CA GLN C 152 13.66 16.85 0.86
C GLN C 152 13.44 17.55 -0.48
N LEU C 153 12.84 16.83 -1.44
CA LEU C 153 12.50 17.34 -2.76
C LEU C 153 11.32 18.31 -2.68
N ALA C 154 10.40 18.08 -1.72
CA ALA C 154 9.24 18.95 -1.47
C ALA C 154 9.71 20.30 -0.93
N GLN C 155 10.73 20.30 -0.03
CA GLN C 155 11.36 21.49 0.58
C GLN C 155 11.98 22.38 -0.48
N LEU C 156 12.47 21.77 -1.57
CA LEU C 156 13.05 22.50 -2.71
C LEU C 156 11.91 23.15 -3.50
N GLY C 157 10.79 22.45 -3.60
CA GLY C 157 9.58 22.92 -4.28
C GLY C 157 8.90 24.04 -3.52
N TYR C 158 9.05 24.04 -2.18
CA TYR C 158 8.52 25.07 -1.29
C TYR C 158 9.32 26.34 -1.48
N LYS C 159 10.67 26.26 -1.37
CA LYS C 159 11.62 27.36 -1.54
C LYS C 159 11.43 28.05 -2.89
N ARG C 160 11.29 27.25 -3.98
CA ARG C 160 11.08 27.69 -5.35
C ARG C 160 9.83 28.57 -5.48
N ALA C 161 8.73 28.15 -4.85
CA ALA C 161 7.45 28.85 -4.87
C ALA C 161 7.47 30.13 -4.04
N ILE C 162 8.16 30.12 -2.88
CA ILE C 162 8.28 31.27 -1.97
C ILE C 162 9.14 32.38 -2.57
N ILE C 163 10.38 32.03 -3.03
CA ILE C 163 11.36 32.99 -3.58
C ILE C 163 10.86 33.66 -4.88
N ASN C 164 10.03 32.95 -5.68
CA ASN C 164 9.48 33.54 -6.90
C ASN C 164 7.95 33.39 -6.98
N TYR C 165 7.25 34.11 -6.09
CA TYR C 165 5.79 34.22 -6.02
C TYR C 165 5.40 35.60 -6.58
N ASP C 166 4.78 35.58 -7.77
CA ASP C 166 4.35 36.71 -8.57
C ASP C 166 3.33 37.66 -7.90
N ALA C 167 2.32 37.10 -7.21
CA ALA C 167 1.25 37.87 -6.58
C ALA C 167 1.66 38.75 -5.39
N ALA C 168 2.38 38.18 -4.40
CA ALA C 168 2.77 38.91 -3.19
C ALA C 168 4.18 38.60 -2.66
N PRO C 169 4.86 39.55 -1.98
CA PRO C 169 6.19 39.25 -1.43
C PRO C 169 6.11 38.57 -0.06
N ILE C 170 6.20 37.21 -0.03
CA ILE C 170 6.10 36.35 1.16
C ILE C 170 7.17 36.67 2.21
N LEU C 171 8.42 36.85 1.79
CA LEU C 171 9.54 37.16 2.69
C LEU C 171 9.38 38.53 3.36
N SER C 172 8.82 39.50 2.62
CA SER C 172 8.51 40.84 3.11
C SER C 172 7.33 40.76 4.08
N THR C 173 6.36 39.86 3.79
CA THR C 173 5.16 39.58 4.59
C THR C 173 5.58 38.94 5.93
N ALA C 174 6.63 38.08 5.90
CA ALA C 174 7.18 37.42 7.08
C ALA C 174 7.73 38.45 8.07
N VAL C 175 8.50 39.44 7.56
CA VAL C 175 9.11 40.54 8.33
C VAL C 175 8.03 41.35 9.05
N ARG C 176 6.90 41.63 8.36
CA ARG C 176 5.74 42.38 8.87
C ARG C 176 5.04 41.71 10.05
N VAL C 177 5.11 40.36 10.15
CA VAL C 177 4.51 39.58 11.24
C VAL C 177 5.28 39.87 12.55
N ALA C 178 6.62 39.85 12.48
CA ALA C 178 7.52 40.11 13.61
C ALA C 178 7.70 41.59 13.90
N LEU C 179 7.62 42.45 12.87
CA LEU C 179 7.79 43.92 12.92
C LEU C 179 7.11 44.63 14.13
N PRO C 180 5.82 44.43 14.51
CA PRO C 180 5.29 45.15 15.68
C PRO C 180 5.91 44.73 17.02
N ALA C 181 6.25 43.43 17.15
CA ALA C 181 6.89 42.88 18.35
C ALA C 181 8.40 43.19 18.35
N MET C 182 8.93 43.61 17.18
CA MET C 182 10.32 43.98 16.96
C MET C 182 10.55 45.44 17.32
N ALA C 183 9.49 46.27 17.25
CA ALA C 183 9.51 47.70 17.56
C ALA C 183 9.61 47.98 19.07
N MET C 184 8.84 47.22 19.88
CA MET C 184 8.79 47.35 21.34
C MET C 184 10.13 47.00 22.03
N PRO C 185 10.48 47.63 23.18
CA PRO C 185 11.78 47.31 23.82
C PRO C 185 11.87 45.88 24.34
N ILE C 186 13.11 45.36 24.43
CA ILE C 186 13.45 43.99 24.87
C ILE C 186 12.85 43.66 26.27
N GLY C 187 12.81 44.65 27.16
CA GLY C 187 12.23 44.50 28.49
C GLY C 187 10.73 44.35 28.46
N GLU C 188 10.07 45.13 27.57
CA GLU C 188 8.63 45.15 27.37
C GLU C 188 8.10 43.92 26.62
N ARG C 189 8.98 43.22 25.87
CA ARG C 189 8.65 42.02 25.10
C ARG C 189 8.27 40.84 25.99
N THR C 190 7.14 40.19 25.67
CA THR C 190 6.65 39.01 26.40
C THR C 190 7.29 37.75 25.79
N ALA C 191 7.02 36.57 26.38
CA ALA C 191 7.52 35.28 25.91
C ALA C 191 6.93 34.93 24.53
N ARG C 192 5.67 35.35 24.28
CA ARG C 192 4.95 35.16 23.03
C ARG C 192 5.57 36.05 21.94
N ASP C 193 5.75 37.35 22.23
CA ASP C 193 6.33 38.35 21.34
C ASP C 193 7.75 37.98 20.90
N GLN C 194 8.58 37.47 21.84
CA GLN C 194 9.95 37.05 21.58
C GLN C 194 9.98 35.78 20.70
N GLY C 195 8.92 34.97 20.81
CA GLY C 195 8.75 33.75 20.03
C GLY C 195 8.43 34.02 18.58
N ILE C 196 7.70 35.13 18.30
CA ILE C 196 7.32 35.55 16.95
C ILE C 196 8.56 36.01 16.19
N ILE C 197 9.49 36.72 16.88
CA ILE C 197 10.77 37.18 16.31
C ILE C 197 11.60 35.95 15.92
N LYS C 198 11.68 34.97 16.84
CA LYS C 198 12.40 33.71 16.66
C LYS C 198 11.85 32.93 15.46
N LEU C 199 10.50 32.73 15.40
CA LEU C 199 9.78 32.02 14.33
C LEU C 199 10.08 32.60 12.95
N ILE C 200 9.97 33.94 12.81
CA ILE C 200 10.19 34.67 11.57
C ILE C 200 11.66 34.60 11.15
N LEU C 201 12.59 34.73 12.12
CA LEU C 201 14.03 34.64 11.84
C LEU C 201 14.40 33.21 11.40
N TYR C 202 13.72 32.18 12.01
CA TYR C 202 13.92 30.77 11.69
C TYR C 202 13.36 30.41 10.31
N PHE C 203 12.28 31.10 9.87
CA PHE C 203 11.69 30.90 8.54
C PHE C 203 12.68 31.36 7.46
N LEU C 204 13.41 32.47 7.72
CA LEU C 204 14.42 33.02 6.81
C LEU C 204 15.66 32.10 6.75
N ARG C 205 16.06 31.53 7.91
CA ARG C 205 17.17 30.59 8.05
C ARG C 205 16.87 29.29 7.30
N ASN C 206 15.60 28.85 7.32
CA ASN C 206 15.11 27.64 6.67
C ASN C 206 15.15 27.74 5.15
N ILE C 207 14.65 28.86 4.58
CA ILE C 207 14.60 29.06 3.12
C ILE C 207 16.00 29.30 2.52
N ALA C 208 16.95 29.83 3.32
CA ALA C 208 18.33 30.06 2.90
C ALA C 208 19.14 28.76 2.99
N MET C 209 18.73 27.85 3.89
CA MET C 209 19.35 26.55 4.14
C MET C 209 19.08 25.56 3.00
N ILE C 210 17.84 25.54 2.47
CA ILE C 210 17.40 24.64 1.40
C ILE C 210 18.26 24.75 0.13
N THR C 211 18.92 23.63 -0.21
CA THR C 211 19.80 23.41 -1.37
C THR C 211 19.67 21.93 -1.78
N PRO C 212 19.84 21.55 -3.08
CA PRO C 212 19.68 20.12 -3.44
C PRO C 212 20.74 19.20 -2.83
N PRO C 213 20.34 18.01 -2.28
CA PRO C 213 21.33 17.10 -1.65
C PRO C 213 22.48 16.59 -2.54
N PRO C 214 22.32 16.11 -3.82
CA PRO C 214 23.52 15.64 -4.55
C PRO C 214 24.21 16.75 -5.34
N GLY C 220 27.19 23.19 -7.07
CA GLY C 220 28.26 23.38 -8.04
C GLY C 220 27.87 24.23 -9.23
N ASP C 221 27.03 23.66 -10.13
CA ASP C 221 26.55 24.31 -11.36
C ASP C 221 25.03 24.54 -11.38
N GLU C 222 24.26 23.56 -10.89
CA GLU C 222 22.79 23.58 -10.88
C GLU C 222 22.23 24.58 -9.85
N SER C 223 22.88 24.68 -8.67
CA SER C 223 22.50 25.56 -7.56
C SER C 223 22.86 27.03 -7.78
N GLN C 224 23.60 27.35 -8.86
CA GLN C 224 24.03 28.70 -9.23
C GLN C 224 22.89 29.69 -9.46
N ILE C 225 21.72 29.19 -9.95
CA ILE C 225 20.54 30.03 -10.20
C ILE C 225 19.68 30.20 -8.93
N SER C 226 19.54 29.12 -8.11
CA SER C 226 18.78 29.12 -6.85
C SER C 226 19.47 29.99 -5.79
N ARG C 227 20.81 30.11 -5.87
CA ARG C 227 21.63 30.94 -4.99
C ARG C 227 21.42 32.41 -5.37
N SER C 228 21.46 32.71 -6.69
CA SER C 228 21.29 34.05 -7.26
C SER C 228 19.90 34.61 -6.95
N ALA C 229 18.83 33.85 -7.28
CA ALA C 229 17.42 34.22 -7.06
C ALA C 229 17.12 34.52 -5.58
N LEU C 230 17.82 33.81 -4.66
CA LEU C 230 17.70 33.97 -3.22
C LEU C 230 18.22 35.36 -2.80
N ILE C 231 19.42 35.77 -3.29
CA ILE C 231 20.04 37.06 -3.02
C ILE C 231 19.17 38.18 -3.63
N ASP C 232 18.66 37.96 -4.87
CA ASP C 232 17.79 38.88 -5.63
C ASP C 232 16.47 39.18 -4.91
N ALA C 233 15.88 38.14 -4.27
CA ALA C 233 14.62 38.26 -3.53
C ALA C 233 14.84 38.89 -2.17
N PHE C 234 16.00 38.62 -1.53
CA PHE C 234 16.38 39.15 -0.21
C PHE C 234 16.57 40.67 -0.20
N SER C 235 17.24 41.21 -1.22
CA SER C 235 17.49 42.66 -1.34
C SER C 235 16.24 43.43 -1.73
N TYR C 236 15.46 42.90 -2.70
CA TYR C 236 14.23 43.51 -3.21
C TYR C 236 13.13 43.61 -2.14
N GLN C 237 12.95 42.55 -1.34
CA GLN C 237 11.92 42.50 -0.29
C GLN C 237 12.42 43.04 1.07
N ASP C 238 13.57 43.75 1.05
CA ASP C 238 14.23 44.43 2.18
C ASP C 238 14.52 43.52 3.39
N ILE C 239 15.00 42.29 3.14
CA ILE C 239 15.38 41.35 4.21
C ILE C 239 16.80 41.66 4.68
N PHE C 240 17.70 42.05 3.74
CA PHE C 240 19.07 42.45 4.06
C PHE C 240 19.07 43.69 4.94
N LEU C 241 18.08 44.58 4.74
CA LEU C 241 17.86 45.79 5.53
C LEU C 241 17.40 45.42 6.94
N THR C 242 16.53 44.39 7.05
CA THR C 242 15.99 43.88 8.32
C THR C 242 17.11 43.18 9.11
N LEU C 243 17.93 42.38 8.42
CA LEU C 243 19.07 41.65 9.00
C LEU C 243 20.12 42.63 9.55
N LEU C 244 20.33 43.76 8.83
CA LEU C 244 21.28 44.81 9.22
C LEU C 244 20.81 45.54 10.47
N THR C 245 19.50 45.83 10.58
CA THR C 245 18.91 46.53 11.73
C THR C 245 18.96 45.68 13.01
N ILE C 246 18.83 44.35 12.89
CA ILE C 246 18.89 43.43 14.04
C ILE C 246 20.35 43.28 14.49
N ALA C 247 21.28 43.08 13.53
CA ALA C 247 22.71 42.91 13.77
C ALA C 247 23.35 44.17 14.36
N SER C 248 22.92 45.37 13.94
CA SER C 248 23.46 46.63 14.44
C SER C 248 22.97 46.97 15.84
N ASN C 249 21.66 46.76 16.11
CA ASN C 249 21.04 47.04 17.41
C ASN C 249 21.19 45.90 18.42
N MET C 250 22.07 44.91 18.11
CA MET C 250 22.37 43.75 18.94
C MET C 250 22.94 44.16 20.29
N GLY C 251 22.38 43.59 21.35
CA GLY C 251 22.75 43.88 22.73
C GLY C 251 21.89 44.97 23.34
N GLU C 252 21.58 46.00 22.54
CA GLU C 252 20.76 47.16 22.94
C GLU C 252 19.26 46.89 22.80
N ASP C 253 18.81 46.49 21.59
CA ASP C 253 17.41 46.22 21.27
C ASP C 253 17.10 44.71 21.19
N PHE C 254 18.12 43.87 20.95
CA PHE C 254 17.98 42.41 20.84
C PHE C 254 18.98 41.71 21.74
N ARG C 255 18.49 40.97 22.76
CA ARG C 255 19.36 40.23 23.67
C ARG C 255 19.85 38.95 23.01
N THR C 256 18.96 37.95 22.78
CA THR C 256 19.32 36.71 22.10
C THR C 256 19.24 36.95 20.57
N GLU C 257 18.76 35.98 19.76
CA GLU C 257 18.60 36.07 18.30
C GLU C 257 19.93 36.28 17.52
N ASP C 258 21.06 36.49 18.24
CA ASP C 258 22.40 36.73 17.68
C ASP C 258 22.90 35.61 16.79
N VAL C 259 22.70 34.35 17.20
CA VAL C 259 23.12 33.16 16.46
C VAL C 259 22.22 32.88 15.25
N ILE C 260 20.90 33.13 15.41
CA ILE C 260 19.88 32.91 14.38
C ILE C 260 20.11 33.84 13.17
N VAL C 261 20.45 35.13 13.44
CA VAL C 261 20.75 36.14 12.41
C VAL C 261 22.08 35.76 11.71
N MET C 262 23.08 35.34 12.51
CA MET C 262 24.40 34.87 12.06
C MET C 262 24.23 33.67 11.11
N GLU C 263 23.28 32.76 11.43
CA GLU C 263 22.95 31.57 10.65
C GLU C 263 22.37 31.91 9.27
N ILE C 264 21.51 32.95 9.19
CA ILE C 264 20.89 33.40 7.94
C ILE C 264 22.00 33.88 6.99
N ILE C 265 22.91 34.76 7.50
CA ILE C 265 24.05 35.32 6.75
C ILE C 265 25.02 34.21 6.33
N PHE C 266 25.17 33.15 7.15
CA PHE C 266 26.05 32.00 6.87
C PHE C 266 25.62 31.23 5.62
N HIS C 267 24.30 31.04 5.42
CA HIS C 267 23.75 30.31 4.28
C HIS C 267 23.66 31.16 3.00
N LEU C 268 24.01 32.45 3.10
CA LEU C 268 24.04 33.39 1.97
C LEU C 268 25.50 33.60 1.49
N VAL C 269 26.48 33.61 2.43
CA VAL C 269 27.92 33.78 2.16
C VAL C 269 28.56 32.48 1.62
N LYS C 270 27.81 31.35 1.68
CA LYS C 270 28.24 30.03 1.20
C LYS C 270 28.53 30.08 -0.30
N ARG C 271 29.67 29.46 -0.71
CA ARG C 271 30.16 29.34 -2.09
C ARG C 271 30.66 30.67 -2.70
N VAL C 272 29.91 31.78 -2.49
CA VAL C 272 30.22 33.12 -3.05
C VAL C 272 31.55 33.69 -2.54
N ASP C 273 32.24 34.45 -3.42
CA ASP C 273 33.54 35.07 -3.15
C ASP C 273 33.37 36.39 -2.37
N PRO C 274 34.24 36.66 -1.36
CA PRO C 274 34.08 37.90 -0.59
C PRO C 274 34.59 39.19 -1.27
N LYS C 275 35.19 39.09 -2.47
CA LYS C 275 35.71 40.25 -3.20
C LYS C 275 34.73 40.84 -4.22
N GLY C 276 34.07 40.00 -5.01
CA GLY C 276 33.13 40.44 -6.03
C GLY C 276 31.92 39.55 -6.24
N GLN C 277 30.72 40.03 -5.79
CA GLN C 277 29.44 39.31 -5.90
C GLN C 277 28.23 40.28 -5.78
N GLN C 278 26.99 39.76 -5.98
CA GLN C 278 25.71 40.47 -5.92
C GLN C 278 25.42 41.04 -4.51
N LEU C 279 25.93 40.37 -3.45
CA LEU C 279 25.76 40.80 -2.07
C LEU C 279 26.80 41.86 -1.61
N GLY C 280 27.49 42.47 -2.57
CA GLY C 280 28.48 43.52 -2.34
C GLY C 280 27.90 44.77 -1.72
N SER C 281 26.64 45.08 -2.09
CA SER C 281 25.84 46.21 -1.61
C SER C 281 25.51 46.04 -0.12
N PHE C 282 25.32 44.78 0.33
CA PHE C 282 24.99 44.43 1.70
C PHE C 282 26.23 44.40 2.61
N VAL C 283 27.31 43.70 2.19
CA VAL C 283 28.54 43.51 2.97
C VAL C 283 29.20 44.83 3.39
N SER C 284 29.15 45.86 2.53
CA SER C 284 29.71 47.19 2.82
C SER C 284 28.89 47.84 3.94
N ASP C 285 27.55 47.76 3.84
CA ASP C 285 26.60 48.28 4.82
C ASP C 285 26.66 47.50 6.13
N PHE C 286 26.97 46.19 6.06
CA PHE C 286 27.07 45.30 7.22
C PHE C 286 28.30 45.61 8.07
N LEU C 287 29.47 45.79 7.43
CA LEU C 287 30.74 46.09 8.11
C LEU C 287 30.70 47.48 8.75
N ASP C 288 29.97 48.42 8.13
CA ASP C 288 29.79 49.79 8.60
C ASP C 288 28.84 49.92 9.80
N SER C 289 27.86 48.99 9.93
CA SER C 289 26.86 49.06 10.99
C SER C 289 26.75 47.83 11.91
N GLY C 290 26.52 46.65 11.31
CA GLY C 290 26.28 45.42 12.06
C GLY C 290 27.37 44.38 12.18
N PHE C 291 28.65 44.77 12.05
CA PHE C 291 29.72 43.77 12.21
C PHE C 291 30.07 43.60 13.69
N ASN C 292 30.67 44.63 14.31
CA ASN C 292 31.09 44.64 15.72
C ASN C 292 29.97 44.33 16.71
N PRO C 293 28.74 44.95 16.65
CA PRO C 293 27.72 44.60 17.66
C PRO C 293 27.21 43.16 17.62
N LEU C 294 27.11 42.56 16.42
CA LEU C 294 26.64 41.19 16.24
C LEU C 294 27.70 40.16 16.68
N PHE C 295 28.91 40.23 16.08
CA PHE C 295 30.02 39.32 16.34
C PHE C 295 30.60 39.39 17.75
N SER C 296 30.53 40.58 18.42
CA SER C 296 30.98 40.74 19.80
C SER C 296 30.02 40.02 20.75
N HIS C 297 28.71 40.05 20.42
CA HIS C 297 27.65 39.40 21.19
C HIS C 297 27.75 37.88 21.11
N ILE C 298 28.04 37.33 19.91
CA ILE C 298 28.19 35.88 19.69
C ILE C 298 29.43 35.37 20.43
N ARG C 299 30.55 36.13 20.36
CA ARG C 299 31.83 35.86 21.03
C ARG C 299 31.62 35.76 22.55
N LYS C 300 30.78 36.65 23.11
CA LYS C 300 30.44 36.69 24.52
C LYS C 300 29.47 35.56 24.88
N SER C 301 28.58 35.17 23.95
CA SER C 301 27.62 34.09 24.12
C SER C 301 28.29 32.72 24.17
N LEU C 302 29.33 32.52 23.35
CA LEU C 302 30.09 31.27 23.30
C LEU C 302 31.00 31.12 24.52
N GLU C 303 31.56 32.25 25.01
CA GLU C 303 32.44 32.31 26.17
C GLU C 303 31.70 31.98 27.47
N ARG C 304 30.49 32.57 27.66
CA ARG C 304 29.66 32.34 28.85
C ARG C 304 28.90 30.99 28.80
N GLU C 305 29.01 30.25 27.66
CA GLU C 305 28.39 28.94 27.39
C GLU C 305 26.86 29.01 27.51
N ALA C 306 26.27 29.98 26.78
CA ALA C 306 24.84 30.30 26.71
C ALA C 306 23.92 29.10 26.40
N PRO C 307 22.65 29.10 26.87
CA PRO C 307 21.77 27.95 26.57
C PRO C 307 21.29 27.91 25.13
N HIS C 308 21.10 29.09 24.50
CA HIS C 308 20.61 29.21 23.12
C HIS C 308 21.65 28.80 22.07
N VAL C 309 22.96 28.90 22.39
CA VAL C 309 24.04 28.55 21.45
C VAL C 309 24.20 27.03 21.34
N LEU C 310 24.51 26.56 20.12
CA LEU C 310 24.73 25.14 19.80
C LEU C 310 26.17 24.93 19.32
N HIS C 311 26.65 23.67 19.31
CA HIS C 311 28.01 23.30 18.90
C HIS C 311 28.37 23.73 17.47
N TYR C 312 27.42 23.58 16.52
CA TYR C 312 27.63 23.93 15.12
C TYR C 312 27.70 25.46 14.89
N HIS C 313 27.14 26.26 15.82
CA HIS C 313 27.15 27.74 15.75
C HIS C 313 28.56 28.31 15.91
N GLN C 314 29.45 27.58 16.61
CA GLN C 314 30.85 27.93 16.87
C GLN C 314 31.65 27.96 15.56
N SER C 315 31.54 26.88 14.74
CA SER C 315 32.21 26.71 13.45
C SER C 315 31.72 27.71 12.40
N GLN C 316 30.41 28.03 12.44
CA GLN C 316 29.77 29.00 11.53
C GLN C 316 30.28 30.42 11.83
N PHE C 317 30.50 30.72 13.13
CA PHE C 317 31.01 32.01 13.61
C PHE C 317 32.41 32.30 13.08
N PHE C 318 33.34 31.32 13.23
CA PHE C 318 34.72 31.43 12.76
C PHE C 318 34.81 31.57 11.24
N TYR C 319 33.91 30.91 10.49
CA TYR C 319 33.85 31.00 9.03
C TYR C 319 33.48 32.42 8.59
N LEU C 320 32.42 32.99 9.19
CA LEU C 320 31.92 34.33 8.88
C LEU C 320 32.91 35.45 9.22
N VAL C 321 33.65 35.32 10.34
CA VAL C 321 34.68 36.28 10.74
C VAL C 321 35.76 36.28 9.65
N ALA C 322 36.24 35.08 9.26
CA ALA C 322 37.24 34.85 8.21
C ALA C 322 36.77 35.37 6.85
N TRP C 323 35.47 35.18 6.54
CA TRP C 323 34.86 35.61 5.28
C TRP C 323 34.74 37.13 5.20
N PHE C 324 34.28 37.77 6.29
CA PHE C 324 34.12 39.22 6.34
C PHE C 324 35.45 39.98 6.45
N LEU C 325 36.51 39.34 7.01
CA LEU C 325 37.84 39.95 7.12
C LEU C 325 38.46 40.09 5.72
N GLU C 326 38.23 39.07 4.86
CA GLU C 326 38.71 39.06 3.48
C GLU C 326 37.89 40.06 2.65
N ALA C 327 36.59 40.19 2.96
CA ALA C 327 35.67 41.12 2.32
C ALA C 327 36.02 42.57 2.67
N GLU C 328 36.56 42.79 3.91
CA GLU C 328 36.97 44.10 4.41
C GLU C 328 38.19 44.59 3.61
N ARG C 329 39.21 43.72 3.42
CA ARG C 329 40.45 44.04 2.69
C ARG C 329 40.24 44.33 1.19
N ALA C 330 39.05 43.97 0.65
CA ALA C 330 38.67 44.24 -0.74
C ALA C 330 38.16 45.67 -0.89
N ARG C 331 37.69 46.27 0.22
CA ARG C 331 37.15 47.62 0.29
C ARG C 331 38.15 48.61 0.92
N ARG C 332 38.74 48.23 2.07
CA ARG C 332 39.74 48.98 2.85
C ARG C 332 39.33 50.45 3.12
N SER C 333 38.08 50.65 3.57
CA SER C 333 37.56 51.98 3.89
C SER C 333 38.06 52.42 5.27
N SER C 334 37.96 51.52 6.27
CA SER C 334 38.39 51.74 7.65
C SER C 334 38.65 50.41 8.35
N PHE C 335 39.86 50.24 8.91
CA PHE C 335 40.26 49.03 9.62
C PHE C 335 39.76 49.03 11.09
N ASN C 336 38.94 50.03 11.45
CA ASN C 336 38.34 50.21 12.78
C ASN C 336 36.95 49.58 12.85
N LEU C 337 36.35 49.26 11.67
CA LEU C 337 35.02 48.67 11.52
C LEU C 337 35.00 47.18 11.91
N ILE C 338 36.20 46.58 12.04
CA ILE C 338 36.44 45.17 12.38
C ILE C 338 37.28 45.04 13.66
N ALA C 339 37.23 46.07 14.53
CA ALA C 339 37.98 46.13 15.79
C ALA C 339 37.64 45.06 16.82
N SER C 340 36.35 44.63 16.87
CA SER C 340 35.84 43.63 17.81
C SER C 340 36.46 42.24 17.68
N VAL C 341 36.84 41.84 16.44
CA VAL C 341 37.43 40.51 16.18
C VAL C 341 38.97 40.51 16.34
N LEU C 342 39.58 41.69 16.55
CA LEU C 342 41.02 41.82 16.77
C LEU C 342 41.39 42.06 18.24
N THR C 343 40.35 42.06 19.13
CA THR C 343 40.50 42.23 20.58
C THR C 343 41.16 41.01 21.20
N GLN C 344 41.86 41.17 22.33
CA GLN C 344 42.56 40.10 23.05
C GLN C 344 41.60 39.00 23.56
N GLU C 345 40.31 39.35 23.77
CA GLU C 345 39.24 38.44 24.22
C GLU C 345 38.95 37.35 23.17
N MET C 346 39.07 37.73 21.87
CA MET C 346 38.89 36.84 20.72
C MET C 346 40.05 35.84 20.66
N PHE C 347 41.29 36.33 20.89
CA PHE C 347 42.54 35.54 20.88
C PHE C 347 42.54 34.42 21.91
N ILE C 348 42.10 34.71 23.15
CA ILE C 348 42.01 33.73 24.23
C ILE C 348 40.95 32.66 23.87
N ALA C 349 39.80 33.12 23.30
CA ALA C 349 38.67 32.28 22.87
C ALA C 349 39.01 31.29 21.76
N LEU C 350 39.69 31.74 20.68
CA LEU C 350 40.05 30.84 19.58
C LEU C 350 41.21 29.89 19.95
N ASN C 351 42.13 30.33 20.85
CA ASN C 351 43.24 29.50 21.33
C ASN C 351 42.71 28.35 22.18
N ARG C 352 41.65 28.62 22.98
CA ARG C 352 40.94 27.64 23.81
C ARG C 352 40.17 26.69 22.89
N ALA C 353 39.62 27.23 21.77
CA ALA C 353 38.88 26.49 20.76
C ALA C 353 39.78 25.56 19.96
N LEU C 354 41.04 25.97 19.68
CA LEU C 354 42.04 25.17 18.95
C LEU C 354 42.44 23.92 19.74
N ASP C 355 42.63 24.07 21.07
CA ASP C 355 43.00 22.98 21.97
C ASP C 355 41.84 22.01 22.19
N ARG C 356 40.59 22.54 22.32
CA ARG C 356 39.39 21.74 22.53
C ARG C 356 38.98 20.94 21.29
N ALA C 357 39.09 21.54 20.08
CA ALA C 357 38.73 20.87 18.83
C ALA C 357 39.68 19.72 18.48
N TYR C 358 40.98 19.85 18.83
CA TYR C 358 41.97 18.79 18.57
C TYR C 358 41.77 17.60 19.51
N GLY C 359 41.50 17.88 20.79
CA GLY C 359 41.27 16.88 21.83
C GLY C 359 40.03 16.05 21.59
N ASP C 360 38.92 16.71 21.19
CA ASP C 360 37.63 16.09 20.87
C ASP C 360 37.63 15.45 19.46
N LYS C 361 38.76 15.61 18.71
CA LYS C 361 39.01 15.11 17.36
C LYS C 361 38.04 15.71 16.31
N ASP C 362 37.54 16.93 16.60
CA ASP C 362 36.64 17.69 15.74
C ASP C 362 37.50 18.50 14.76
N TRP C 363 37.51 18.07 13.50
CA TRP C 363 38.33 18.69 12.46
C TRP C 363 37.63 19.82 11.72
N ARG C 364 36.29 19.73 11.54
CA ARG C 364 35.50 20.76 10.85
C ARG C 364 35.54 22.10 11.60
N LEU C 365 35.49 22.05 12.95
CA LEU C 365 35.57 23.22 13.81
C LEU C 365 36.98 23.81 13.78
N LEU C 366 38.01 22.94 13.75
CA LEU C 366 39.41 23.32 13.70
C LEU C 366 39.76 23.99 12.36
N THR C 367 39.22 23.45 11.23
CA THR C 367 39.40 23.99 9.87
C THR C 367 38.92 25.44 9.81
N SER C 368 37.72 25.73 10.37
CA SER C 368 37.13 27.06 10.44
C SER C 368 37.93 27.99 11.35
N ALA C 369 38.44 27.46 12.48
CA ALA C 369 39.23 28.22 13.46
C ALA C 369 40.60 28.60 12.89
N MET C 370 41.26 27.67 12.17
CA MET C 370 42.56 27.89 11.55
C MET C 370 42.46 28.93 10.43
N ARG C 371 41.41 28.83 9.60
CA ARG C 371 41.14 29.76 8.49
C ARG C 371 40.81 31.15 9.02
N CYS C 372 40.13 31.23 10.19
CA CYS C 372 39.78 32.49 10.85
C CYS C 372 41.04 33.18 11.35
N PHE C 373 41.91 32.42 12.06
CA PHE C 373 43.17 32.87 12.62
C PHE C 373 44.12 33.39 11.54
N THR C 374 44.12 32.74 10.35
CA THR C 374 44.92 33.13 9.18
C THR C 374 44.50 34.52 8.72
N GLN C 375 43.17 34.78 8.64
CA GLN C 375 42.59 36.05 8.21
C GLN C 375 42.87 37.18 9.19
N ILE C 376 42.98 36.87 10.50
CA ILE C 376 43.29 37.82 11.57
C ILE C 376 44.75 38.29 11.41
N LEU C 377 45.68 37.34 11.16
CA LEU C 377 47.10 37.60 10.96
C LEU C 377 47.38 38.38 9.68
N LEU C 378 46.55 38.16 8.64
CA LEU C 378 46.65 38.86 7.35
C LEU C 378 46.16 40.31 7.52
N THR C 379 45.22 40.53 8.45
CA THR C 379 44.63 41.83 8.77
C THR C 379 45.63 42.72 9.52
N VAL C 380 46.32 42.17 10.56
CA VAL C 380 47.31 42.91 11.35
C VAL C 380 48.53 43.31 10.50
N GLN C 381 48.84 42.54 9.44
CA GLN C 381 49.93 42.81 8.51
C GLN C 381 49.57 44.00 7.62
N GLU C 382 48.30 44.08 7.17
CA GLU C 382 47.81 45.19 6.35
C GLU C 382 47.53 46.43 7.22
N MET C 383 47.34 46.21 8.54
CA MET C 383 47.08 47.25 9.55
C MET C 383 48.38 47.94 9.98
N PHE C 384 49.53 47.25 9.83
CA PHE C 384 50.86 47.78 10.16
C PHE C 384 51.43 48.60 9.01
N ASP C 385 50.90 48.40 7.79
CA ASP C 385 51.30 49.12 6.57
C ASP C 385 50.26 50.20 6.25
N SER C 386 49.21 50.30 7.09
CA SER C 386 48.07 51.23 6.97
C SER C 386 48.46 52.67 7.26
N GLY C 387 47.79 53.60 6.57
CA GLY C 387 47.99 55.03 6.69
C GLY C 387 47.56 55.63 8.02
N ASN C 388 46.63 54.96 8.73
CA ASN C 388 46.14 55.42 10.03
C ASN C 388 47.19 55.17 11.12
N ASP C 389 47.54 56.26 11.85
CA ASP C 389 48.52 56.27 12.94
C ASP C 389 48.14 55.31 14.08
N GLU C 390 46.84 55.28 14.43
CA GLU C 390 46.28 54.41 15.48
C GLU C 390 46.28 52.94 15.06
N ASP C 391 46.11 52.67 13.74
CA ASP C 391 46.10 51.32 13.18
C ASP C 391 47.45 50.62 13.33
N GLN C 392 48.56 51.32 13.04
CA GLN C 392 49.92 50.81 13.16
C GLN C 392 50.31 50.58 14.62
N GLU C 393 49.74 51.39 15.54
CA GLU C 393 49.95 51.33 16.98
C GLU C 393 49.34 50.03 17.54
N ILE C 394 48.09 49.71 17.12
CA ILE C 394 47.35 48.51 17.53
C ILE C 394 47.92 47.25 16.87
N ALA C 395 48.31 47.33 15.57
CA ALA C 395 48.91 46.21 14.83
C ALA C 395 50.20 45.73 15.47
N ASP C 396 51.06 46.67 15.91
CA ASP C 396 52.34 46.39 16.55
C ASP C 396 52.15 45.83 17.96
N ASN C 397 51.14 46.31 18.71
CA ASN C 397 50.81 45.86 20.08
C ASN C 397 50.35 44.39 20.08
N ILE C 398 49.62 43.97 19.02
CA ILE C 398 49.11 42.60 18.85
C ILE C 398 50.27 41.68 18.44
N LEU C 399 51.08 42.13 17.46
CA LEU C 399 52.25 41.40 16.95
C LEU C 399 53.36 41.23 17.98
N SER C 400 53.45 42.16 18.98
CA SER C 400 54.43 42.10 20.07
C SER C 400 54.17 40.87 20.94
N ARG C 401 52.88 40.64 21.29
CA ARG C 401 52.44 39.51 22.10
C ARG C 401 52.57 38.19 21.32
N LEU C 402 52.14 38.19 20.04
CA LEU C 402 52.17 37.02 19.15
C LEU C 402 53.58 36.48 18.90
N PHE C 403 54.58 37.37 18.85
CA PHE C 403 55.98 37.01 18.61
C PHE C 403 56.63 36.27 19.80
N TYR C 404 56.10 36.47 21.03
CA TYR C 404 56.65 35.85 22.24
C TYR C 404 55.73 34.83 22.93
N GLU C 405 54.44 34.75 22.54
CA GLU C 405 53.48 33.80 23.12
C GLU C 405 53.74 32.37 22.60
N GLU C 406 54.55 31.60 23.35
CA GLU C 406 54.93 30.23 23.02
C GLU C 406 53.78 29.23 23.12
N SER C 407 52.72 29.56 23.89
CA SER C 407 51.52 28.73 24.06
C SER C 407 50.80 28.56 22.72
N THR C 408 50.76 29.64 21.91
CA THR C 408 50.16 29.66 20.58
C THR C 408 51.11 28.97 19.58
N HIS C 409 52.45 29.22 19.73
CA HIS C 409 53.52 28.68 18.88
C HIS C 409 53.57 27.15 18.86
N ASP C 410 53.65 26.51 20.04
CA ASP C 410 53.72 25.06 20.19
C ASP C 410 52.43 24.34 19.76
N ALA C 411 51.28 25.05 19.83
CA ALA C 411 49.98 24.52 19.44
C ALA C 411 49.85 24.45 17.91
N VAL C 412 50.15 25.56 17.19
CA VAL C 412 50.07 25.65 15.72
C VAL C 412 51.05 24.67 15.05
N ALA C 413 52.27 24.55 15.61
CA ALA C 413 53.33 23.68 15.11
C ALA C 413 52.98 22.20 15.20
N ASN C 414 52.24 21.81 16.26
CA ASN C 414 51.81 20.42 16.49
C ASN C 414 50.74 19.96 15.50
N ILE C 415 49.86 20.89 15.05
CA ILE C 415 48.77 20.61 14.10
C ILE C 415 49.31 20.17 12.73
N VAL C 416 50.26 20.95 12.16
CA VAL C 416 50.90 20.66 10.87
C VAL C 416 51.81 19.42 10.96
N ARG C 417 52.39 19.15 12.15
CA ARG C 417 53.25 18.01 12.40
C ARG C 417 52.44 16.70 12.39
N THR C 418 51.21 16.72 12.98
CA THR C 418 50.32 15.56 13.06
C THR C 418 49.16 15.64 12.07
N TYR C 419 49.32 15.01 10.90
CA TYR C 419 48.30 14.95 9.85
C TYR C 419 48.15 13.52 9.34
N LYS C 420 46.92 12.98 9.42
CA LYS C 420 46.58 11.63 8.97
C LYS C 420 45.10 11.53 8.59
N ASP C 421 44.81 11.34 7.28
CA ASP C 421 43.48 11.19 6.66
C ASP C 421 42.44 12.18 7.23
N GLN C 422 42.78 13.48 7.22
CA GLN C 422 41.94 14.55 7.75
C GLN C 422 41.10 15.24 6.66
N GLY C 423 41.60 15.22 5.43
CA GLY C 423 40.95 15.83 4.28
C GLY C 423 41.73 17.02 3.73
N PHE C 424 41.50 17.34 2.43
CA PHE C 424 42.17 18.45 1.74
C PHE C 424 41.77 19.83 2.26
N GLU C 425 40.50 19.99 2.71
CA GLU C 425 40.00 21.25 3.27
C GLU C 425 40.73 21.61 4.57
N TYR C 426 41.05 20.59 5.40
CA TYR C 426 41.81 20.70 6.65
C TYR C 426 43.28 20.94 6.32
N LEU C 427 43.80 20.20 5.30
CA LEU C 427 45.18 20.28 4.81
C LEU C 427 45.49 21.69 4.30
N ASP C 428 44.58 22.27 3.49
CA ASP C 428 44.71 23.61 2.93
C ASP C 428 44.69 24.66 4.05
N ALA C 429 43.84 24.45 5.08
CA ALA C 429 43.69 25.33 6.23
C ALA C 429 44.95 25.40 7.11
N CYS C 430 45.53 24.25 7.49
CA CYS C 430 46.74 24.21 8.34
C CYS C 430 47.99 24.68 7.59
N THR C 431 48.04 24.46 6.26
CA THR C 431 49.14 24.90 5.37
C THR C 431 49.10 26.43 5.28
N GLU C 432 47.88 26.99 5.18
CA GLU C 432 47.58 28.42 5.08
C GLU C 432 48.05 29.15 6.33
N LEU C 433 47.74 28.59 7.51
CA LEU C 433 48.13 29.15 8.81
C LEU C 433 49.64 29.06 9.05
N ALA C 434 50.26 27.90 8.74
CA ALA C 434 51.70 27.67 8.91
C ALA C 434 52.55 28.62 8.07
N HIS C 435 52.15 28.84 6.80
CA HIS C 435 52.84 29.73 5.86
C HIS C 435 52.73 31.20 6.28
N THR C 436 51.51 31.64 6.64
CA THR C 436 51.24 33.03 7.05
C THR C 436 51.92 33.36 8.39
N PHE C 437 51.84 32.45 9.41
CA PHE C 437 52.48 32.67 10.71
C PHE C 437 53.98 32.91 10.61
N LEU C 438 54.66 32.19 9.69
CA LEU C 438 56.10 32.35 9.44
C LEU C 438 56.36 33.68 8.73
N ARG C 439 55.57 33.99 7.68
CA ARG C 439 55.68 35.20 6.86
C ARG C 439 55.43 36.50 7.64
N ILE C 440 54.36 36.56 8.47
CA ILE C 440 54.02 37.75 9.26
C ILE C 440 55.07 38.01 10.36
N LEU C 441 55.56 36.94 11.04
CA LEU C 441 56.58 37.08 12.08
C LEU C 441 57.95 37.45 11.52
N GLU C 442 58.23 37.09 10.24
CA GLU C 442 59.46 37.40 9.51
C GLU C 442 59.59 38.92 9.32
N ALA C 443 58.44 39.59 9.09
CA ALA C 443 58.35 41.04 8.92
C ALA C 443 58.61 41.76 10.25
N TYR C 444 58.20 41.12 11.37
CA TYR C 444 58.41 41.65 12.71
C TYR C 444 59.86 41.41 13.17
N SER C 445 60.51 40.36 12.61
CA SER C 445 61.88 39.95 12.90
C SER C 445 62.92 40.95 12.41
N LYS C 446 62.59 41.71 11.35
CA LYS C 446 63.44 42.74 10.74
C LYS C 446 62.74 44.10 10.78
N GLN C 447 63.24 44.98 11.67
CA GLN C 447 62.73 46.34 11.87
C GLN C 447 63.85 47.32 12.22
N ASN C 448 63.71 48.60 11.81
CA ASN C 448 64.68 49.65 12.07
C ASN C 448 64.71 50.03 13.56
N VAL C 449 65.93 50.14 14.11
CA VAL C 449 66.17 50.54 15.50
C VAL C 449 67.09 51.77 15.55
N ASP C 450 66.46 52.96 15.49
CA ASP C 450 67.14 54.25 15.50
C ASP C 450 67.70 54.60 16.88
N ASP C 459 75.03 54.87 25.01
CA ASP C 459 74.41 55.34 23.77
C ASP C 459 73.06 54.68 23.52
N ASP C 460 72.13 55.42 22.89
CA ASP C 460 70.77 54.95 22.58
C ASP C 460 70.72 54.04 21.35
N GLU C 461 71.55 54.35 20.33
CA GLU C 461 71.64 53.59 19.07
C GLU C 461 72.23 52.19 19.29
N LYS C 462 73.26 52.08 20.16
CA LYS C 462 73.94 50.82 20.49
C LYS C 462 73.04 49.88 21.31
N MET C 463 72.25 50.45 22.25
CA MET C 463 71.32 49.70 23.11
C MET C 463 70.11 49.16 22.34
N ALA C 464 69.60 49.93 21.36
CA ALA C 464 68.45 49.55 20.54
C ALA C 464 68.80 48.44 19.51
N GLU C 465 70.09 48.33 19.15
CA GLU C 465 70.60 47.32 18.20
C GLU C 465 70.41 45.89 18.70
N LYS C 466 70.56 45.66 20.01
CA LYS C 466 70.39 44.35 20.66
C LYS C 466 68.94 43.84 20.65
N THR C 467 67.96 44.77 20.51
CA THR C 467 66.54 44.46 20.46
C THR C 467 66.17 43.77 19.14
N SER C 468 66.67 44.31 18.00
CA SER C 468 66.45 43.76 16.66
C SER C 468 67.26 42.47 16.47
N GLN C 469 68.40 42.34 17.18
CA GLN C 469 69.28 41.18 17.15
C GLN C 469 68.63 39.99 17.88
N GLU C 470 67.92 40.27 19.00
CA GLU C 470 67.21 39.27 19.81
C GLU C 470 66.04 38.65 19.04
N ARG C 471 65.27 39.49 18.31
CA ARG C 471 64.11 39.08 17.49
C ARG C 471 64.54 38.11 16.38
N LYS C 472 65.75 38.30 15.83
CA LYS C 472 66.33 37.46 14.78
C LYS C 472 66.68 36.08 15.31
N PHE C 473 67.09 35.99 16.59
CA PHE C 473 67.41 34.74 17.27
C PHE C 473 66.12 33.98 17.62
N ASP C 474 65.09 34.71 18.11
CA ASP C 474 63.78 34.17 18.49
C ASP C 474 63.02 33.59 17.29
N PHE C 475 63.19 34.19 16.09
CA PHE C 475 62.53 33.73 14.86
C PHE C 475 63.13 32.42 14.37
N LYS C 476 64.45 32.23 14.56
CA LYS C 476 65.19 31.02 14.20
C LYS C 476 64.66 29.81 15.00
N ARG C 477 64.47 29.97 16.33
CA ARG C 477 63.94 28.91 17.18
C ARG C 477 62.44 28.68 16.96
N PHE C 478 61.72 29.68 16.37
CA PHE C 478 60.31 29.53 16.01
C PHE C 478 60.20 28.74 14.68
N ALA C 479 61.06 29.07 13.70
CA ALA C 479 61.10 28.41 12.39
C ALA C 479 61.61 26.97 12.48
N ALA C 480 62.36 26.65 13.56
CA ALA C 480 62.90 25.32 13.85
C ALA C 480 61.78 24.33 14.23
N ARG C 481 60.57 24.84 14.54
CA ARG C 481 59.39 24.02 14.88
C ARG C 481 58.77 23.41 13.61
N PHE C 482 59.03 24.03 12.44
CA PHE C 482 58.51 23.61 11.14
C PHE C 482 59.50 22.72 10.35
N THR C 483 60.72 22.50 10.91
CA THR C 483 61.77 21.69 10.31
C THR C 483 61.58 20.16 10.51
N PRO C 484 60.96 19.63 11.62
CA PRO C 484 60.82 18.16 11.75
C PRO C 484 60.01 17.48 10.63
N GLN C 485 60.26 16.16 10.46
CA GLN C 485 59.67 15.22 9.50
C GLN C 485 58.14 15.38 9.30
N GLY C 486 57.41 15.52 10.41
CA GLY C 486 55.95 15.65 10.43
C GLY C 486 55.42 16.83 9.63
N VAL C 487 56.06 18.01 9.79
CA VAL C 487 55.71 19.25 9.10
C VAL C 487 56.10 19.12 7.61
N VAL C 488 57.28 18.53 7.35
CA VAL C 488 57.83 18.31 6.00
C VAL C 488 56.88 17.43 5.17
N ASP C 489 56.50 16.24 5.70
CA ASP C 489 55.60 15.27 5.05
C ASP C 489 54.22 15.85 4.71
N THR C 490 53.66 16.67 5.61
CA THR C 490 52.35 17.34 5.46
C THR C 490 52.38 18.32 4.26
N PHE C 491 53.51 19.04 4.09
CA PHE C 491 53.68 19.98 2.97
C PHE C 491 53.93 19.22 1.67
N VAL C 492 54.61 18.06 1.76
CA VAL C 492 54.91 17.17 0.62
C VAL C 492 53.59 16.61 0.06
N THR C 493 52.70 16.10 0.95
CA THR C 493 51.41 15.55 0.56
C THR C 493 50.49 16.64 -0.04
N PHE C 494 50.69 17.92 0.35
CA PHE C 494 49.95 19.07 -0.17
C PHE C 494 50.43 19.38 -1.60
N THR C 495 51.75 19.27 -1.83
CA THR C 495 52.40 19.50 -3.13
C THR C 495 51.95 18.46 -4.18
N LYS C 496 51.53 17.25 -3.72
CA LYS C 496 51.06 16.15 -4.57
C LYS C 496 49.85 16.54 -5.44
N TYR C 497 49.04 17.52 -4.98
CA TYR C 497 47.85 18.01 -5.67
C TYR C 497 48.16 19.16 -6.66
N TYR C 498 49.46 19.35 -7.04
CA TYR C 498 49.95 20.41 -7.94
C TYR C 498 49.15 20.62 -9.22
N ARG C 499 48.53 19.55 -9.75
CA ARG C 499 47.71 19.58 -10.97
C ARG C 499 46.40 20.37 -10.77
N ASP C 500 45.91 20.44 -9.52
CA ASP C 500 44.67 21.13 -9.15
C ASP C 500 44.90 22.45 -8.39
N LEU C 501 46.09 22.62 -7.75
CA LEU C 501 46.46 23.81 -6.97
C LEU C 501 46.58 25.07 -7.83
N ASP C 502 46.08 26.21 -7.32
CA ASP C 502 46.15 27.50 -7.99
C ASP C 502 47.50 28.19 -7.70
N ASP C 503 47.74 29.36 -8.33
CA ASP C 503 48.97 30.16 -8.19
C ASP C 503 49.35 30.47 -6.74
N SER C 504 48.37 30.91 -5.90
CA SER C 504 48.60 31.22 -4.49
C SER C 504 48.84 29.96 -3.67
N GLN C 505 48.18 28.85 -4.04
CA GLN C 505 48.32 27.55 -3.38
C GLN C 505 49.70 26.96 -3.65
N LEU C 506 50.23 27.17 -4.87
CA LEU C 506 51.55 26.69 -5.28
C LEU C 506 52.66 27.53 -4.66
N LYS C 507 52.37 28.82 -4.38
CA LYS C 507 53.31 29.77 -3.75
C LYS C 507 53.61 29.36 -2.30
N ARG C 508 52.56 28.94 -1.53
CA ARG C 508 52.68 28.51 -0.13
C ARG C 508 53.66 27.37 0.03
N ALA C 509 53.66 26.42 -0.92
CA ALA C 509 54.56 25.26 -0.95
C ALA C 509 55.97 25.70 -1.36
N HIS C 510 56.09 26.52 -2.44
CA HIS C 510 57.37 27.05 -2.96
C HIS C 510 58.10 27.87 -1.89
N ARG C 511 57.36 28.71 -1.13
CA ARG C 511 57.92 29.55 -0.06
C ARG C 511 58.34 28.72 1.16
N TYR C 512 57.69 27.56 1.37
CA TYR C 512 58.03 26.65 2.47
C TYR C 512 59.35 25.94 2.19
N PHE C 513 59.47 25.29 1.01
CA PHE C 513 60.67 24.55 0.60
C PHE C 513 61.89 25.45 0.37
N TYR C 514 61.67 26.75 0.10
CA TYR C 514 62.72 27.75 -0.09
C TYR C 514 63.41 28.02 1.26
N ARG C 515 62.63 27.98 2.37
CA ARG C 515 63.10 28.19 3.75
C ARG C 515 63.97 27.07 4.29
N VAL C 516 63.89 25.86 3.70
CA VAL C 516 64.69 24.70 4.10
C VAL C 516 66.14 24.83 3.57
N ALA C 517 66.31 25.58 2.44
CA ALA C 517 67.61 25.88 1.82
C ALA C 517 68.14 27.25 2.28
N PHE C 518 67.28 28.03 2.98
CA PHE C 518 67.56 29.37 3.51
C PHE C 518 68.00 29.33 4.99
N LYS C 519 67.63 28.25 5.71
CA LYS C 519 67.94 28.04 7.13
C LYS C 519 69.30 27.32 7.33
N GLN C 520 70.11 27.20 6.25
CA GLN C 520 71.42 26.52 6.21
C GLN C 520 71.27 25.03 6.63
N GLU C 521 70.01 24.55 6.63
CA GLU C 521 69.59 23.19 6.96
C GLU C 521 70.01 22.23 5.84
N MET C 522 70.36 22.80 4.66
CA MET C 522 70.83 22.13 3.42
C MET C 522 69.82 21.11 2.86
N SER C 523 68.54 21.23 3.30
CA SER C 523 67.39 20.41 2.90
C SER C 523 67.64 18.89 3.04
N VAL C 524 68.28 18.49 4.17
CA VAL C 524 68.57 17.09 4.49
C VAL C 524 67.28 16.32 4.82
N MET C 525 66.23 17.05 5.27
CA MET C 525 64.88 16.54 5.53
C MET C 525 64.18 16.24 4.21
N LEU C 526 64.38 17.10 3.20
CA LEU C 526 63.79 16.95 1.86
C LEU C 526 64.34 15.74 1.08
N PHE C 527 65.54 15.25 1.43
CA PHE C 527 66.17 14.11 0.77
C PHE C 527 65.51 12.79 1.17
N ARG C 528 64.59 12.32 0.31
CA ARG C 528 63.81 11.09 0.42
C ARG C 528 63.33 10.75 -0.99
N LEU C 529 63.44 9.46 -1.35
CA LEU C 529 63.04 8.93 -2.66
C LEU C 529 61.66 9.38 -3.13
N ASP C 530 60.63 9.27 -2.26
CA ASP C 530 59.24 9.65 -2.55
C ASP C 530 59.11 11.17 -2.79
N ILE C 531 59.88 11.98 -2.03
CA ILE C 531 59.89 13.44 -2.14
C ILE C 531 60.61 13.89 -3.43
N ILE C 532 61.79 13.29 -3.71
CA ILE C 532 62.61 13.55 -4.91
C ILE C 532 61.85 13.14 -6.19
N HIS C 533 61.10 12.01 -6.12
CA HIS C 533 60.27 11.48 -7.21
C HIS C 533 59.28 12.53 -7.70
N LEU C 534 58.45 13.07 -6.77
CA LEU C 534 57.42 14.07 -6.98
C LEU C 534 57.95 15.33 -7.65
N PHE C 535 59.04 15.90 -7.11
CA PHE C 535 59.67 17.12 -7.63
C PHE C 535 60.12 17.03 -9.08
N TYR C 536 60.66 15.86 -9.47
CA TYR C 536 61.14 15.61 -10.83
C TYR C 536 60.01 15.59 -11.85
N ASN C 537 59.07 14.61 -11.74
CA ASN C 537 57.92 14.42 -12.65
C ASN C 537 56.95 15.63 -12.66
N MET C 538 57.08 16.54 -11.67
CA MET C 538 56.29 17.78 -11.55
C MET C 538 56.64 18.72 -12.70
N ILE C 539 57.96 18.85 -13.01
CA ILE C 539 58.48 19.70 -14.07
C ILE C 539 58.67 18.89 -15.37
N LYS C 540 59.36 17.74 -15.28
CA LYS C 540 59.62 16.87 -16.42
C LYS C 540 59.19 15.41 -16.15
N GLY C 541 57.98 15.07 -16.62
CA GLY C 541 57.39 13.75 -16.47
C GLY C 541 56.02 13.65 -17.12
N PRO C 542 55.06 12.90 -16.51
CA PRO C 542 53.73 12.78 -17.12
C PRO C 542 52.88 14.04 -17.01
N GLU C 543 52.93 14.72 -15.84
CA GLU C 543 52.20 15.97 -15.58
C GLU C 543 53.21 17.13 -15.60
N PRO C 544 53.34 17.88 -16.72
CA PRO C 544 54.35 18.93 -16.80
C PRO C 544 54.07 20.24 -16.04
N LEU C 545 52.92 20.36 -15.31
CA LEU C 545 52.52 21.54 -14.52
C LEU C 545 52.30 22.82 -15.39
N ASP C 546 52.35 22.67 -16.75
CA ASP C 546 52.18 23.73 -17.76
C ASP C 546 53.33 24.75 -17.71
N LYS C 547 54.15 24.78 -18.77
CA LYS C 547 55.31 25.67 -18.89
C LYS C 547 54.94 27.16 -18.96
N ASN C 548 53.71 27.48 -19.41
CA ASN C 548 53.20 28.85 -19.52
C ASN C 548 52.78 29.48 -18.18
N SER C 549 52.63 28.65 -17.12
CA SER C 549 52.24 29.10 -15.77
C SER C 549 53.33 29.97 -15.12
N PRO C 550 52.97 31.07 -14.42
CA PRO C 550 54.00 31.92 -13.79
C PRO C 550 54.75 31.24 -12.64
N MET C 551 54.10 30.27 -11.99
CA MET C 551 54.68 29.51 -10.87
C MET C 551 55.63 28.41 -11.32
N TYR C 552 55.50 27.92 -12.58
CA TYR C 552 56.34 26.87 -13.17
C TYR C 552 57.82 27.27 -13.22
N LYS C 553 58.11 28.50 -13.68
CA LYS C 553 59.47 29.03 -13.80
C LYS C 553 60.18 29.17 -12.44
N GLU C 554 59.42 29.47 -11.39
CA GLU C 554 59.92 29.59 -10.01
C GLU C 554 60.20 28.20 -9.44
N TRP C 555 59.31 27.22 -9.74
CA TRP C 555 59.41 25.83 -9.32
C TRP C 555 60.54 25.08 -10.01
N GLU C 556 60.75 25.33 -11.32
CA GLU C 556 61.82 24.72 -12.12
C GLU C 556 63.20 25.15 -11.59
N GLU C 557 63.32 26.41 -11.14
CA GLU C 557 64.52 26.97 -10.55
C GLU C 557 64.73 26.38 -9.15
N LEU C 558 63.62 26.15 -8.41
CA LEU C 558 63.62 25.58 -7.06
C LEU C 558 64.06 24.12 -7.04
N VAL C 559 63.37 23.24 -7.82
CA VAL C 559 63.65 21.80 -7.92
C VAL C 559 65.11 21.53 -8.30
N ARG C 560 65.65 22.30 -9.28
CA ARG C 560 67.03 22.21 -9.76
C ARG C 560 68.03 22.52 -8.64
N GLN C 561 67.74 23.52 -7.80
CA GLN C 561 68.58 23.92 -6.66
C GLN C 561 68.61 22.85 -5.57
N ILE C 562 67.46 22.18 -5.32
CA ILE C 562 67.33 21.09 -4.32
C ILE C 562 68.08 19.84 -4.81
N LEU C 563 67.91 19.50 -6.11
CA LEU C 563 68.58 18.36 -6.75
C LEU C 563 70.09 18.56 -6.87
N LYS C 564 70.56 19.82 -6.94
CA LYS C 564 71.98 20.19 -7.01
C LYS C 564 72.68 19.78 -5.71
N ARG C 565 72.03 20.06 -4.55
CA ARG C 565 72.54 19.70 -3.22
C ARG C 565 72.45 18.19 -3.04
N CYS C 566 71.40 17.57 -3.61
CA CYS C 566 71.12 16.13 -3.55
C CYS C 566 72.26 15.26 -4.08
N ILE C 567 72.83 15.62 -5.26
CA ILE C 567 73.95 14.89 -5.88
C ILE C 567 75.23 15.12 -5.05
N ARG C 568 75.50 16.37 -4.64
CA ARG C 568 76.67 16.77 -3.86
C ARG C 568 76.71 16.17 -2.44
N LYS C 569 75.54 15.98 -1.80
CA LYS C 569 75.43 15.37 -0.47
C LYS C 569 75.59 13.86 -0.55
N LEU C 570 75.14 13.27 -1.68
CA LEU C 570 75.22 11.84 -1.98
C LEU C 570 76.65 11.47 -2.42
N GLU C 571 77.43 12.47 -2.89
CA GLU C 571 78.82 12.34 -3.35
C GLU C 571 79.78 12.25 -2.16
N GLU C 572 79.75 13.24 -1.25
CA GLU C 572 80.62 13.32 -0.07
C GLU C 572 80.23 12.31 1.01
N ARG C 573 78.92 12.23 1.35
CA ARG C 573 78.42 11.30 2.36
C ARG C 573 77.80 10.05 1.74
N PRO C 574 78.47 8.88 1.83
CA PRO C 574 77.90 7.65 1.23
C PRO C 574 76.76 7.02 2.04
N ALA C 575 76.58 7.47 3.31
CA ALA C 575 75.52 6.98 4.20
C ALA C 575 74.13 7.44 3.76
N LEU C 576 74.06 8.50 2.92
CA LEU C 576 72.84 9.10 2.37
C LEU C 576 72.08 8.13 1.45
N PHE C 577 72.79 7.18 0.81
CA PHE C 577 72.22 6.14 -0.05
C PHE C 577 71.32 5.19 0.74
N THR C 578 71.72 4.87 1.98
CA THR C 578 71.01 3.97 2.90
C THR C 578 70.04 4.72 3.82
N GLU C 579 70.35 5.98 4.16
CA GLU C 579 69.54 6.82 5.04
C GLU C 579 68.54 7.71 4.27
N ILE C 580 68.17 7.28 3.04
CA ILE C 580 67.20 7.97 2.18
C ILE C 580 65.74 7.65 2.61
N LEU C 581 65.58 6.81 3.66
CA LEU C 581 64.31 6.38 4.24
C LEU C 581 63.49 7.53 4.85
N PHE C 582 64.19 8.58 5.37
CA PHE C 582 63.64 9.78 6.02
C PHE C 582 62.96 9.48 7.38
N SER C 583 62.88 8.19 7.77
CA SER C 583 62.32 7.78 9.07
C SER C 583 63.36 8.02 10.19
N LYS C 584 64.13 9.11 10.06
CA LYS C 584 65.21 9.54 10.96
C LYS C 584 64.81 10.71 11.87
N ILE C 585 65.42 10.75 13.06
CA ILE C 585 65.24 11.80 14.06
C ILE C 585 66.19 12.98 13.74
N ASN C 586 65.91 14.19 14.28
CA ASN C 586 66.68 15.42 14.06
C ASN C 586 68.16 15.32 14.44
N SER C 587 68.52 14.44 15.41
CA SER C 587 69.90 14.25 15.86
C SER C 587 70.79 13.63 14.78
N THR C 588 70.24 12.68 14.01
CA THR C 588 70.94 12.01 12.91
C THR C 588 71.07 12.91 11.68
N ALA C 589 70.13 13.88 11.52
CA ALA C 589 70.11 14.85 10.42
C ALA C 589 71.22 15.89 10.58
N TYR C 590 71.53 16.29 11.84
CA TYR C 590 72.59 17.25 12.20
C TYR C 590 73.97 16.67 11.87
N TYR C 591 74.10 15.33 12.00
CA TYR C 591 75.32 14.58 11.70
C TYR C 591 75.64 14.68 10.19
N LEU C 592 74.59 14.64 9.36
CA LEU C 592 74.68 14.72 7.89
C LEU C 592 74.99 16.14 7.42
N GLU C 593 74.26 17.15 7.98
CA GLU C 593 74.34 18.59 7.69
C GLU C 593 74.06 18.93 6.22
N LYS D 23 57.16 -8.39 10.78
CA LYS D 23 56.30 -8.86 9.68
C LYS D 23 57.07 -9.71 8.67
N LEU D 24 56.37 -10.68 8.04
CA LEU D 24 56.95 -11.56 7.02
C LEU D 24 57.19 -10.82 5.71
N ASP D 25 56.34 -9.81 5.39
CA ASP D 25 56.46 -8.98 4.19
C ASP D 25 57.58 -7.95 4.32
N ASP D 26 57.80 -7.43 5.55
CA ASP D 26 58.84 -6.45 5.88
C ASP D 26 60.17 -7.14 6.25
N GLN D 27 60.19 -8.49 6.30
CA GLN D 27 61.35 -9.32 6.63
C GLN D 27 62.50 -9.21 5.61
N ARG D 28 62.20 -8.71 4.38
CA ARG D 28 63.16 -8.51 3.29
C ARG D 28 64.20 -7.44 3.63
N LEU D 29 63.86 -6.54 4.57
CA LEU D 29 64.73 -5.49 5.10
C LEU D 29 65.52 -6.07 6.29
N LEU D 30 64.82 -6.87 7.15
CA LEU D 30 65.38 -7.55 8.34
C LEU D 30 66.51 -8.52 7.98
N SER D 31 66.40 -9.19 6.81
CA SER D 31 67.42 -10.10 6.30
C SER D 31 68.23 -9.33 5.23
N GLU D 32 69.52 -9.09 5.52
CA GLU D 32 70.44 -8.34 4.65
C GLU D 32 70.72 -9.04 3.31
N LYS D 33 69.92 -8.70 2.29
CA LYS D 33 70.03 -9.23 0.93
C LYS D 33 70.31 -8.07 -0.02
N GLY D 34 69.49 -7.03 0.08
CA GLY D 34 69.60 -5.81 -0.71
C GLY D 34 70.22 -4.64 0.05
N ILE D 35 70.14 -4.70 1.40
CA ILE D 35 70.69 -3.68 2.32
C ILE D 35 72.23 -3.52 2.12
N PRO D 36 73.08 -4.59 2.21
CA PRO D 36 74.51 -4.38 1.97
C PRO D 36 74.88 -4.41 0.48
N LYS D 37 73.94 -4.84 -0.40
CA LYS D 37 74.15 -4.89 -1.84
C LYS D 37 74.04 -3.47 -2.42
N LEU D 38 73.16 -2.63 -1.83
CA LEU D 38 72.98 -1.23 -2.18
C LEU D 38 74.22 -0.44 -1.73
N ARG D 39 74.83 -0.88 -0.61
CA ARG D 39 76.06 -0.33 -0.02
C ARG D 39 77.24 -0.60 -0.99
N LYS D 40 77.21 -1.77 -1.68
CA LYS D 40 78.21 -2.20 -2.66
C LYS D 40 77.96 -1.57 -4.04
N MET D 41 76.69 -1.33 -4.39
CA MET D 41 76.29 -0.74 -5.68
C MET D 41 76.45 0.79 -5.72
N ALA D 42 76.52 1.43 -4.54
CA ALA D 42 76.69 2.88 -4.38
C ALA D 42 78.01 3.43 -4.99
N PRO D 43 79.24 2.90 -4.69
CA PRO D 43 80.44 3.46 -5.32
C PRO D 43 80.60 3.07 -6.80
N ARG D 44 79.89 2.01 -7.24
CA ARG D 44 79.89 1.50 -8.62
C ARG D 44 79.35 2.56 -9.59
N LEU D 45 78.27 3.26 -9.18
CA LEU D 45 77.63 4.31 -9.98
C LEU D 45 77.65 5.66 -9.26
N LYS D 46 78.64 6.50 -9.60
CA LYS D 46 78.84 7.85 -9.06
C LYS D 46 78.75 8.87 -10.19
N PHE D 47 77.97 9.94 -9.99
CA PHE D 47 77.78 10.97 -11.01
C PHE D 47 78.11 12.38 -10.52
N LYS D 48 78.68 13.20 -11.42
CA LYS D 48 79.10 14.59 -11.17
C LYS D 48 78.66 15.50 -12.33
N GLY D 49 78.37 16.77 -12.02
CA GLY D 49 77.97 17.76 -13.01
C GLY D 49 76.94 18.76 -12.53
N LYS D 50 77.31 20.06 -12.61
CA LYS D 50 76.45 21.19 -12.24
C LYS D 50 75.30 21.36 -13.23
N GLY D 51 75.60 21.17 -14.52
CA GLY D 51 74.65 21.23 -15.62
C GLY D 51 74.16 19.84 -15.98
N HIS D 52 73.02 19.78 -16.72
CA HIS D 52 72.34 18.54 -17.15
C HIS D 52 71.93 17.69 -15.92
N GLU D 53 71.49 18.37 -14.84
CA GLU D 53 71.08 17.80 -13.56
C GLU D 53 69.84 16.88 -13.66
N PHE D 54 68.96 17.11 -14.67
CA PHE D 54 67.76 16.30 -14.92
C PHE D 54 68.16 14.91 -15.41
N SER D 55 69.29 14.82 -16.14
CA SER D 55 69.84 13.56 -16.65
C SER D 55 70.56 12.80 -15.53
N ASP D 56 71.09 13.53 -14.52
CA ASP D 56 71.76 12.95 -13.35
C ASP D 56 70.75 12.35 -12.36
N THR D 57 69.59 13.01 -12.20
CA THR D 57 68.50 12.60 -11.30
C THR D 57 67.77 11.36 -11.86
N ALA D 58 67.47 11.35 -13.18
CA ALA D 58 66.79 10.26 -13.89
C ALA D 58 67.55 8.93 -13.78
N ARG D 59 68.89 8.99 -13.73
CA ARG D 59 69.78 7.83 -13.58
C ARG D 59 69.62 7.21 -12.20
N LEU D 60 69.43 8.05 -11.15
CA LEU D 60 69.24 7.63 -9.76
C LEU D 60 67.86 7.00 -9.57
N LEU D 61 66.82 7.57 -10.22
CA LEU D 61 65.44 7.09 -10.16
C LEU D 61 65.29 5.72 -10.85
N SER D 62 65.97 5.54 -12.00
CA SER D 62 65.97 4.29 -12.77
C SER D 62 66.79 3.21 -12.05
N PHE D 63 67.81 3.63 -11.26
CA PHE D 63 68.67 2.75 -10.46
C PHE D 63 67.86 2.09 -9.34
N TYR D 64 67.02 2.89 -8.64
CA TYR D 64 66.16 2.42 -7.55
C TYR D 64 64.93 1.66 -8.09
N GLN D 65 64.53 1.94 -9.34
CA GLN D 65 63.39 1.31 -10.04
C GLN D 65 63.60 -0.20 -10.16
N GLU D 66 64.76 -0.62 -10.74
CA GLU D 66 65.12 -2.03 -10.91
C GLU D 66 65.55 -2.65 -9.57
N TRP D 67 66.05 -1.81 -8.62
CA TRP D 67 66.48 -2.24 -7.29
C TRP D 67 65.28 -2.72 -6.46
N LEU D 68 64.20 -1.93 -6.43
CA LEU D 68 62.96 -2.25 -5.71
C LEU D 68 62.21 -3.41 -6.36
N ASP D 69 62.28 -3.49 -7.71
CA ASP D 69 61.63 -4.54 -8.50
C ASP D 69 62.30 -5.91 -8.31
N ASP D 70 63.54 -5.94 -7.77
CA ASP D 70 64.28 -7.17 -7.50
C ASP D 70 63.84 -7.80 -6.17
N LEU D 71 63.80 -6.99 -5.09
CA LEU D 71 63.39 -7.45 -3.75
C LEU D 71 61.87 -7.54 -3.61
N PHE D 72 61.14 -6.50 -4.09
CA PHE D 72 59.68 -6.45 -4.07
C PHE D 72 59.14 -6.46 -5.52
N PRO D 73 59.05 -7.64 -6.18
CA PRO D 73 58.58 -7.67 -7.57
C PRO D 73 57.06 -7.53 -7.68
N LYS D 74 56.59 -7.13 -8.89
CA LYS D 74 55.18 -6.92 -9.25
C LYS D 74 54.46 -5.93 -8.29
N ALA D 75 55.19 -4.88 -7.89
CA ALA D 75 54.70 -3.83 -6.98
C ALA D 75 54.95 -2.44 -7.56
N THR D 76 53.98 -1.52 -7.36
CA THR D 76 54.02 -0.12 -7.83
C THR D 76 55.17 0.62 -7.14
N PHE D 77 55.90 1.47 -7.90
CA PHE D 77 57.04 2.26 -7.42
C PHE D 77 56.70 3.14 -6.21
N LEU D 78 55.62 3.94 -6.30
CA LEU D 78 55.15 4.82 -5.23
C LEU D 78 54.67 4.04 -4.01
N ASP D 79 54.03 2.88 -4.24
CA ASP D 79 53.51 1.98 -3.20
C ASP D 79 54.66 1.27 -2.46
N ALA D 80 55.77 0.99 -3.17
CA ALA D 80 56.94 0.33 -2.61
C ALA D 80 57.72 1.23 -1.64
N LEU D 81 57.92 2.52 -2.01
CA LEU D 81 58.64 3.53 -1.23
C LEU D 81 58.00 3.78 0.14
N ALA D 82 56.64 3.82 0.17
CA ALA D 82 55.85 4.04 1.39
C ALA D 82 55.97 2.86 2.37
N MET D 83 56.17 1.64 1.83
CA MET D 83 56.31 0.42 2.63
C MET D 83 57.69 0.34 3.32
N VAL D 84 58.71 1.00 2.72
CA VAL D 84 60.08 1.06 3.24
C VAL D 84 60.14 1.97 4.48
N GLU D 85 59.57 3.20 4.38
CA GLU D 85 59.55 4.18 5.47
C GLU D 85 58.75 3.70 6.68
N LYS D 86 57.64 2.94 6.45
CA LYS D 86 56.77 2.35 7.49
C LYS D 86 57.57 1.32 8.30
N ALA D 87 58.44 0.55 7.61
CA ALA D 87 59.29 -0.47 8.18
C ALA D 87 60.44 0.13 8.98
N GLY D 88 60.90 1.31 8.57
CA GLY D 88 61.99 2.05 9.21
C GLY D 88 61.74 2.51 10.63
N HIS D 89 60.45 2.79 10.97
CA HIS D 89 60.04 3.25 12.30
C HIS D 89 60.09 2.16 13.38
N LYS D 90 60.22 0.87 12.98
CA LYS D 90 60.30 -0.29 13.87
C LYS D 90 61.59 -0.26 14.70
N THR D 91 61.50 -0.72 15.97
CA THR D 91 62.60 -0.75 16.94
C THR D 91 63.78 -1.63 16.50
N THR D 92 63.48 -2.78 15.86
CA THR D 92 64.47 -3.73 15.35
C THR D 92 65.25 -3.16 14.16
N VAL D 93 64.55 -2.43 13.28
CA VAL D 93 65.12 -1.79 12.09
C VAL D 93 65.94 -0.56 12.49
N ARG D 94 65.47 0.19 13.51
CA ARG D 94 66.14 1.39 14.05
C ARG D 94 67.55 1.09 14.56
N ASN D 95 67.74 -0.06 15.24
CA ASN D 95 69.03 -0.50 15.78
C ASN D 95 69.99 -0.89 14.64
N ALA D 96 69.45 -1.46 13.55
CA ALA D 96 70.20 -1.87 12.36
C ALA D 96 70.59 -0.65 11.50
N ARG D 97 69.74 0.39 11.53
CA ARG D 97 69.86 1.66 10.83
C ARG D 97 71.06 2.47 11.37
N LEU D 98 71.24 2.45 12.71
CA LEU D 98 72.30 3.16 13.44
C LEU D 98 73.70 2.60 13.21
N LYS D 99 73.80 1.39 12.62
CA LYS D 99 75.05 0.72 12.30
C LYS D 99 75.72 1.37 11.08
N TRP D 100 74.91 1.75 10.06
CA TRP D 100 75.39 2.36 8.82
C TRP D 100 75.92 3.79 8.99
N ILE D 101 75.39 4.55 9.97
CA ILE D 101 75.84 5.92 10.22
C ILE D 101 77.19 5.95 10.96
N ASP D 102 77.50 4.88 11.73
CA ASP D 102 78.75 4.74 12.50
C ASP D 102 79.96 4.46 11.59
N GLU D 103 79.77 3.62 10.57
CA GLU D 103 80.81 3.19 9.63
C GLU D 103 81.03 4.19 8.49
N LEU D 104 79.96 4.51 7.73
CA LEU D 104 80.01 5.43 6.60
C LEU D 104 79.58 6.84 7.02
N SER E 9 0.23 -27.56 -26.58
CA SER E 9 -1.20 -27.74 -26.29
C SER E 9 -1.42 -28.36 -24.90
N ALA E 10 -2.32 -27.76 -24.10
CA ALA E 10 -2.66 -28.22 -22.75
C ALA E 10 -4.16 -28.09 -22.47
N GLY E 11 -4.74 -29.15 -21.90
CA GLY E 11 -6.16 -29.21 -21.57
C GLY E 11 -6.46 -29.00 -20.10
N LEU E 12 -5.64 -28.17 -19.42
CA LEU E 12 -5.78 -27.83 -18.00
C LEU E 12 -5.85 -26.31 -17.83
N GLU E 13 -6.43 -25.64 -18.84
CA GLU E 13 -6.62 -24.18 -18.98
C GLU E 13 -7.27 -23.50 -17.78
N VAL E 14 -8.22 -24.18 -17.12
CA VAL E 14 -8.98 -23.64 -15.98
C VAL E 14 -8.10 -23.38 -14.75
N LEU E 15 -7.05 -24.18 -14.53
CA LEU E 15 -6.13 -24.02 -13.41
C LEU E 15 -5.42 -22.66 -13.47
N PHE E 16 -4.98 -22.26 -14.67
CA PHE E 16 -4.30 -20.99 -14.91
C PHE E 16 -5.32 -19.86 -15.14
N GLN E 17 -6.12 -19.98 -16.23
CA GLN E 17 -7.16 -19.00 -16.61
C GLN E 17 -8.45 -19.21 -15.80
N GLY E 18 -8.33 -19.02 -14.49
CA GLY E 18 -9.43 -19.17 -13.53
C GLY E 18 -9.24 -18.34 -12.27
N PRO E 19 -10.34 -17.96 -11.58
CA PRO E 19 -10.20 -17.17 -10.35
C PRO E 19 -9.59 -17.96 -9.19
N MET E 20 -8.74 -17.29 -8.40
CA MET E 20 -8.06 -17.89 -7.25
C MET E 20 -9.00 -18.27 -6.11
N GLU E 21 -8.53 -19.18 -5.24
CA GLU E 21 -9.22 -19.72 -4.05
C GLU E 21 -9.70 -18.61 -3.09
N ASP E 22 -10.92 -18.77 -2.53
CA ASP E 22 -11.56 -17.81 -1.63
C ASP E 22 -10.73 -17.40 -0.41
N GLY E 23 -9.93 -18.32 0.10
CA GLY E 23 -9.04 -18.06 1.23
C GLY E 23 -7.60 -17.84 0.80
N GLU E 24 -6.71 -17.56 1.80
CA GLU E 24 -5.27 -17.30 1.67
C GLU E 24 -4.91 -16.51 0.38
N VAL E 25 -5.54 -15.34 0.25
CA VAL E 25 -5.34 -14.37 -0.81
C VAL E 25 -5.70 -13.02 -0.20
N ASN E 26 -4.67 -12.20 0.07
CA ASN E 26 -4.81 -10.89 0.70
C ASN E 26 -5.73 -10.00 -0.14
N ASP E 27 -6.83 -9.50 0.49
CA ASP E 27 -7.84 -8.64 -0.15
C ASP E 27 -7.20 -7.43 -0.83
N VAL E 28 -7.67 -7.14 -2.05
CA VAL E 28 -7.19 -6.04 -2.91
C VAL E 28 -7.33 -4.65 -2.27
N VAL E 29 -8.34 -4.45 -1.42
CA VAL E 29 -8.61 -3.17 -0.75
C VAL E 29 -7.74 -2.99 0.50
N HIS E 30 -7.33 -1.73 0.78
CA HIS E 30 -6.56 -1.36 1.97
C HIS E 30 -7.40 -1.81 3.18
N PRO E 31 -6.85 -2.70 4.04
CA PRO E 31 -7.62 -3.20 5.19
C PRO E 31 -8.27 -2.14 6.09
N GLN E 32 -7.62 -0.97 6.30
CA GLN E 32 -8.13 0.16 7.10
C GLN E 32 -9.43 0.69 6.49
N VAL E 33 -9.42 0.90 5.16
CA VAL E 33 -10.56 1.36 4.35
C VAL E 33 -11.70 0.33 4.47
N ARG E 34 -11.38 -0.98 4.29
CA ARG E 34 -12.35 -2.08 4.38
C ARG E 34 -12.97 -2.17 5.77
N ALA E 35 -12.15 -2.06 6.84
CA ALA E 35 -12.59 -2.10 8.22
C ALA E 35 -13.51 -0.92 8.55
N HIS E 36 -13.20 0.27 7.99
CA HIS E 36 -13.98 1.49 8.19
C HIS E 36 -15.35 1.42 7.51
N ILE E 37 -15.37 1.14 6.18
CA ILE E 37 -16.59 1.09 5.36
C ILE E 37 -17.59 0.03 5.85
N ASN E 38 -17.10 -1.15 6.31
CA ASN E 38 -17.95 -2.24 6.82
C ASN E 38 -18.76 -1.84 8.07
N SER E 39 -18.26 -0.87 8.84
CA SER E 39 -18.86 -0.35 10.07
C SER E 39 -19.93 0.69 9.74
N LEU E 40 -19.69 1.45 8.66
CA LEU E 40 -20.57 2.53 8.21
C LEU E 40 -21.79 2.02 7.44
N VAL E 41 -21.59 1.04 6.52
CA VAL E 41 -22.68 0.49 5.69
C VAL E 41 -23.74 -0.28 6.51
N SER E 42 -23.36 -0.80 7.69
CA SER E 42 -24.26 -1.52 8.59
C SER E 42 -25.03 -0.53 9.47
N ALA E 43 -24.33 0.52 9.97
CA ALA E 43 -24.87 1.58 10.83
C ALA E 43 -25.86 2.50 10.11
N LEU E 44 -25.80 2.50 8.77
CA LEU E 44 -26.63 3.28 7.85
C LEU E 44 -28.12 2.91 7.94
N GLY E 45 -28.40 1.64 8.21
CA GLY E 45 -29.74 1.09 8.33
C GLY E 45 -29.84 -0.38 7.96
N GLY E 46 -31.08 -0.87 7.89
CA GLY E 46 -31.41 -2.25 7.57
C GLY E 46 -32.87 -2.42 7.18
N ILE E 47 -33.17 -3.44 6.35
CA ILE E 47 -34.52 -3.74 5.83
C ILE E 47 -35.37 -4.56 6.83
N SER E 48 -36.65 -4.14 7.03
CA SER E 48 -37.67 -4.78 7.88
C SER E 48 -39.09 -4.30 7.56
N ILE E 49 -39.76 -4.99 6.63
CA ILE E 49 -41.15 -4.70 6.20
C ILE E 49 -42.12 -5.54 7.06
N ASP E 50 -41.77 -6.81 7.30
CA ASP E 50 -42.54 -7.77 8.11
C ASP E 50 -42.12 -7.69 9.58
N ASP E 51 -40.80 -7.58 9.85
CA ASP E 51 -40.24 -7.48 11.19
C ASP E 51 -40.38 -6.07 11.76
N GLY E 54 -41.02 -0.89 6.40
CA GLY E 54 -40.32 -1.18 5.14
C GLY E 54 -38.82 -1.31 5.31
N TYR E 55 -38.17 -0.19 5.69
CA TYR E 55 -36.73 -0.08 5.92
C TYR E 55 -36.47 0.75 7.18
N LYS E 56 -35.76 0.15 8.16
CA LYS E 56 -35.38 0.80 9.41
C LYS E 56 -34.16 1.67 9.15
N LEU E 57 -34.32 3.00 9.21
CA LEU E 57 -33.22 3.94 9.01
C LEU E 57 -32.33 3.93 10.27
N GLY E 58 -31.02 4.01 10.06
CA GLY E 58 -30.03 4.04 11.13
C GLY E 58 -30.17 5.24 12.03
N ASP E 59 -29.74 5.11 13.29
CA ASP E 59 -29.83 6.19 14.28
C ASP E 59 -28.96 7.39 13.91
N ASP E 60 -27.66 7.17 13.64
CA ASP E 60 -26.75 8.23 13.23
C ASP E 60 -26.49 8.19 11.72
N ALA E 61 -27.54 7.81 10.94
CA ALA E 61 -27.52 7.69 9.47
C ALA E 61 -27.01 8.93 8.74
N LEU E 62 -27.39 10.14 9.21
CA LEU E 62 -26.97 11.41 8.62
C LEU E 62 -25.45 11.61 8.79
N GLU E 63 -24.92 11.25 9.98
CA GLU E 63 -23.50 11.34 10.34
C GLU E 63 -22.68 10.26 9.64
N VAL E 64 -23.30 9.08 9.41
CA VAL E 64 -22.70 7.92 8.72
C VAL E 64 -22.45 8.26 7.25
N LEU E 65 -23.43 8.91 6.60
CA LEU E 65 -23.37 9.37 5.22
C LEU E 65 -22.32 10.47 5.04
N ARG E 66 -22.15 11.32 6.08
CA ARG E 66 -21.20 12.42 6.13
C ARG E 66 -19.76 11.90 6.13
N ASP E 67 -19.50 10.82 6.90
CA ASP E 67 -18.20 10.17 7.02
C ASP E 67 -17.83 9.38 5.76
N LEU E 68 -18.84 8.77 5.09
CA LEU E 68 -18.64 8.01 3.85
C LEU E 68 -18.26 8.96 2.73
N LYS E 69 -18.80 10.20 2.75
CA LYS E 69 -18.52 11.26 1.79
C LYS E 69 -17.08 11.73 1.96
N LYS E 70 -16.60 11.78 3.23
CA LYS E 70 -15.24 12.19 3.59
C LYS E 70 -14.21 11.19 3.06
N TRP E 71 -14.50 9.88 3.15
CA TRP E 71 -13.60 8.83 2.68
C TRP E 71 -13.58 8.71 1.15
N ILE E 72 -14.75 8.90 0.48
CA ILE E 72 -14.81 8.84 -0.99
C ILE E 72 -14.19 10.09 -1.64
N ARG E 73 -14.12 11.22 -0.89
CA ARG E 73 -13.60 12.50 -1.38
C ARG E 73 -12.13 12.75 -1.04
N PHE E 74 -11.73 12.61 0.24
CA PHE E 74 -10.38 12.91 0.70
C PHE E 74 -9.38 11.75 0.61
N TYR E 75 -9.84 10.54 0.28
CA TYR E 75 -8.94 9.41 0.09
C TYR E 75 -9.01 8.92 -1.36
N ASP E 76 -10.11 8.23 -1.69
CA ASP E 76 -10.47 7.62 -2.97
C ASP E 76 -10.31 8.58 -4.18
N GLU E 77 -10.65 9.86 -4.00
CA GLU E 77 -10.63 10.90 -5.04
C GLU E 77 -9.35 11.74 -5.07
N LYS E 78 -8.89 12.24 -3.90
CA LYS E 78 -7.70 13.10 -3.81
C LYS E 78 -6.36 12.36 -3.98
N THR E 79 -6.36 11.03 -3.87
CA THR E 79 -5.16 10.20 -4.03
C THR E 79 -5.30 9.27 -5.25
N ASN E 80 -6.55 9.17 -5.81
CA ASN E 80 -6.92 8.32 -6.96
C ASN E 80 -6.58 6.86 -6.62
N ARG E 81 -7.25 6.33 -5.58
CA ARG E 81 -6.99 4.98 -5.06
C ARG E 81 -8.07 3.94 -5.38
N MET E 82 -9.37 4.35 -5.40
CA MET E 82 -10.54 3.49 -5.67
C MET E 82 -10.81 2.40 -4.61
N ASP E 83 -10.21 2.52 -3.41
CA ASP E 83 -10.38 1.58 -2.31
C ASP E 83 -11.77 1.69 -1.65
N VAL E 84 -12.22 2.94 -1.37
CA VAL E 84 -13.53 3.23 -0.78
C VAL E 84 -14.64 2.79 -1.75
N ALA E 85 -14.47 3.13 -3.05
CA ALA E 85 -15.39 2.81 -4.14
C ALA E 85 -15.60 1.30 -4.33
N ARG E 86 -14.51 0.49 -4.29
CA ARG E 86 -14.57 -0.97 -4.43
C ARG E 86 -15.34 -1.58 -3.26
N CYS E 87 -15.14 -1.06 -2.03
CA CYS E 87 -15.81 -1.50 -0.81
C CYS E 87 -17.32 -1.30 -0.90
N LEU E 88 -17.73 -0.09 -1.34
CA LEU E 88 -19.14 0.29 -1.49
C LEU E 88 -19.78 -0.43 -2.67
N ALA E 89 -18.97 -0.87 -3.65
CA ALA E 89 -19.42 -1.63 -4.81
C ALA E 89 -19.81 -3.03 -4.36
N GLU E 90 -18.98 -3.63 -3.48
CA GLU E 90 -19.20 -4.96 -2.90
C GLU E 90 -20.36 -4.93 -1.91
N ALA E 91 -20.57 -3.78 -1.23
CA ALA E 91 -21.67 -3.56 -0.29
C ALA E 91 -22.96 -3.29 -1.08
N ASN E 92 -22.82 -2.71 -2.29
CA ASN E 92 -23.89 -2.37 -3.25
C ASN E 92 -24.98 -1.48 -2.63
N ILE E 93 -24.58 -0.56 -1.70
CA ILE E 93 -25.46 0.35 -0.98
C ILE E 93 -26.26 1.26 -1.92
N VAL E 94 -25.65 1.65 -3.04
CA VAL E 94 -26.24 2.50 -4.08
C VAL E 94 -27.50 1.82 -4.68
N SER E 95 -27.55 0.48 -4.62
CA SER E 95 -28.64 -0.36 -5.14
C SER E 95 -29.50 -1.02 -4.04
N THR E 96 -28.94 -1.23 -2.82
CA THR E 96 -29.66 -1.92 -1.74
C THR E 96 -30.02 -1.04 -0.54
N ASP E 97 -29.17 -0.06 -0.17
CA ASP E 97 -29.42 0.79 1.01
C ASP E 97 -29.95 2.17 0.67
N LEU E 98 -29.18 2.97 -0.10
CA LEU E 98 -29.49 4.34 -0.49
C LEU E 98 -30.81 4.51 -1.23
N LEU E 99 -31.23 3.51 -2.03
CA LEU E 99 -32.51 3.57 -2.76
C LEU E 99 -33.70 3.51 -1.81
N HIS E 100 -33.60 2.65 -0.77
CA HIS E 100 -34.62 2.47 0.26
C HIS E 100 -34.70 3.67 1.21
N ILE E 101 -33.57 4.39 1.40
CA ILE E 101 -33.49 5.61 2.21
C ILE E 101 -34.22 6.75 1.45
N LEU E 102 -34.02 6.84 0.12
CA LEU E 102 -34.66 7.84 -0.74
C LEU E 102 -36.16 7.56 -0.91
N ALA E 103 -36.58 6.29 -0.72
CA ALA E 103 -37.97 5.84 -0.79
C ALA E 103 -38.80 6.37 0.39
N LEU E 104 -38.15 6.59 1.55
CA LEU E 104 -38.77 7.09 2.79
C LEU E 104 -39.24 8.54 2.64
N TRP E 105 -38.49 9.36 1.87
CA TRP E 105 -38.79 10.76 1.61
C TRP E 105 -39.85 10.88 0.50
N THR E 106 -41.11 10.58 0.85
CA THR E 106 -42.28 10.59 -0.05
C THR E 106 -42.65 12.02 -0.51
N PRO E 107 -43.43 12.22 -1.62
CA PRO E 107 -43.77 13.60 -2.05
C PRO E 107 -44.47 14.47 -1.00
N ASN E 108 -45.29 13.85 -0.13
CA ASN E 108 -46.00 14.53 0.96
C ASN E 108 -45.05 14.84 2.14
N GLU E 109 -43.94 14.07 2.26
CA GLU E 109 -42.94 14.23 3.31
C GLU E 109 -41.74 15.10 2.89
N ASN E 110 -41.92 15.96 1.85
CA ASN E 110 -40.86 16.87 1.40
C ASN E 110 -40.62 18.02 2.40
N SER E 111 -41.57 18.24 3.33
CA SER E 111 -41.49 19.25 4.38
C SER E 111 -40.51 18.86 5.48
N ASN E 112 -40.28 17.52 5.66
CA ASN E 112 -39.35 16.94 6.65
C ASN E 112 -37.93 17.42 6.37
N LYS E 113 -37.36 18.23 7.28
CA LYS E 113 -36.01 18.78 7.11
C LYS E 113 -34.91 17.74 7.30
N TYR E 114 -35.13 16.77 8.22
CA TYR E 114 -34.18 15.67 8.46
C TYR E 114 -34.20 14.69 7.29
N LYS E 115 -35.40 14.35 6.77
CA LYS E 115 -35.57 13.43 5.64
C LYS E 115 -35.09 14.04 4.31
N ALA E 116 -35.11 15.38 4.18
CA ALA E 116 -34.62 16.07 3.00
C ALA E 116 -33.09 16.16 3.02
N ARG E 117 -32.49 16.30 4.24
CA ARG E 117 -31.05 16.38 4.43
C ARG E 117 -30.38 15.02 4.17
N ILE E 118 -31.02 13.92 4.62
CA ILE E 118 -30.51 12.55 4.40
C ILE E 118 -30.63 12.17 2.93
N ALA E 119 -31.66 12.72 2.23
CA ALA E 119 -31.90 12.52 0.80
C ALA E 119 -30.78 13.18 -0.02
N LEU E 120 -30.34 14.39 0.40
CA LEU E 120 -29.25 15.13 -0.25
C LEU E 120 -27.92 14.38 -0.04
N ALA E 121 -27.69 13.90 1.19
CA ALA E 121 -26.50 13.12 1.58
C ALA E 121 -26.35 11.84 0.76
N CYS E 122 -27.50 11.28 0.29
CA CYS E 122 -27.56 10.09 -0.57
C CYS E 122 -27.03 10.43 -1.95
N PHE E 123 -27.44 11.60 -2.50
CA PHE E 123 -26.97 12.07 -3.81
C PHE E 123 -25.55 12.61 -3.74
N GLU E 124 -25.13 13.12 -2.56
CA GLU E 124 -23.76 13.59 -2.30
C GLU E 124 -22.79 12.40 -2.30
N LEU E 125 -23.35 11.18 -2.20
CA LEU E 125 -22.65 9.90 -2.19
C LEU E 125 -22.82 9.18 -3.53
N MET E 126 -24.02 9.27 -4.15
CA MET E 126 -24.35 8.62 -5.42
C MET E 126 -23.65 9.24 -6.62
N VAL E 127 -23.47 10.59 -6.64
CA VAL E 127 -22.80 11.33 -7.70
C VAL E 127 -21.32 10.88 -7.85
N PRO E 128 -20.44 10.88 -6.80
CA PRO E 128 -19.06 10.41 -7.00
C PRO E 128 -18.95 8.92 -7.34
N LEU E 129 -19.91 8.09 -6.88
CA LEU E 129 -19.94 6.65 -7.12
C LEU E 129 -20.39 6.28 -8.54
N THR E 130 -21.30 7.07 -9.14
CA THR E 130 -21.79 6.84 -10.50
C THR E 130 -21.05 7.74 -11.52
N TRP E 131 -20.03 8.48 -11.06
CA TRP E 131 -19.21 9.39 -11.87
C TRP E 131 -18.40 8.60 -12.91
N PRO E 132 -18.36 9.04 -14.19
CA PRO E 132 -17.59 8.30 -15.21
C PRO E 132 -16.08 8.23 -14.94
N ILE E 133 -15.48 7.06 -15.20
CA ILE E 133 -14.05 6.83 -14.99
C ILE E 133 -13.30 6.69 -16.33
N GLU E 134 -12.14 7.35 -16.45
CA GLU E 134 -11.30 7.34 -17.66
C GLU E 134 -10.47 6.07 -17.76
N LYS E 135 -10.40 5.50 -18.98
CA LYS E 135 -9.62 4.28 -19.28
C LYS E 135 -8.12 4.59 -19.40
N ASP E 136 -7.75 5.90 -19.42
CA ASP E 136 -6.38 6.41 -19.49
C ASP E 136 -5.71 6.33 -18.11
N ARG E 137 -6.52 6.35 -17.03
CA ARG E 137 -6.11 6.25 -15.63
C ARG E 137 -5.59 4.85 -15.28
N GLU E 138 -6.14 3.81 -15.94
CA GLU E 138 -5.84 2.38 -15.75
C GLU E 138 -4.35 2.04 -15.86
N THR E 139 -3.69 2.44 -16.97
CA THR E 139 -2.28 2.18 -17.28
C THR E 139 -1.27 2.78 -16.27
N MET E 140 -1.72 3.71 -15.40
CA MET E 140 -0.87 4.36 -14.40
C MET E 140 -0.42 3.44 -13.25
N THR E 141 -1.37 3.02 -12.38
CA THR E 141 -1.06 2.18 -11.21
C THR E 141 -1.73 0.81 -11.23
N ILE E 142 -1.19 -0.15 -10.44
CA ILE E 142 -1.71 -1.51 -10.29
C ILE E 142 -3.09 -1.52 -9.60
N ASN E 143 -3.36 -0.54 -8.70
CA ASN E 143 -4.65 -0.41 -8.00
C ASN E 143 -5.78 -0.06 -8.97
N HIS E 144 -5.46 0.73 -10.01
CA HIS E 144 -6.42 1.13 -11.05
C HIS E 144 -6.81 -0.09 -11.89
N HIS E 145 -5.81 -0.88 -12.33
CA HIS E 145 -5.99 -2.10 -13.14
C HIS E 145 -6.89 -3.15 -12.49
N ARG E 146 -6.74 -3.38 -11.16
CA ARG E 146 -7.47 -4.40 -10.41
C ARG E 146 -8.90 -3.98 -10.02
N HIS E 147 -9.16 -2.67 -9.82
CA HIS E 147 -10.47 -2.20 -9.38
C HIS E 147 -11.39 -1.72 -10.52
N ILE E 148 -10.86 -0.99 -11.52
CA ILE E 148 -11.62 -0.45 -12.67
C ILE E 148 -12.57 -1.49 -13.33
N PRO E 149 -12.14 -2.74 -13.69
CA PRO E 149 -13.10 -3.68 -14.30
C PRO E 149 -14.32 -4.01 -13.45
N VAL E 150 -14.13 -4.07 -12.12
CA VAL E 150 -15.19 -4.36 -11.14
C VAL E 150 -16.10 -3.12 -11.02
N LEU E 151 -15.51 -1.92 -10.86
CA LEU E 151 -16.21 -0.65 -10.71
C LEU E 151 -17.03 -0.26 -11.92
N GLN E 152 -16.54 -0.56 -13.14
CA GLN E 152 -17.24 -0.28 -14.39
C GLN E 152 -18.53 -1.11 -14.46
N LEU E 153 -18.45 -2.38 -14.04
CA LEU E 153 -19.59 -3.31 -14.01
C LEU E 153 -20.55 -2.93 -12.87
N ALA E 154 -20.00 -2.41 -11.75
CA ALA E 154 -20.76 -1.97 -10.59
C ALA E 154 -21.62 -0.75 -10.94
N GLN E 155 -21.07 0.17 -11.75
CA GLN E 155 -21.76 1.38 -12.21
C GLN E 155 -22.98 1.01 -13.05
N LEU E 156 -22.86 -0.06 -13.86
CA LEU E 156 -23.95 -0.58 -14.69
C LEU E 156 -25.07 -1.15 -13.81
N GLY E 157 -24.66 -1.78 -12.71
CA GLY E 157 -25.56 -2.36 -11.71
C GLY E 157 -26.30 -1.28 -10.93
N TYR E 158 -25.66 -0.10 -10.77
CA TYR E 158 -26.24 1.06 -10.08
C TYR E 158 -27.33 1.66 -10.96
N LYS E 159 -27.00 1.94 -12.25
CA LYS E 159 -27.90 2.49 -13.25
C LYS E 159 -29.16 1.64 -13.42
N ARG E 160 -29.03 0.31 -13.56
CA ARG E 160 -30.18 -0.60 -13.73
C ARG E 160 -31.11 -0.62 -12.50
N ALA E 161 -30.54 -0.47 -11.28
CA ALA E 161 -31.34 -0.42 -10.04
C ALA E 161 -32.08 0.91 -9.91
N ILE E 162 -31.44 2.03 -10.31
CA ILE E 162 -32.02 3.38 -10.24
C ILE E 162 -33.16 3.54 -11.28
N ILE E 163 -32.93 3.08 -12.52
CA ILE E 163 -33.92 3.15 -13.60
C ILE E 163 -35.14 2.25 -13.32
N ASN E 164 -34.91 1.00 -12.86
CA ASN E 164 -35.97 0.02 -12.62
C ASN E 164 -36.31 -0.17 -11.12
N TYR E 165 -36.50 0.94 -10.37
CA TYR E 165 -36.86 0.84 -8.95
C TYR E 165 -38.37 0.95 -8.76
N ASP E 166 -38.99 -0.18 -8.45
CA ASP E 166 -40.44 -0.39 -8.26
C ASP E 166 -41.10 0.43 -7.15
N ALA E 167 -40.44 0.55 -5.98
CA ALA E 167 -40.99 1.26 -4.81
C ALA E 167 -41.13 2.77 -4.96
N ALA E 168 -40.07 3.48 -5.40
CA ALA E 168 -40.10 4.94 -5.52
C ALA E 168 -39.38 5.51 -6.76
N PRO E 169 -39.81 6.67 -7.32
CA PRO E 169 -39.10 7.23 -8.48
C PRO E 169 -37.89 8.07 -8.04
N ILE E 170 -36.67 7.47 -8.07
CA ILE E 170 -35.41 8.07 -7.64
C ILE E 170 -35.03 9.32 -8.45
N LEU E 171 -35.20 9.29 -9.79
CA LEU E 171 -34.89 10.41 -10.66
C LEU E 171 -35.82 11.60 -10.40
N SER E 172 -37.09 11.33 -10.07
CA SER E 172 -38.10 12.33 -9.72
C SER E 172 -37.77 12.90 -8.33
N THR E 173 -37.25 12.03 -7.42
CA THR E 173 -36.82 12.37 -6.06
C THR E 173 -35.59 13.29 -6.13
N ALA E 174 -34.70 13.07 -7.11
CA ALA E 174 -33.50 13.88 -7.34
C ALA E 174 -33.87 15.32 -7.67
N VAL E 175 -34.86 15.49 -8.58
CA VAL E 175 -35.40 16.79 -9.04
C VAL E 175 -35.94 17.59 -7.83
N ARG E 176 -36.67 16.90 -6.91
CA ARG E 176 -37.25 17.48 -5.70
C ARG E 176 -36.22 18.05 -4.71
N VAL E 177 -34.99 17.50 -4.71
CA VAL E 177 -33.89 17.96 -3.84
C VAL E 177 -33.45 19.35 -4.29
N ALA E 178 -33.25 19.55 -5.61
CA ALA E 178 -32.83 20.80 -6.22
C ALA E 178 -33.98 21.81 -6.37
N LEU E 179 -35.22 21.31 -6.57
CA LEU E 179 -36.46 22.09 -6.77
C LEU E 179 -36.63 23.34 -5.86
N PRO E 180 -36.46 23.32 -4.50
CA PRO E 180 -36.64 24.57 -3.73
C PRO E 180 -35.56 25.64 -4.01
N ALA E 181 -34.31 25.20 -4.27
CA ALA E 181 -33.18 26.07 -4.59
C ALA E 181 -33.24 26.50 -6.06
N MET E 182 -34.07 25.81 -6.86
CA MET E 182 -34.30 26.06 -8.28
C MET E 182 -35.39 27.12 -8.48
N ALA E 183 -36.30 27.26 -7.48
CA ALA E 183 -37.40 28.22 -7.48
C ALA E 183 -36.93 29.65 -7.22
N MET E 184 -36.00 29.84 -6.26
CA MET E 184 -35.45 31.14 -5.88
C MET E 184 -34.63 31.80 -7.01
N PRO E 185 -34.61 33.17 -7.12
CA PRO E 185 -33.85 33.81 -8.20
C PRO E 185 -32.34 33.58 -8.13
N ILE E 186 -31.67 33.65 -9.30
CA ILE E 186 -30.23 33.41 -9.48
C ILE E 186 -29.38 34.34 -8.56
N GLY E 187 -29.83 35.57 -8.35
CA GLY E 187 -29.16 36.54 -7.49
C GLY E 187 -29.26 36.16 -6.02
N GLU E 188 -30.44 35.65 -5.61
CA GLU E 188 -30.76 35.21 -4.26
C GLU E 188 -30.09 33.89 -3.87
N ARG E 189 -29.71 33.07 -4.88
CA ARG E 189 -29.06 31.76 -4.68
C ARG E 189 -27.66 31.90 -4.08
N THR E 190 -27.38 31.12 -3.03
CA THR E 190 -26.07 31.09 -2.36
C THR E 190 -25.16 30.07 -3.06
N ALA E 191 -23.88 29.96 -2.61
CA ALA E 191 -22.91 29.01 -3.16
C ALA E 191 -23.34 27.56 -2.87
N ARG E 192 -24.00 27.33 -1.72
CA ARG E 192 -24.54 26.02 -1.32
C ARG E 192 -25.74 25.66 -2.20
N ASP E 193 -26.69 26.59 -2.35
CA ASP E 193 -27.92 26.44 -3.16
C ASP E 193 -27.65 26.19 -4.65
N GLN E 194 -26.57 26.80 -5.19
CA GLN E 194 -26.14 26.62 -6.59
C GLN E 194 -25.42 25.26 -6.75
N GLY E 195 -24.85 24.77 -5.66
CA GLY E 195 -24.15 23.49 -5.61
C GLY E 195 -25.11 22.31 -5.67
N ILE E 196 -26.33 22.47 -5.09
CA ILE E 196 -27.37 21.44 -5.07
C ILE E 196 -27.92 21.25 -6.48
N ILE E 197 -28.07 22.37 -7.26
CA ILE E 197 -28.55 22.33 -8.64
C ILE E 197 -27.51 21.58 -9.49
N LYS E 198 -26.21 21.91 -9.30
CA LYS E 198 -25.08 21.29 -9.99
C LYS E 198 -25.04 19.78 -9.71
N LEU E 199 -25.10 19.39 -8.41
CA LEU E 199 -25.07 17.99 -7.94
C LEU E 199 -26.17 17.14 -8.58
N ILE E 200 -27.43 17.65 -8.55
CA ILE E 200 -28.60 16.98 -9.10
C ILE E 200 -28.51 16.87 -10.63
N LEU E 201 -28.06 17.94 -11.31
CA LEU E 201 -27.89 17.93 -12.76
C LEU E 201 -26.79 16.94 -13.17
N TYR E 202 -25.69 16.88 -12.38
CA TYR E 202 -24.57 15.95 -12.63
C TYR E 202 -24.99 14.49 -12.41
N PHE E 203 -25.94 14.26 -11.50
CA PHE E 203 -26.49 12.93 -11.21
C PHE E 203 -27.24 12.39 -12.44
N LEU E 204 -28.03 13.27 -13.09
CA LEU E 204 -28.81 12.93 -14.29
C LEU E 204 -27.89 12.66 -15.48
N ARG E 205 -26.74 13.38 -15.54
CA ARG E 205 -25.73 13.21 -16.58
C ARG E 205 -25.00 11.88 -16.38
N ASN E 206 -24.63 11.56 -15.12
CA ASN E 206 -23.93 10.33 -14.74
C ASN E 206 -24.67 9.06 -15.13
N ILE E 207 -25.99 8.98 -14.82
CA ILE E 207 -26.85 7.83 -15.13
C ILE E 207 -27.13 7.70 -16.64
N ALA E 208 -27.07 8.83 -17.40
CA ALA E 208 -27.25 8.85 -18.86
C ALA E 208 -25.95 8.46 -19.57
N MET E 209 -24.80 8.71 -18.91
CA MET E 209 -23.45 8.42 -19.40
C MET E 209 -23.15 6.92 -19.37
N ILE E 210 -23.55 6.22 -18.28
CA ILE E 210 -23.30 4.79 -18.06
C ILE E 210 -23.86 3.92 -19.19
N THR E 211 -22.94 3.21 -19.88
CA THR E 211 -23.17 2.27 -20.98
C THR E 211 -22.11 1.14 -20.89
N PRO E 212 -22.39 -0.12 -21.34
CA PRO E 212 -21.36 -1.18 -21.24
C PRO E 212 -20.12 -0.93 -22.12
N PRO E 213 -18.89 -1.14 -21.61
CA PRO E 213 -17.68 -0.88 -22.41
C PRO E 213 -17.52 -1.66 -23.73
N PRO E 214 -17.74 -2.99 -23.88
CA PRO E 214 -17.54 -3.61 -25.20
C PRO E 214 -18.79 -3.56 -26.09
N ILE E 225 -31.68 -2.13 -24.98
CA ILE E 225 -32.77 -2.06 -23.99
C ILE E 225 -32.47 -1.01 -22.90
N SER E 226 -31.19 -0.88 -22.48
CA SER E 226 -30.74 0.09 -21.48
C SER E 226 -30.88 1.52 -21.98
N ARG E 227 -30.79 1.73 -23.30
CA ARG E 227 -30.97 3.04 -23.92
C ARG E 227 -32.45 3.40 -24.01
N SER E 228 -33.31 2.40 -24.28
CA SER E 228 -34.77 2.57 -24.36
C SER E 228 -35.38 2.87 -22.99
N ALA E 229 -35.01 2.08 -21.96
CA ALA E 229 -35.48 2.22 -20.57
C ALA E 229 -35.12 3.57 -19.95
N LEU E 230 -33.98 4.16 -20.38
CA LEU E 230 -33.51 5.47 -19.93
C LEU E 230 -34.47 6.57 -20.37
N ILE E 231 -34.87 6.57 -21.66
CA ILE E 231 -35.80 7.53 -22.25
C ILE E 231 -37.19 7.39 -21.60
N ASP E 232 -37.66 6.13 -21.42
CA ASP E 232 -38.94 5.81 -20.82
C ASP E 232 -39.05 6.28 -19.36
N ALA E 233 -37.96 6.14 -18.58
CA ALA E 233 -37.91 6.58 -17.18
C ALA E 233 -37.82 8.10 -17.07
N PHE E 234 -37.11 8.74 -18.02
CA PHE E 234 -36.92 10.19 -18.08
C PHE E 234 -38.23 10.96 -18.32
N SER E 235 -39.07 10.49 -19.26
CA SER E 235 -40.35 11.11 -19.59
C SER E 235 -41.40 10.89 -18.50
N TYR E 236 -41.49 9.65 -17.96
CA TYR E 236 -42.43 9.27 -16.92
C TYR E 236 -42.21 10.01 -15.60
N GLN E 237 -40.94 10.16 -15.18
CA GLN E 237 -40.58 10.84 -13.92
C GLN E 237 -40.36 12.36 -14.10
N ASP E 238 -40.83 12.90 -15.25
CA ASP E 238 -40.82 14.31 -15.65
C ASP E 238 -39.42 14.98 -15.60
N ILE E 239 -38.38 14.27 -16.07
CA ILE E 239 -37.03 14.83 -16.12
C ILE E 239 -36.86 15.64 -17.40
N PHE E 240 -37.45 15.18 -18.52
CA PHE E 240 -37.42 15.89 -19.80
C PHE E 240 -38.13 17.23 -19.66
N LEU E 241 -39.18 17.29 -18.82
CA LEU E 241 -39.95 18.49 -18.51
C LEU E 241 -39.07 19.45 -17.69
N THR E 242 -38.26 18.91 -16.75
CA THR E 242 -37.34 19.66 -15.90
C THR E 242 -36.20 20.23 -16.75
N LEU E 243 -35.63 19.41 -17.65
CA LEU E 243 -34.55 19.79 -18.58
C LEU E 243 -35.00 20.91 -19.50
N LEU E 244 -36.26 20.84 -19.98
CA LEU E 244 -36.85 21.84 -20.87
C LEU E 244 -37.04 23.18 -20.18
N THR E 245 -37.48 23.17 -18.90
CA THR E 245 -37.70 24.38 -18.10
C THR E 245 -36.40 25.10 -17.76
N ILE E 246 -35.28 24.36 -17.57
CA ILE E 246 -33.97 24.96 -17.28
C ILE E 246 -33.38 25.56 -18.57
N ALA E 247 -33.47 24.80 -19.69
CA ALA E 247 -32.97 25.21 -20.99
C ALA E 247 -33.71 26.43 -21.56
N SER E 248 -35.03 26.52 -21.33
CA SER E 248 -35.84 27.65 -21.81
C SER E 248 -35.64 28.92 -20.99
N ASN E 249 -35.54 28.81 -19.65
CA ASN E 249 -35.34 29.94 -18.74
C ASN E 249 -33.85 30.29 -18.52
N MET E 250 -32.96 29.66 -19.31
CA MET E 250 -31.50 29.79 -19.28
C MET E 250 -30.95 31.23 -19.30
N GLY E 251 -31.73 32.16 -19.85
CA GLY E 251 -31.33 33.56 -19.95
C GLY E 251 -31.26 34.31 -18.64
N GLU E 252 -32.43 34.52 -18.01
CA GLU E 252 -32.57 35.30 -16.77
C GLU E 252 -32.53 34.45 -15.50
N ASP E 253 -33.37 33.40 -15.42
CA ASP E 253 -33.50 32.52 -14.25
C ASP E 253 -32.29 31.61 -13.98
N PHE E 254 -31.41 31.39 -15.00
CA PHE E 254 -30.24 30.51 -14.87
C PHE E 254 -28.94 31.13 -15.39
N ARG E 255 -27.80 30.57 -14.94
CA ARG E 255 -26.41 30.95 -15.26
C ARG E 255 -25.53 29.79 -14.76
N THR E 256 -24.36 29.54 -15.41
CA THR E 256 -23.38 28.47 -15.05
C THR E 256 -23.91 27.07 -15.44
N GLU E 257 -25.17 26.76 -15.07
CA GLU E 257 -25.86 25.49 -15.30
C GLU E 257 -25.94 25.05 -16.78
N ASP E 258 -25.77 25.99 -17.74
CA ASP E 258 -25.84 25.75 -19.19
C ASP E 258 -25.09 24.50 -19.66
N VAL E 259 -23.78 24.44 -19.40
CA VAL E 259 -22.86 23.35 -19.80
C VAL E 259 -23.24 21.98 -19.24
N ILE E 260 -23.80 21.93 -18.03
CA ILE E 260 -24.22 20.68 -17.37
C ILE E 260 -25.52 20.18 -18.01
N VAL E 261 -26.47 21.10 -18.33
CA VAL E 261 -27.75 20.81 -18.99
C VAL E 261 -27.47 20.39 -20.44
N MET E 262 -26.47 21.03 -21.07
CA MET E 262 -25.99 20.74 -22.41
C MET E 262 -25.44 19.29 -22.48
N GLU E 263 -24.80 18.82 -21.38
CA GLU E 263 -24.22 17.48 -21.26
C GLU E 263 -25.27 16.36 -21.15
N ILE E 264 -26.32 16.56 -20.32
CA ILE E 264 -27.39 15.57 -20.11
C ILE E 264 -28.05 15.23 -21.44
N ILE E 265 -28.42 16.27 -22.23
CA ILE E 265 -29.03 16.16 -23.55
C ILE E 265 -28.08 15.41 -24.50
N PHE E 266 -26.79 15.80 -24.54
CA PHE E 266 -25.72 15.22 -25.36
C PHE E 266 -25.65 13.69 -25.27
N HIS E 267 -25.72 13.14 -24.04
CA HIS E 267 -25.65 11.70 -23.79
C HIS E 267 -26.98 10.99 -24.07
N LEU E 268 -28.11 11.71 -23.99
CA LEU E 268 -29.45 11.20 -24.30
C LEU E 268 -29.59 11.09 -25.83
N VAL E 269 -28.91 11.99 -26.58
CA VAL E 269 -28.96 12.10 -28.05
C VAL E 269 -27.74 11.46 -28.77
N LYS E 270 -26.66 11.09 -28.05
CA LYS E 270 -25.49 10.46 -28.68
C LYS E 270 -25.89 9.13 -29.33
N ARG E 271 -25.32 8.83 -30.52
CA ARG E 271 -25.56 7.65 -31.38
C ARG E 271 -27.09 7.42 -31.66
N VAL E 272 -27.81 8.54 -31.92
CA VAL E 272 -29.24 8.58 -32.25
C VAL E 272 -29.37 9.40 -33.55
N ASP E 273 -30.19 8.92 -34.51
CA ASP E 273 -30.43 9.60 -35.78
C ASP E 273 -31.34 10.81 -35.56
N PRO E 274 -31.01 12.00 -36.14
CA PRO E 274 -31.85 13.19 -35.92
C PRO E 274 -33.20 13.16 -36.64
N LYS E 275 -33.34 12.29 -37.66
CA LYS E 275 -34.56 12.16 -38.46
C LYS E 275 -35.36 10.90 -38.07
N GLY E 276 -36.64 11.09 -37.74
CA GLY E 276 -37.58 10.04 -37.36
C GLY E 276 -37.09 9.18 -36.21
N GLN E 277 -37.17 9.70 -34.97
CA GLN E 277 -36.69 9.02 -33.78
C GLN E 277 -37.70 8.98 -32.62
N GLN E 278 -37.42 8.13 -31.61
CA GLN E 278 -38.20 7.96 -30.38
C GLN E 278 -38.13 9.21 -29.50
N LEU E 279 -37.01 9.97 -29.61
CA LEU E 279 -36.78 11.24 -28.91
C LEU E 279 -37.55 12.38 -29.60
N GLY E 280 -38.32 12.03 -30.64
CA GLY E 280 -39.15 12.94 -31.43
C GLY E 280 -40.10 13.80 -30.61
N SER E 281 -40.59 13.23 -29.48
CA SER E 281 -41.49 13.91 -28.54
C SER E 281 -40.77 15.05 -27.79
N PHE E 282 -39.50 14.82 -27.41
CA PHE E 282 -38.68 15.78 -26.67
C PHE E 282 -37.97 16.82 -27.57
N VAL E 283 -37.39 16.38 -28.71
CA VAL E 283 -36.64 17.26 -29.64
C VAL E 283 -37.54 18.38 -30.24
N SER E 284 -38.82 18.07 -30.51
CA SER E 284 -39.79 19.03 -31.04
C SER E 284 -40.06 20.11 -29.99
N ASP E 285 -40.27 19.69 -28.72
CA ASP E 285 -40.52 20.56 -27.58
C ASP E 285 -39.29 21.40 -27.21
N PHE E 286 -38.08 20.84 -27.42
CA PHE E 286 -36.81 21.51 -27.15
C PHE E 286 -36.56 22.64 -28.15
N LEU E 287 -36.73 22.38 -29.46
CA LEU E 287 -36.52 23.38 -30.51
C LEU E 287 -37.51 24.54 -30.41
N ASP E 288 -38.72 24.24 -29.93
CA ASP E 288 -39.81 25.21 -29.74
C ASP E 288 -39.61 26.12 -28.51
N SER E 289 -38.93 25.61 -27.46
CA SER E 289 -38.77 26.37 -26.22
C SER E 289 -37.31 26.60 -25.76
N GLY E 290 -36.54 25.53 -25.60
CA GLY E 290 -35.19 25.59 -25.07
C GLY E 290 -33.99 25.50 -26.01
N PHE E 291 -34.16 25.81 -27.31
CA PHE E 291 -33.00 25.76 -28.21
C PHE E 291 -32.19 27.06 -28.12
N ASN E 292 -32.78 28.18 -28.61
CA ASN E 292 -32.16 29.50 -28.64
C ASN E 292 -31.69 30.00 -27.25
N PRO E 293 -32.49 29.96 -26.15
CA PRO E 293 -31.98 30.46 -24.86
C PRO E 293 -30.78 29.69 -24.27
N LEU E 294 -30.72 28.37 -24.51
CA LEU E 294 -29.65 27.52 -24.03
C LEU E 294 -28.36 27.70 -24.84
N PHE E 295 -28.42 27.48 -26.17
CA PHE E 295 -27.25 27.59 -27.06
C PHE E 295 -26.68 29.00 -27.20
N SER E 296 -27.52 30.04 -27.02
CA SER E 296 -27.06 31.43 -27.06
C SER E 296 -26.21 31.71 -25.82
N HIS E 297 -26.62 31.14 -24.66
CA HIS E 297 -25.92 31.25 -23.38
C HIS E 297 -24.58 30.51 -23.40
N ILE E 298 -24.54 29.32 -24.04
CA ILE E 298 -23.33 28.49 -24.14
C ILE E 298 -22.22 29.22 -24.92
N ARG E 299 -22.52 29.69 -26.15
CA ARG E 299 -21.54 30.40 -26.97
C ARG E 299 -21.12 31.74 -26.36
N LYS E 300 -21.98 32.34 -25.50
CA LYS E 300 -21.69 33.59 -24.79
C LYS E 300 -20.65 33.28 -23.71
N SER E 301 -20.82 32.16 -22.98
CA SER E 301 -19.92 31.70 -21.92
C SER E 301 -18.57 31.24 -22.47
N LEU E 302 -18.55 30.66 -23.70
CA LEU E 302 -17.32 30.19 -24.35
C LEU E 302 -16.47 31.36 -24.87
N GLU E 303 -17.12 32.42 -25.40
CA GLU E 303 -16.50 33.65 -25.92
C GLU E 303 -15.87 34.44 -24.75
N ARG E 304 -16.65 34.61 -23.66
CA ARG E 304 -16.29 35.31 -22.42
C ARG E 304 -15.15 34.60 -21.67
N GLU E 305 -14.90 33.31 -22.00
CA GLU E 305 -13.90 32.41 -21.39
C GLU E 305 -14.22 32.20 -19.89
N ALA E 306 -15.49 31.87 -19.61
CA ALA E 306 -16.08 31.64 -18.29
C ALA E 306 -15.31 30.66 -17.39
N PRO E 307 -15.35 30.80 -16.04
CA PRO E 307 -14.62 29.85 -15.19
C PRO E 307 -15.27 28.46 -15.12
N HIS E 308 -16.61 28.39 -15.20
CA HIS E 308 -17.38 27.15 -15.13
C HIS E 308 -17.24 26.27 -16.39
N VAL E 309 -16.95 26.87 -17.56
CA VAL E 309 -16.80 26.12 -18.81
C VAL E 309 -15.46 25.38 -18.86
N LEU E 310 -15.49 24.16 -19.43
CA LEU E 310 -14.31 23.31 -19.61
C LEU E 310 -14.03 23.09 -21.11
N HIS E 311 -12.82 22.60 -21.44
CA HIS E 311 -12.38 22.37 -22.82
C HIS E 311 -13.27 21.38 -23.59
N TYR E 312 -13.71 20.30 -22.92
CA TYR E 312 -14.55 19.26 -23.54
C TYR E 312 -15.98 19.75 -23.82
N HIS E 313 -16.46 20.79 -23.10
CA HIS E 313 -17.79 21.38 -23.28
C HIS E 313 -17.95 22.02 -24.66
N GLN E 314 -16.85 22.58 -25.19
CA GLN E 314 -16.79 23.26 -26.49
C GLN E 314 -17.15 22.31 -27.64
N SER E 315 -16.52 21.11 -27.69
CA SER E 315 -16.76 20.09 -28.72
C SER E 315 -18.16 19.50 -28.69
N GLN E 316 -18.76 19.36 -27.49
CA GLN E 316 -20.12 18.82 -27.30
C GLN E 316 -21.15 19.80 -27.85
N PHE E 317 -20.91 21.12 -27.63
CA PHE E 317 -21.76 22.22 -28.08
C PHE E 317 -21.87 22.23 -29.61
N PHE E 318 -20.73 22.09 -30.32
CA PHE E 318 -20.71 22.05 -31.79
C PHE E 318 -21.38 20.80 -32.34
N TYR E 319 -21.34 19.68 -31.60
CA TYR E 319 -21.99 18.42 -31.98
C TYR E 319 -23.51 18.57 -31.89
N LEU E 320 -24.01 19.11 -30.75
CA LEU E 320 -25.43 19.30 -30.49
C LEU E 320 -26.10 20.29 -31.43
N VAL E 321 -25.39 21.38 -31.82
CA VAL E 321 -25.91 22.37 -32.76
C VAL E 321 -26.11 21.66 -34.10
N ALA E 322 -25.09 20.91 -34.56
CA ALA E 322 -25.09 20.13 -35.80
C ALA E 322 -26.18 19.04 -35.79
N TRP E 323 -26.39 18.40 -34.62
CA TRP E 323 -27.38 17.34 -34.43
C TRP E 323 -28.81 17.90 -34.49
N PHE E 324 -29.05 19.02 -33.78
CA PHE E 324 -30.38 19.64 -33.73
C PHE E 324 -30.75 20.36 -35.04
N LEU E 325 -29.75 20.82 -35.83
CA LEU E 325 -29.99 21.47 -37.12
C LEU E 325 -30.53 20.44 -38.13
N GLU E 326 -29.99 19.20 -38.08
CA GLU E 326 -30.42 18.09 -38.92
C GLU E 326 -31.80 17.62 -38.48
N ALA E 327 -32.05 17.64 -37.15
CA ALA E 327 -33.32 17.27 -36.54
C ALA E 327 -34.42 18.28 -36.89
N GLU E 328 -34.04 19.56 -37.05
CA GLU E 328 -34.95 20.66 -37.41
C GLU E 328 -35.45 20.45 -38.85
N ARG E 329 -34.54 20.13 -39.81
CA ARG E 329 -34.88 19.93 -41.23
C ARG E 329 -35.77 18.70 -41.47
N ALA E 330 -35.90 17.81 -40.46
CA ALA E 330 -36.77 16.63 -40.51
C ALA E 330 -38.22 17.01 -40.17
N ARG E 331 -38.40 18.13 -39.43
CA ARG E 331 -39.69 18.68 -38.98
C ARG E 331 -40.13 19.89 -39.82
N ARG E 332 -39.17 20.80 -40.13
CA ARG E 332 -39.27 22.06 -40.91
C ARG E 332 -40.55 22.88 -40.61
N SER E 333 -40.96 22.94 -39.31
CA SER E 333 -42.13 23.69 -38.85
C SER E 333 -41.90 25.20 -38.94
N SER E 334 -40.72 25.66 -38.44
CA SER E 334 -40.30 27.06 -38.48
C SER E 334 -38.78 27.14 -38.40
N PHE E 335 -38.17 27.83 -39.39
CA PHE E 335 -36.72 28.03 -39.46
C PHE E 335 -36.24 29.20 -38.57
N ASN E 336 -37.17 29.77 -37.77
CA ASN E 336 -36.94 30.87 -36.84
C ASN E 336 -36.62 30.35 -35.44
N LEU E 337 -36.92 29.06 -35.17
CA LEU E 337 -36.69 28.38 -33.89
C LEU E 337 -35.20 28.08 -33.64
N ILE E 338 -34.38 28.21 -34.70
CA ILE E 338 -32.93 27.97 -34.70
C ILE E 338 -32.15 29.23 -35.14
N ALA E 339 -32.76 30.42 -34.93
CA ALA E 339 -32.19 31.72 -35.31
C ALA E 339 -30.89 32.09 -34.58
N SER E 340 -30.73 31.67 -33.31
CA SER E 340 -29.56 31.98 -32.48
C SER E 340 -28.25 31.41 -32.98
N VAL E 341 -28.28 30.23 -33.64
CA VAL E 341 -27.08 29.57 -34.17
C VAL E 341 -26.71 30.06 -35.59
N LEU E 342 -27.57 30.88 -36.22
CA LEU E 342 -27.31 31.43 -37.55
C LEU E 342 -26.90 32.92 -37.48
N THR E 343 -26.77 33.47 -36.26
CA THR E 343 -26.35 34.86 -36.01
C THR E 343 -24.87 35.02 -36.36
N GLN E 344 -24.46 36.25 -36.73
CA GLN E 344 -23.06 36.58 -37.08
C GLN E 344 -22.08 36.36 -35.91
N GLU E 345 -22.58 36.42 -34.64
CA GLU E 345 -21.82 36.21 -33.40
C GLU E 345 -21.31 34.76 -33.32
N MET E 346 -22.10 33.80 -33.83
CA MET E 346 -21.77 32.37 -33.88
C MET E 346 -20.65 32.15 -34.90
N PHE E 347 -20.75 32.81 -36.07
CA PHE E 347 -19.79 32.74 -37.18
C PHE E 347 -18.38 33.18 -36.76
N ILE E 348 -18.26 34.31 -36.02
CA ILE E 348 -16.99 34.84 -35.51
C ILE E 348 -16.40 33.84 -34.49
N ALA E 349 -17.27 33.29 -33.62
CA ALA E 349 -16.90 32.32 -32.57
C ALA E 349 -16.36 30.99 -33.12
N LEU E 350 -17.02 30.40 -34.14
CA LEU E 350 -16.58 29.13 -34.74
C LEU E 350 -15.31 29.31 -35.60
N ASN E 351 -15.16 30.48 -36.24
CA ASN E 351 -13.99 30.81 -37.06
C ASN E 351 -12.75 30.96 -36.19
N ARG E 352 -12.93 31.51 -34.97
CA ARG E 352 -11.89 31.68 -33.94
C ARG E 352 -11.55 30.30 -33.39
N ALA E 353 -12.57 29.42 -33.25
CA ALA E 353 -12.44 28.04 -32.76
C ALA E 353 -11.69 27.14 -33.77
N LEU E 354 -11.90 27.37 -35.09
CA LEU E 354 -11.25 26.64 -36.17
C LEU E 354 -9.74 26.90 -36.20
N ASP E 355 -9.33 28.17 -35.99
CA ASP E 355 -7.93 28.59 -35.95
C ASP E 355 -7.22 28.08 -34.70
N ARG E 356 -7.92 28.10 -33.54
CA ARG E 356 -7.39 27.67 -32.24
C ARG E 356 -7.22 26.14 -32.14
N ALA E 357 -8.16 25.37 -32.72
CA ALA E 357 -8.11 23.89 -32.71
C ALA E 357 -7.00 23.34 -33.62
N TYR E 358 -6.71 24.02 -34.75
CA TYR E 358 -5.67 23.60 -35.67
C TYR E 358 -4.26 23.85 -35.09
N GLY E 359 -4.09 25.02 -34.45
CA GLY E 359 -2.85 25.44 -33.82
C GLY E 359 -2.44 24.55 -32.65
N ASP E 360 -3.42 24.21 -31.79
CA ASP E 360 -3.25 23.34 -30.63
C ASP E 360 -3.21 21.84 -31.03
N LYS E 361 -3.41 21.56 -32.33
CA LYS E 361 -3.41 20.22 -32.97
C LYS E 361 -4.55 19.33 -32.43
N ASP E 362 -5.65 19.96 -31.97
CA ASP E 362 -6.85 19.32 -31.45
C ASP E 362 -7.77 19.03 -32.64
N TRP E 363 -7.87 17.74 -33.02
CA TRP E 363 -8.65 17.31 -34.17
C TRP E 363 -10.09 16.96 -33.84
N ARG E 364 -10.35 16.44 -32.62
CA ARG E 364 -11.71 16.08 -32.17
C ARG E 364 -12.62 17.31 -32.09
N LEU E 365 -12.07 18.44 -31.62
CA LEU E 365 -12.79 19.72 -31.51
C LEU E 365 -13.04 20.29 -32.91
N LEU E 366 -12.05 20.16 -33.82
CA LEU E 366 -12.13 20.62 -35.19
C LEU E 366 -13.17 19.83 -36.00
N THR E 367 -13.24 18.49 -35.80
CA THR E 367 -14.19 17.58 -36.44
C THR E 367 -15.63 18.02 -36.13
N SER E 368 -15.90 18.32 -34.84
CA SER E 368 -17.18 18.78 -34.33
C SER E 368 -17.54 20.18 -34.88
N ALA E 369 -16.54 21.06 -35.00
CA ALA E 369 -16.69 22.43 -35.51
C ALA E 369 -16.98 22.44 -37.00
N MET E 370 -16.27 21.59 -37.79
CA MET E 370 -16.45 21.46 -39.23
C MET E 370 -17.82 20.90 -39.57
N ARG E 371 -18.26 19.86 -38.82
CA ARG E 371 -19.57 19.22 -38.99
C ARG E 371 -20.70 20.17 -38.62
N CYS E 372 -20.45 21.06 -37.64
CA CYS E 372 -21.38 22.09 -37.16
C CYS E 372 -21.64 23.11 -38.27
N PHE E 373 -20.55 23.64 -38.88
CA PHE E 373 -20.56 24.62 -39.96
C PHE E 373 -21.23 24.06 -41.22
N THR E 374 -21.01 22.76 -41.53
CA THR E 374 -21.63 22.08 -42.67
C THR E 374 -23.16 22.11 -42.54
N GLN E 375 -23.68 21.82 -41.32
CA GLN E 375 -25.11 21.84 -41.02
C GLN E 375 -25.71 23.24 -41.10
N ILE E 376 -24.90 24.28 -40.79
CA ILE E 376 -25.27 25.70 -40.87
C ILE E 376 -25.46 26.09 -42.34
N LEU E 377 -24.50 25.67 -43.21
CA LEU E 377 -24.52 25.93 -44.64
C LEU E 377 -25.67 25.21 -45.34
N LEU E 378 -26.04 24.00 -44.85
CA LEU E 378 -27.16 23.21 -45.37
C LEU E 378 -28.49 23.85 -44.99
N THR E 379 -28.52 24.55 -43.84
CA THR E 379 -29.69 25.25 -43.31
C THR E 379 -29.99 26.52 -44.13
N VAL E 380 -28.96 27.35 -44.42
CA VAL E 380 -29.12 28.59 -45.19
C VAL E 380 -29.55 28.29 -46.64
N GLN E 381 -29.17 27.10 -47.18
CA GLN E 381 -29.54 26.66 -48.52
C GLN E 381 -31.03 26.27 -48.57
N GLU E 382 -31.51 25.56 -47.54
CA GLU E 382 -32.92 25.15 -47.45
C GLU E 382 -33.79 26.39 -47.17
N MET E 383 -33.19 27.42 -46.53
CA MET E 383 -33.82 28.71 -46.25
C MET E 383 -33.88 29.54 -47.53
N PHE E 384 -32.92 29.31 -48.45
CA PHE E 384 -32.84 29.96 -49.76
C PHE E 384 -33.88 29.34 -50.73
N ASP E 385 -34.63 28.33 -50.24
CA ASP E 385 -35.71 27.62 -50.92
C ASP E 385 -36.90 27.42 -49.97
N SER E 386 -36.99 28.28 -48.92
CA SER E 386 -38.07 28.29 -47.92
C SER E 386 -39.20 29.23 -48.35
N GLY E 387 -40.42 28.85 -47.98
CA GLY E 387 -41.64 29.59 -48.27
C GLY E 387 -41.78 30.90 -47.52
N ASN E 388 -41.09 31.05 -46.37
CA ASN E 388 -41.13 32.27 -45.58
C ASN E 388 -40.31 33.38 -46.24
N ASP E 389 -40.94 34.54 -46.45
CA ASP E 389 -40.36 35.73 -47.06
C ASP E 389 -39.14 36.25 -46.27
N GLU E 390 -39.25 36.25 -44.94
CA GLU E 390 -38.18 36.70 -44.02
C GLU E 390 -37.00 35.72 -44.01
N ASP E 391 -37.27 34.42 -44.23
CA ASP E 391 -36.26 33.36 -44.25
C ASP E 391 -35.29 33.51 -45.43
N GLN E 392 -35.82 33.82 -46.63
CA GLN E 392 -35.04 34.04 -47.85
C GLN E 392 -34.21 35.33 -47.78
N GLU E 393 -34.72 36.32 -47.03
CA GLU E 393 -34.09 37.62 -46.79
C GLU E 393 -32.83 37.44 -45.93
N ILE E 394 -32.94 36.63 -44.84
CA ILE E 394 -31.86 36.33 -43.91
C ILE E 394 -30.84 35.37 -44.53
N ALA E 395 -31.32 34.36 -45.31
CA ALA E 395 -30.46 33.39 -45.98
C ALA E 395 -29.51 34.06 -46.98
N ASP E 396 -30.04 35.05 -47.75
CA ASP E 396 -29.27 35.81 -48.73
C ASP E 396 -28.29 36.79 -48.04
N ASN E 397 -28.71 37.33 -46.87
CA ASN E 397 -27.96 38.27 -46.02
C ASN E 397 -26.68 37.61 -45.47
N ILE E 398 -26.75 36.31 -45.15
CA ILE E 398 -25.66 35.47 -44.63
C ILE E 398 -24.74 35.04 -45.79
N LEU E 399 -25.36 34.62 -46.92
CA LEU E 399 -24.66 34.21 -48.14
C LEU E 399 -23.89 35.34 -48.82
N SER E 400 -24.31 36.61 -48.58
CA SER E 400 -23.67 37.81 -49.12
C SER E 400 -22.30 38.02 -48.47
N ARG E 401 -22.21 37.90 -47.12
CA ARG E 401 -20.94 38.07 -46.41
C ARG E 401 -20.03 36.84 -46.53
N LEU E 402 -20.58 35.61 -46.64
CA LEU E 402 -19.81 34.37 -46.84
C LEU E 402 -19.10 34.32 -48.20
N PHE E 403 -19.72 34.93 -49.24
CA PHE E 403 -19.21 34.99 -50.61
C PHE E 403 -17.99 35.92 -50.76
N TYR E 404 -17.79 36.85 -49.81
CA TYR E 404 -16.69 37.81 -49.88
C TYR E 404 -15.70 37.74 -48.69
N GLU E 405 -16.04 37.00 -47.60
CA GLU E 405 -15.18 36.84 -46.43
C GLU E 405 -14.01 35.89 -46.72
N GLU E 406 -12.87 36.47 -47.14
CA GLU E 406 -11.64 35.74 -47.49
C GLU E 406 -10.96 35.07 -46.30
N SER E 407 -11.21 35.57 -45.06
CA SER E 407 -10.65 35.04 -43.82
C SER E 407 -11.13 33.60 -43.59
N THR E 408 -12.40 33.33 -43.95
CA THR E 408 -13.04 32.01 -43.86
C THR E 408 -12.54 31.12 -45.00
N HIS E 409 -12.38 31.68 -46.21
CA HIS E 409 -11.91 30.95 -47.40
C HIS E 409 -10.50 30.39 -47.24
N ASP E 410 -9.53 31.25 -46.83
CA ASP E 410 -8.11 30.88 -46.63
C ASP E 410 -7.89 29.88 -45.49
N ALA E 411 -8.88 29.74 -44.60
CA ALA E 411 -8.85 28.82 -43.46
C ALA E 411 -9.39 27.44 -43.80
N VAL E 412 -10.60 27.36 -44.44
CA VAL E 412 -11.26 26.10 -44.82
C VAL E 412 -10.52 25.36 -45.96
N ALA E 413 -9.81 26.12 -46.82
CA ALA E 413 -9.03 25.56 -47.92
C ALA E 413 -7.73 24.91 -47.41
N ASN E 414 -7.13 25.48 -46.35
CA ASN E 414 -5.89 24.98 -45.75
C ASN E 414 -6.07 23.65 -45.01
N ILE E 415 -7.26 23.42 -44.40
CA ILE E 415 -7.60 22.21 -43.64
C ILE E 415 -7.61 20.98 -44.56
N VAL E 416 -8.35 21.06 -45.70
CA VAL E 416 -8.44 19.97 -46.69
C VAL E 416 -7.11 19.75 -47.41
N ARG E 417 -6.30 20.81 -47.56
CA ARG E 417 -4.97 20.76 -48.20
C ARG E 417 -3.97 19.99 -47.32
N THR E 418 -4.03 20.19 -45.99
CA THR E 418 -3.13 19.56 -45.03
C THR E 418 -3.83 18.42 -44.25
N TYR E 419 -3.66 17.18 -44.73
CA TYR E 419 -4.23 15.99 -44.10
C TYR E 419 -3.16 14.90 -44.00
N LYS E 420 -2.89 14.42 -42.77
CA LYS E 420 -1.91 13.37 -42.47
C LYS E 420 -2.27 12.63 -41.18
N ASP E 421 -2.65 11.34 -41.30
CA ASP E 421 -3.03 10.41 -40.24
C ASP E 421 -3.92 11.06 -39.15
N GLN E 422 -5.03 11.68 -39.59
CA GLN E 422 -5.98 12.38 -38.72
C GLN E 422 -7.18 11.51 -38.34
N GLY E 423 -7.53 10.55 -39.19
CA GLY E 423 -8.66 9.65 -39.00
C GLY E 423 -9.77 9.87 -40.00
N PHE E 424 -10.60 8.83 -40.23
CA PHE E 424 -11.73 8.86 -41.17
C PHE E 424 -12.85 9.80 -40.73
N GLU E 425 -13.08 9.94 -39.41
CA GLU E 425 -14.11 10.83 -38.85
C GLU E 425 -13.80 12.30 -39.17
N TYR E 426 -12.50 12.66 -39.14
CA TYR E 426 -11.97 13.99 -39.46
C TYR E 426 -12.01 14.18 -40.99
N LEU E 427 -11.65 13.13 -41.74
CA LEU E 427 -11.63 13.09 -43.21
C LEU E 427 -13.03 13.28 -43.78
N ASP E 428 -14.04 12.61 -43.18
CA ASP E 428 -15.43 12.71 -43.59
C ASP E 428 -15.95 14.12 -43.32
N ALA E 429 -15.56 14.70 -42.15
CA ALA E 429 -15.96 16.04 -41.70
C ALA E 429 -15.40 17.17 -42.58
N CYS E 430 -14.11 17.09 -42.98
CA CYS E 430 -13.50 18.12 -43.81
C CYS E 430 -13.96 18.07 -45.27
N THR E 431 -14.21 16.84 -45.81
CA THR E 431 -14.70 16.66 -47.19
C THR E 431 -16.16 17.09 -47.28
N GLU E 432 -16.92 16.93 -46.18
CA GLU E 432 -18.33 17.32 -46.06
C GLU E 432 -18.42 18.85 -46.16
N LEU E 433 -17.51 19.56 -45.46
CA LEU E 433 -17.43 21.02 -45.42
C LEU E 433 -16.96 21.61 -46.73
N ALA E 434 -15.92 21.01 -47.35
CA ALA E 434 -15.36 21.46 -48.63
C ALA E 434 -16.36 21.34 -49.77
N HIS E 435 -17.11 20.21 -49.84
CA HIS E 435 -18.12 19.96 -50.87
C HIS E 435 -19.32 20.89 -50.75
N THR E 436 -19.88 21.06 -49.53
CA THR E 436 -21.06 21.92 -49.31
C THR E 436 -20.75 23.39 -49.54
N PHE E 437 -19.56 23.89 -49.09
CA PHE E 437 -19.09 25.28 -49.24
C PHE E 437 -19.04 25.69 -50.71
N LEU E 438 -18.55 24.78 -51.59
CA LEU E 438 -18.48 24.98 -53.03
C LEU E 438 -19.89 24.99 -53.64
N ARG E 439 -20.73 24.00 -53.26
CA ARG E 439 -22.10 23.81 -53.71
C ARG E 439 -23.04 24.98 -53.37
N ILE E 440 -23.01 25.48 -52.11
CA ILE E 440 -23.87 26.60 -51.69
C ILE E 440 -23.48 27.92 -52.39
N LEU E 441 -22.16 28.18 -52.54
CA LEU E 441 -21.65 29.38 -53.20
C LEU E 441 -21.82 29.36 -54.72
N GLU E 442 -22.03 28.15 -55.30
CA GLU E 442 -22.28 27.95 -56.73
C GLU E 442 -23.71 28.43 -57.06
N ALA E 443 -24.66 28.23 -56.12
CA ALA E 443 -26.07 28.65 -56.23
C ALA E 443 -26.15 30.18 -56.15
N TYR E 444 -25.24 30.82 -55.37
CA TYR E 444 -25.16 32.27 -55.22
C TYR E 444 -24.56 32.92 -56.46
N SER E 445 -23.77 32.16 -57.24
CA SER E 445 -23.16 32.60 -58.50
C SER E 445 -24.20 32.55 -59.63
N LYS E 446 -25.15 31.60 -59.53
CA LYS E 446 -26.26 31.38 -60.48
C LYS E 446 -27.38 32.43 -60.32
N GLN E 447 -27.44 33.08 -59.14
CA GLN E 447 -28.45 34.07 -58.77
C GLN E 447 -28.56 35.26 -59.71
N ASN E 448 -29.83 35.60 -60.07
CA ASN E 448 -30.19 36.71 -60.94
C ASN E 448 -30.14 38.03 -60.16
N VAL E 449 -29.41 39.03 -60.69
CA VAL E 449 -29.25 40.34 -60.04
C VAL E 449 -30.03 41.39 -60.84
N SER E 457 -35.52 49.40 -69.85
CA SER E 457 -35.45 47.94 -69.80
C SER E 457 -34.10 47.41 -70.31
N ALA E 458 -33.68 47.84 -71.51
CA ALA E 458 -32.42 47.45 -72.15
C ALA E 458 -31.20 48.07 -71.47
N ASP E 459 -31.32 49.33 -70.99
CA ASP E 459 -30.28 50.08 -70.29
C ASP E 459 -30.08 49.51 -68.88
N ASP E 460 -31.18 49.14 -68.20
CA ASP E 460 -31.18 48.57 -66.85
C ASP E 460 -30.58 47.16 -66.81
N GLU E 461 -30.84 46.34 -67.85
CA GLU E 461 -30.35 44.97 -67.99
C GLU E 461 -28.83 44.92 -68.17
N LYS E 462 -28.27 45.85 -68.97
CA LYS E 462 -26.84 45.96 -69.26
C LYS E 462 -26.04 46.42 -68.04
N MET E 463 -26.61 47.36 -67.25
CA MET E 463 -25.99 47.91 -66.04
C MET E 463 -25.96 46.90 -64.89
N ALA E 464 -27.01 46.07 -64.75
CA ALA E 464 -27.13 45.04 -63.72
C ALA E 464 -26.20 43.83 -63.96
N GLU E 465 -25.79 43.60 -65.23
CA GLU E 465 -24.91 42.50 -65.61
C GLU E 465 -23.46 42.65 -65.10
N LYS E 466 -23.04 43.88 -64.73
CA LYS E 466 -21.70 44.19 -64.20
C LYS E 466 -21.48 43.55 -62.83
N THR E 467 -22.56 43.39 -62.03
CA THR E 467 -22.56 42.78 -60.70
C THR E 467 -22.71 41.25 -60.76
N SER E 468 -23.23 40.74 -61.90
CA SER E 468 -23.44 39.31 -62.14
C SER E 468 -22.20 38.65 -62.76
N GLN E 469 -21.45 39.40 -63.61
CA GLN E 469 -20.23 38.91 -64.27
C GLN E 469 -19.07 38.70 -63.29
N GLU E 470 -19.01 39.51 -62.21
CA GLU E 470 -17.98 39.41 -61.17
C GLU E 470 -18.19 38.19 -60.26
N ARG E 471 -19.45 37.71 -60.16
CA ARG E 471 -19.85 36.54 -59.38
C ARG E 471 -19.22 35.26 -59.95
N LYS E 472 -18.99 35.23 -61.29
CA LYS E 472 -18.36 34.12 -62.01
C LYS E 472 -16.86 34.12 -61.69
N PHE E 473 -16.24 35.32 -61.63
CA PHE E 473 -14.81 35.52 -61.34
C PHE E 473 -14.49 35.20 -59.88
N ASP E 474 -15.29 35.74 -58.92
CA ASP E 474 -15.09 35.53 -57.48
C ASP E 474 -15.22 34.05 -57.07
N PHE E 475 -16.13 33.30 -57.73
CA PHE E 475 -16.34 31.88 -57.47
C PHE E 475 -15.19 31.04 -58.00
N LYS E 476 -14.67 31.40 -59.21
CA LYS E 476 -13.54 30.71 -59.85
C LYS E 476 -12.25 30.93 -59.05
N ARG E 477 -12.19 32.06 -58.31
CA ARG E 477 -11.09 32.46 -57.43
C ARG E 477 -11.13 31.61 -56.15
N PHE E 478 -12.34 31.37 -55.62
CA PHE E 478 -12.59 30.55 -54.41
C PHE E 478 -12.38 29.07 -54.71
N ALA E 479 -12.85 28.59 -55.87
CA ALA E 479 -12.71 27.19 -56.30
C ALA E 479 -11.26 26.81 -56.60
N ALA E 480 -10.41 27.82 -56.89
CA ALA E 480 -8.97 27.66 -57.17
C ALA E 480 -8.17 27.25 -55.93
N ARG E 481 -8.77 27.44 -54.73
CA ARG E 481 -8.20 27.10 -53.43
C ARG E 481 -8.30 25.59 -53.14
N PHE E 482 -9.07 24.86 -53.97
CA PHE E 482 -9.28 23.40 -53.85
C PHE E 482 -8.65 22.61 -55.02
N THR E 483 -7.98 23.33 -55.93
CA THR E 483 -7.28 22.75 -57.09
C THR E 483 -5.87 22.20 -56.75
N PRO E 484 -5.07 22.75 -55.79
CA PRO E 484 -3.73 22.17 -55.53
C PRO E 484 -3.74 20.70 -55.07
N GLN E 485 -2.62 19.98 -55.31
CA GLN E 485 -2.45 18.55 -55.01
C GLN E 485 -2.78 18.14 -53.56
N GLY E 486 -2.66 19.07 -52.61
CA GLY E 486 -2.96 18.87 -51.21
C GLY E 486 -4.42 18.53 -50.94
N VAL E 487 -5.33 19.22 -51.65
CA VAL E 487 -6.77 19.02 -51.57
C VAL E 487 -7.16 17.78 -52.40
N VAL E 488 -6.53 17.62 -53.59
CA VAL E 488 -6.74 16.50 -54.52
C VAL E 488 -6.48 15.16 -53.83
N ASP E 489 -5.30 15.01 -53.19
CA ASP E 489 -4.86 13.79 -52.47
C ASP E 489 -5.81 13.40 -51.33
N THR E 490 -6.34 14.39 -50.59
CA THR E 490 -7.27 14.21 -49.47
C THR E 490 -8.59 13.61 -49.96
N PHE E 491 -9.07 14.04 -51.14
CA PHE E 491 -10.30 13.52 -51.75
C PHE E 491 -10.07 12.14 -52.33
N VAL E 492 -8.86 11.89 -52.85
CA VAL E 492 -8.43 10.60 -53.42
C VAL E 492 -8.40 9.54 -52.32
N THR E 493 -7.80 9.86 -51.15
CA THR E 493 -7.73 8.97 -49.98
C THR E 493 -9.11 8.68 -49.41
N PHE E 494 -10.08 9.61 -49.59
CA PHE E 494 -11.47 9.45 -49.15
C PHE E 494 -12.18 8.46 -50.07
N THR E 495 -11.90 8.54 -51.38
CA THR E 495 -12.48 7.68 -52.42
C THR E 495 -12.03 6.22 -52.25
N LYS E 496 -10.85 6.00 -51.63
CA LYS E 496 -10.27 4.67 -51.35
C LYS E 496 -11.20 3.77 -50.52
N TYR E 497 -12.07 4.38 -49.69
CA TYR E 497 -13.02 3.68 -48.82
C TYR E 497 -14.37 3.39 -49.52
N TYR E 498 -14.42 3.46 -50.88
CA TYR E 498 -15.62 3.26 -51.72
C TYR E 498 -16.46 2.01 -51.38
N ARG E 499 -15.82 0.94 -50.87
CA ARG E 499 -16.47 -0.31 -50.48
C ARG E 499 -17.37 -0.14 -49.24
N ASP E 500 -17.06 0.86 -48.39
CA ASP E 500 -17.80 1.15 -47.16
C ASP E 500 -18.66 2.43 -47.24
N LEU E 501 -18.33 3.35 -48.18
CA LEU E 501 -19.04 4.63 -48.38
C LEU E 501 -20.47 4.44 -48.86
N ASP E 502 -21.40 5.25 -48.32
CA ASP E 502 -22.81 5.22 -48.71
C ASP E 502 -23.06 6.10 -49.95
N ASP E 503 -24.30 6.10 -50.48
CA ASP E 503 -24.71 6.87 -51.66
C ASP E 503 -24.37 8.36 -51.59
N SER E 504 -24.65 9.02 -50.45
CA SER E 504 -24.36 10.45 -50.25
C SER E 504 -22.86 10.70 -50.10
N GLN E 505 -22.13 9.74 -49.50
CA GLN E 505 -20.68 9.80 -49.31
C GLN E 505 -19.96 9.68 -50.65
N LEU E 506 -20.51 8.86 -51.58
CA LEU E 506 -19.96 8.67 -52.93
C LEU E 506 -20.24 9.86 -53.85
N LYS E 507 -21.33 10.62 -53.57
CA LYS E 507 -21.73 11.82 -54.31
C LYS E 507 -20.68 12.92 -54.11
N ARG E 508 -20.19 13.05 -52.86
CA ARG E 508 -19.19 14.01 -52.38
C ARG E 508 -17.92 14.03 -53.22
N ALA E 509 -17.38 12.85 -53.53
CA ALA E 509 -16.16 12.70 -54.34
C ALA E 509 -16.48 12.88 -55.83
N HIS E 510 -17.63 12.32 -56.29
CA HIS E 510 -18.11 12.40 -57.68
C HIS E 510 -18.28 13.85 -58.15
N ARG E 511 -18.90 14.69 -57.30
CA ARG E 511 -19.12 16.11 -57.58
C ARG E 511 -17.83 16.92 -57.48
N TYR E 512 -16.82 16.45 -56.73
CA TYR E 512 -15.53 17.13 -56.60
C TYR E 512 -14.71 16.99 -57.88
N PHE E 513 -14.57 15.75 -58.41
CA PHE E 513 -13.80 15.50 -59.63
C PHE E 513 -14.44 16.10 -60.88
N TYR E 514 -15.78 16.04 -60.99
CA TYR E 514 -16.53 16.58 -62.13
C TYR E 514 -16.57 18.11 -62.17
N ARG E 515 -16.40 18.78 -61.01
CA ARG E 515 -16.44 20.25 -60.94
C ARG E 515 -15.08 20.92 -60.74
N VAL E 516 -14.36 20.58 -59.65
CA VAL E 516 -13.06 21.19 -59.29
C VAL E 516 -11.97 20.83 -60.31
N ALA E 517 -11.83 19.54 -60.67
CA ALA E 517 -10.81 19.09 -61.62
C ALA E 517 -11.09 19.48 -63.08
N PHE E 518 -12.37 19.42 -63.51
CA PHE E 518 -12.79 19.75 -64.88
C PHE E 518 -12.63 21.23 -65.24
N LYS E 519 -13.10 22.15 -64.36
CA LYS E 519 -13.07 23.60 -64.56
C LYS E 519 -11.65 24.20 -64.63
N GLN E 520 -10.80 23.90 -63.65
CA GLN E 520 -9.43 24.43 -63.60
C GLN E 520 -8.38 23.35 -63.81
N GLU E 521 -7.34 23.69 -64.60
CA GLU E 521 -6.20 22.82 -64.95
C GLU E 521 -6.59 21.53 -65.71
N MET E 522 -7.79 21.53 -66.36
CA MET E 522 -8.40 20.43 -67.16
C MET E 522 -8.09 19.00 -66.64
N SER E 523 -8.05 18.83 -65.29
CA SER E 523 -7.79 17.58 -64.56
C SER E 523 -6.37 17.02 -64.77
N VAL E 524 -5.38 17.92 -64.98
CA VAL E 524 -3.97 17.53 -65.16
C VAL E 524 -3.38 17.11 -63.81
N MET E 525 -3.59 17.94 -62.75
CA MET E 525 -3.16 17.70 -61.36
C MET E 525 -3.77 16.40 -60.83
N LEU E 526 -4.96 16.03 -61.36
CA LEU E 526 -5.71 14.83 -61.02
C LEU E 526 -5.04 13.54 -61.53
N PHE E 527 -4.40 13.58 -62.72
CA PHE E 527 -3.73 12.42 -63.32
C PHE E 527 -2.48 12.03 -62.51
N ARG E 528 -2.41 10.75 -62.08
CA ARG E 528 -1.33 10.14 -61.29
C ARG E 528 -1.57 8.63 -61.25
N LEU E 529 -0.50 7.81 -61.40
CA LEU E 529 -0.58 6.34 -61.40
C LEU E 529 -1.46 5.75 -60.30
N ASP E 530 -1.24 6.19 -59.03
CA ASP E 530 -2.00 5.75 -57.86
C ASP E 530 -3.48 6.14 -57.95
N ILE E 531 -3.76 7.34 -58.49
CA ILE E 531 -5.11 7.88 -58.66
C ILE E 531 -5.85 7.14 -59.79
N ILE E 532 -5.18 6.93 -60.95
CA ILE E 532 -5.68 6.23 -62.12
C ILE E 532 -5.96 4.75 -61.79
N HIS E 533 -5.09 4.14 -60.98
CA HIS E 533 -5.18 2.75 -60.50
C HIS E 533 -6.53 2.52 -59.80
N LEU E 534 -6.82 3.33 -58.77
CA LEU E 534 -8.03 3.30 -57.94
C LEU E 534 -9.32 3.41 -58.77
N PHE E 535 -9.41 4.40 -59.67
CA PHE E 535 -10.57 4.64 -60.53
C PHE E 535 -10.94 3.44 -61.40
N TYR E 536 -9.92 2.74 -61.95
CA TYR E 536 -10.10 1.58 -62.81
C TYR E 536 -10.71 0.39 -62.06
N ASN E 537 -9.98 -0.17 -61.07
CA ASN E 537 -10.42 -1.32 -60.27
C ASN E 537 -11.69 -1.07 -59.45
N MET E 538 -12.12 0.21 -59.33
CA MET E 538 -13.35 0.63 -58.64
C MET E 538 -14.56 0.12 -59.41
N ILE E 539 -14.54 0.23 -60.75
CA ILE E 539 -15.61 -0.22 -61.64
C ILE E 539 -15.31 -1.63 -62.16
N LYS E 540 -14.10 -1.84 -62.72
CA LYS E 540 -13.69 -3.15 -63.26
C LYS E 540 -12.36 -3.63 -62.66
N GLY E 541 -12.47 -4.49 -61.65
CA GLY E 541 -11.34 -5.07 -60.93
C GLY E 541 -11.75 -6.02 -59.83
N PRO E 542 -11.04 -6.04 -58.68
CA PRO E 542 -11.41 -6.96 -57.59
C PRO E 542 -12.68 -6.56 -56.84
N GLU E 543 -12.85 -5.25 -56.59
CA GLU E 543 -14.03 -4.69 -55.91
C GLU E 543 -14.89 -3.96 -56.96
N PRO E 544 -15.96 -4.60 -57.48
CA PRO E 544 -16.75 -3.97 -58.56
C PRO E 544 -17.69 -2.83 -58.15
N LEU E 545 -17.77 -2.44 -56.85
CA LEU E 545 -18.62 -1.37 -56.31
C LEU E 545 -20.15 -1.66 -56.48
N ASP E 546 -20.52 -2.88 -56.95
CA ASP E 546 -21.88 -3.36 -57.22
C ASP E 546 -22.54 -2.59 -58.36
N LYS E 547 -22.81 -3.30 -59.48
CA LYS E 547 -23.42 -2.74 -60.69
C LYS E 547 -24.87 -2.24 -60.49
N ASN E 548 -25.59 -2.82 -59.49
CA ASN E 548 -26.97 -2.48 -59.16
C ASN E 548 -27.12 -1.14 -58.39
N SER E 549 -26.00 -0.62 -57.84
CA SER E 549 -25.96 0.65 -57.09
C SER E 549 -26.30 1.86 -57.98
N PRO E 550 -27.09 2.84 -57.50
CA PRO E 550 -27.42 4.01 -58.34
C PRO E 550 -26.22 4.91 -58.63
N MET E 551 -25.22 4.91 -57.73
CA MET E 551 -24.01 5.70 -57.86
C MET E 551 -22.98 5.10 -58.83
N TYR E 552 -23.05 3.77 -59.06
CA TYR E 552 -22.15 3.03 -59.95
C TYR E 552 -22.23 3.52 -61.40
N LYS E 553 -23.45 3.74 -61.92
CA LYS E 553 -23.69 4.21 -63.30
C LYS E 553 -23.16 5.63 -63.53
N GLU E 554 -23.19 6.48 -62.50
CA GLU E 554 -22.69 7.86 -62.54
C GLU E 554 -21.16 7.86 -62.50
N TRP E 555 -20.57 6.99 -61.65
CA TRP E 555 -19.12 6.86 -61.48
C TRP E 555 -18.45 6.22 -62.71
N GLU E 556 -19.12 5.24 -63.35
CA GLU E 556 -18.66 4.54 -64.55
C GLU E 556 -18.53 5.54 -65.71
N GLU E 557 -19.51 6.45 -65.82
CA GLU E 557 -19.56 7.52 -66.82
C GLU E 557 -18.48 8.57 -66.52
N LEU E 558 -18.21 8.82 -65.21
CA LEU E 558 -17.22 9.77 -64.72
C LEU E 558 -15.79 9.29 -65.01
N VAL E 559 -15.43 8.07 -64.53
CA VAL E 559 -14.10 7.47 -64.69
C VAL E 559 -13.69 7.41 -66.17
N ARG E 560 -14.63 7.01 -67.07
CA ARG E 560 -14.42 6.93 -68.51
C ARG E 560 -14.08 8.28 -69.12
N GLN E 561 -14.74 9.37 -68.66
CA GLN E 561 -14.51 10.74 -69.11
C GLN E 561 -13.14 11.26 -68.69
N ILE E 562 -12.67 10.89 -67.47
CA ILE E 562 -11.37 11.28 -66.91
C ILE E 562 -10.26 10.53 -67.67
N LEU E 563 -10.45 9.22 -67.91
CA LEU E 563 -9.50 8.37 -68.64
C LEU E 563 -9.39 8.74 -70.12
N LYS E 564 -10.47 9.32 -70.69
CA LYS E 564 -10.51 9.78 -72.10
C LYS E 564 -9.51 10.92 -72.29
N ARG E 565 -9.50 11.89 -71.36
CA ARG E 565 -8.60 13.04 -71.36
C ARG E 565 -7.18 12.59 -71.02
N CYS E 566 -7.05 11.53 -70.19
CA CYS E 566 -5.77 10.95 -69.74
C CYS E 566 -4.90 10.42 -70.88
N ILE E 567 -5.51 9.66 -71.83
CA ILE E 567 -4.81 9.11 -73.00
C ILE E 567 -4.39 10.25 -73.94
N ARG E 568 -5.31 11.22 -74.17
CA ARG E 568 -5.09 12.39 -75.03
C ARG E 568 -4.02 13.34 -74.45
N LYS E 569 -3.90 13.40 -73.10
CA LYS E 569 -2.92 14.22 -72.39
C LYS E 569 -1.49 13.71 -72.57
N LEU E 570 -1.32 12.37 -72.61
CA LEU E 570 -0.05 11.68 -72.82
C LEU E 570 0.48 11.92 -74.25
N GLU E 571 -0.46 12.02 -75.21
CA GLU E 571 -0.18 12.30 -76.62
C GLU E 571 0.24 13.75 -76.79
N GLU E 572 -0.44 14.68 -76.07
CA GLU E 572 -0.20 16.13 -76.08
C GLU E 572 1.23 16.46 -75.65
N ARG E 573 1.68 15.89 -74.52
CA ARG E 573 3.02 16.09 -74.01
C ARG E 573 3.62 14.76 -73.53
N PRO E 574 4.80 14.35 -74.05
CA PRO E 574 5.40 13.08 -73.62
C PRO E 574 6.06 13.14 -72.24
N ALA E 575 6.19 14.35 -71.66
CA ALA E 575 6.77 14.58 -70.34
C ALA E 575 5.89 14.04 -69.21
N LEU E 576 4.58 13.84 -69.49
CA LEU E 576 3.57 13.33 -68.55
C LEU E 576 3.88 11.90 -68.08
N PHE E 577 4.58 11.10 -68.92
CA PHE E 577 4.98 9.73 -68.64
C PHE E 577 5.99 9.68 -67.48
N THR E 578 6.89 10.68 -67.43
CA THR E 578 7.94 10.81 -66.41
C THR E 578 7.50 11.67 -65.22
N GLU E 579 6.60 12.65 -65.46
CA GLU E 579 6.09 13.56 -64.41
C GLU E 579 4.77 13.07 -63.82
N ILE E 580 4.48 11.76 -63.95
CA ILE E 580 3.26 11.08 -63.50
C ILE E 580 3.13 11.00 -61.96
N LEU E 581 4.25 11.15 -61.22
CA LEU E 581 4.25 11.14 -59.74
C LEU E 581 3.42 12.30 -59.15
N PHE E 582 3.41 13.45 -59.88
CA PHE E 582 2.69 14.69 -59.60
C PHE E 582 2.91 15.23 -58.17
N SER E 583 4.15 15.66 -57.91
CA SER E 583 4.61 16.26 -56.66
C SER E 583 5.05 17.70 -56.97
N LYS E 584 4.91 18.09 -58.26
CA LYS E 584 5.25 19.41 -58.79
C LYS E 584 4.23 20.47 -58.42
N ILE E 585 4.69 21.75 -58.33
CA ILE E 585 3.88 22.92 -58.00
C ILE E 585 2.83 23.26 -59.08
N ASN E 586 1.90 24.19 -58.77
CA ASN E 586 0.81 24.62 -59.66
C ASN E 586 1.27 25.34 -60.95
N SER E 587 2.46 26.00 -60.92
CA SER E 587 3.04 26.70 -62.08
C SER E 587 3.49 25.73 -63.20
N THR E 588 4.00 24.54 -62.81
CA THR E 588 4.43 23.49 -63.72
C THR E 588 3.23 22.73 -64.32
N ALA E 589 2.09 22.73 -63.60
CA ALA E 589 0.83 22.09 -64.02
C ALA E 589 0.17 22.88 -65.16
N TYR E 590 0.28 24.23 -65.13
CA TYR E 590 -0.25 25.14 -66.15
C TYR E 590 0.50 24.97 -67.48
N TYR E 591 1.81 24.63 -67.41
CA TYR E 591 2.67 24.35 -68.55
C TYR E 591 2.17 23.11 -69.30
N LEU E 592 1.69 22.10 -68.55
CA LEU E 592 1.16 20.84 -69.08
C LEU E 592 -0.21 21.05 -69.76
N GLU E 593 -1.03 21.99 -69.23
CA GLU E 593 -2.34 22.36 -69.77
C GLU E 593 -2.23 22.96 -71.19
N LEU F 30 18.46 5.80 -55.03
CA LEU F 30 19.25 6.19 -56.19
C LEU F 30 18.61 5.66 -57.49
N SER F 31 18.43 6.56 -58.48
CA SER F 31 17.84 6.22 -59.78
C SER F 31 18.76 6.64 -60.92
N GLU F 32 19.50 5.67 -61.49
CA GLU F 32 20.43 5.85 -62.60
C GLU F 32 20.12 4.84 -63.72
N LYS F 33 19.47 3.71 -63.37
CA LYS F 33 19.04 2.65 -64.27
C LYS F 33 17.51 2.57 -64.38
N GLY F 34 16.82 3.38 -63.55
CA GLY F 34 15.37 3.50 -63.51
C GLY F 34 14.84 4.75 -64.18
N ILE F 35 15.74 5.71 -64.51
CA ILE F 35 15.41 6.97 -65.19
C ILE F 35 15.60 6.89 -66.73
N PRO F 36 16.59 6.17 -67.33
CA PRO F 36 16.66 6.15 -68.80
C PRO F 36 15.70 5.14 -69.44
N LYS F 37 15.46 3.98 -68.78
CA LYS F 37 14.55 2.91 -69.21
C LYS F 37 13.11 3.40 -69.24
N LEU F 38 12.75 4.30 -68.30
CA LEU F 38 11.45 4.95 -68.18
C LEU F 38 11.22 5.88 -69.39
N ARG F 39 12.30 6.55 -69.84
CA ARG F 39 12.31 7.45 -71.00
C ARG F 39 12.42 6.66 -72.31
N LYS F 40 12.95 5.41 -72.24
CA LYS F 40 13.14 4.52 -73.40
C LYS F 40 11.83 3.83 -73.83
N MET F 41 10.99 3.41 -72.87
CA MET F 41 9.72 2.73 -73.15
C MET F 41 8.63 3.72 -73.60
N ALA F 42 8.66 4.97 -73.09
CA ALA F 42 7.71 6.05 -73.40
C ALA F 42 7.37 6.21 -74.90
N PRO F 43 8.33 6.33 -75.87
CA PRO F 43 7.93 6.45 -77.28
C PRO F 43 7.48 5.12 -77.91
N ARG F 44 7.89 3.98 -77.32
CA ARG F 44 7.58 2.63 -77.80
C ARG F 44 6.13 2.20 -77.48
N LEU F 45 5.57 2.66 -76.34
CA LEU F 45 4.22 2.30 -75.92
C LEU F 45 3.11 3.23 -76.46
N LYS F 46 3.47 4.20 -77.33
CA LYS F 46 2.52 5.16 -77.94
C LYS F 46 1.52 4.44 -78.87
N PHE F 47 0.24 4.36 -78.45
CA PHE F 47 -0.82 3.69 -79.23
C PHE F 47 -1.82 4.65 -79.87
N LYS F 48 -1.96 5.87 -79.32
CA LYS F 48 -2.88 6.94 -79.75
C LYS F 48 -4.36 6.51 -79.62
N GLY F 49 -4.81 6.39 -78.37
CA GLY F 49 -6.17 6.01 -78.05
C GLY F 49 -7.15 7.16 -78.22
N LYS F 50 -6.69 8.39 -77.85
CA LYS F 50 -7.42 9.67 -77.91
C LYS F 50 -8.80 9.63 -77.20
N GLY F 51 -8.97 8.63 -76.33
CA GLY F 51 -10.20 8.41 -75.57
C GLY F 51 -11.16 7.40 -76.18
N HIS F 52 -10.97 7.11 -77.49
CA HIS F 52 -11.81 6.16 -78.25
C HIS F 52 -11.67 4.71 -77.74
N GLU F 53 -10.51 4.36 -77.17
CA GLU F 53 -10.24 3.04 -76.63
C GLU F 53 -10.29 3.02 -75.10
N PHE F 54 -11.12 2.11 -74.54
CA PHE F 54 -11.28 1.92 -73.09
C PHE F 54 -10.20 0.97 -72.58
N SER F 55 -9.87 -0.08 -73.37
CA SER F 55 -8.86 -1.08 -73.05
C SER F 55 -7.42 -0.53 -73.11
N ASP F 56 -7.25 0.73 -73.57
CA ASP F 56 -5.96 1.44 -73.66
C ASP F 56 -5.46 1.74 -72.23
N THR F 57 -6.39 1.99 -71.30
CA THR F 57 -6.14 2.28 -69.88
C THR F 57 -6.00 0.98 -69.06
N ALA F 58 -6.77 -0.06 -69.41
CA ALA F 58 -6.75 -1.38 -68.77
C ALA F 58 -5.42 -2.11 -69.04
N ARG F 59 -4.79 -1.80 -70.18
CA ARG F 59 -3.51 -2.38 -70.62
C ARG F 59 -2.32 -1.41 -70.42
N LEU F 60 -2.57 -0.19 -69.92
CA LEU F 60 -1.54 0.81 -69.65
C LEU F 60 -0.71 0.41 -68.41
N LEU F 61 -1.32 -0.38 -67.50
CA LEU F 61 -0.73 -0.89 -66.26
C LEU F 61 0.55 -1.70 -66.49
N SER F 62 0.62 -2.46 -67.62
CA SER F 62 1.74 -3.32 -68.01
C SER F 62 3.09 -2.60 -68.17
N PHE F 63 3.08 -1.29 -68.46
CA PHE F 63 4.29 -0.48 -68.64
C PHE F 63 4.83 0.08 -67.31
N TYR F 64 4.18 -0.28 -66.19
CA TYR F 64 4.53 0.15 -64.83
C TYR F 64 4.61 -1.05 -63.88
N GLN F 65 3.75 -2.08 -64.09
CA GLN F 65 3.69 -3.32 -63.32
C GLN F 65 4.91 -4.21 -63.61
N GLU F 66 5.42 -4.17 -64.86
CA GLU F 66 6.59 -4.92 -65.30
C GLU F 66 7.85 -4.06 -65.16
N TRP F 67 7.66 -2.74 -64.92
CA TRP F 67 8.72 -1.76 -64.75
C TRP F 67 9.23 -1.66 -63.29
N LEU F 68 8.35 -1.95 -62.29
CA LEU F 68 8.70 -1.89 -60.86
C LEU F 68 9.86 -2.82 -60.46
N ASP F 69 9.95 -3.98 -61.13
CA ASP F 69 10.97 -5.01 -60.89
C ASP F 69 12.39 -4.56 -61.29
N ASP F 70 12.50 -3.50 -62.11
CA ASP F 70 13.78 -2.95 -62.59
C ASP F 70 14.57 -2.25 -61.47
N LEU F 71 13.94 -1.33 -60.73
CA LEU F 71 14.59 -0.60 -59.64
C LEU F 71 14.63 -1.40 -58.33
N PHE F 72 13.48 -1.99 -57.93
CA PHE F 72 13.37 -2.81 -56.71
C PHE F 72 12.27 -3.89 -56.82
N PRO F 73 12.64 -5.19 -56.96
CA PRO F 73 11.61 -6.24 -57.05
C PRO F 73 11.10 -6.70 -55.68
N LYS F 74 10.13 -7.65 -55.67
CA LYS F 74 9.49 -8.25 -54.48
C LYS F 74 8.78 -7.19 -53.60
N ALA F 75 8.14 -6.19 -54.25
CA ALA F 75 7.40 -5.10 -53.60
C ALA F 75 6.00 -4.93 -54.18
N THR F 76 5.01 -4.62 -53.32
CA THR F 76 3.60 -4.41 -53.67
C THR F 76 3.47 -3.18 -54.58
N PHE F 77 2.60 -3.28 -55.61
CA PHE F 77 2.34 -2.22 -56.59
C PHE F 77 1.94 -0.88 -55.97
N LEU F 78 0.94 -0.89 -55.06
CA LEU F 78 0.45 0.30 -54.35
C LEU F 78 1.50 0.88 -53.41
N ASP F 79 2.30 0.00 -52.76
CA ASP F 79 3.37 0.36 -51.83
C ASP F 79 4.56 0.98 -52.58
N ALA F 80 4.80 0.54 -53.83
CA ALA F 80 5.89 1.03 -54.68
C ALA F 80 5.64 2.46 -55.16
N LEU F 81 4.40 2.76 -55.61
CA LEU F 81 3.99 4.08 -56.12
C LEU F 81 4.14 5.19 -55.07
N ALA F 82 3.79 4.89 -53.81
CA ALA F 82 3.88 5.82 -52.68
C ALA F 82 5.34 6.17 -52.34
N MET F 83 6.27 5.22 -52.58
CA MET F 83 7.69 5.40 -52.32
C MET F 83 8.36 6.30 -53.36
N VAL F 84 7.79 6.34 -54.58
CA VAL F 84 8.28 7.18 -55.69
C VAL F 84 7.98 8.66 -55.42
N GLU F 85 6.75 8.95 -54.94
CA GLU F 85 6.26 10.29 -54.59
C GLU F 85 7.10 10.94 -53.48
N LYS F 86 7.38 10.19 -52.40
CA LYS F 86 8.18 10.66 -51.25
C LYS F 86 9.63 10.94 -51.64
N ALA F 87 10.14 10.21 -52.65
CA ALA F 87 11.49 10.41 -53.19
C ALA F 87 11.55 11.68 -54.05
N GLY F 88 10.41 12.03 -54.68
CA GLY F 88 10.26 13.21 -55.54
C GLY F 88 10.43 14.54 -54.84
N HIS F 89 10.10 14.61 -53.53
CA HIS F 89 10.20 15.84 -52.73
C HIS F 89 11.64 16.23 -52.38
N LYS F 90 12.62 15.31 -52.59
CA LYS F 90 14.05 15.55 -52.33
C LYS F 90 14.62 16.60 -53.29
N THR F 91 15.55 17.43 -52.77
CA THR F 91 16.22 18.52 -53.51
C THR F 91 17.03 18.02 -54.72
N THR F 92 17.70 16.86 -54.58
CA THR F 92 18.52 16.24 -55.63
C THR F 92 17.64 15.72 -56.77
N VAL F 93 16.46 15.14 -56.44
CA VAL F 93 15.49 14.60 -57.38
C VAL F 93 14.74 15.75 -58.09
N ARG F 94 14.45 16.85 -57.37
CA ARG F 94 13.78 18.04 -57.88
C ARG F 94 14.54 18.71 -59.04
N ASN F 95 15.89 18.75 -58.93
CA ASN F 95 16.78 19.31 -59.96
C ASN F 95 16.81 18.41 -61.21
N ALA F 96 16.70 17.09 -61.02
CA ALA F 96 16.66 16.09 -62.09
C ALA F 96 15.30 16.07 -62.81
N ARG F 97 14.20 16.39 -62.08
CA ARG F 97 12.84 16.43 -62.64
C ARG F 97 12.65 17.65 -63.56
N LEU F 98 13.31 18.78 -63.24
CA LEU F 98 13.28 20.03 -64.02
C LEU F 98 13.94 19.89 -65.40
N LYS F 99 14.72 18.82 -65.60
CA LYS F 99 15.40 18.51 -66.86
C LYS F 99 14.38 17.97 -67.89
N TRP F 100 13.43 17.13 -67.44
CA TRP F 100 12.38 16.52 -68.28
C TRP F 100 11.36 17.53 -68.80
#